data_1SU0
# 
_entry.id   1SU0 
# 
_audit_conform.dict_name       mmcif_pdbx.dic 
_audit_conform.dict_version    5.386 
_audit_conform.dict_location   http://mmcif.pdb.org/dictionaries/ascii/mmcif_pdbx.dic 
# 
loop_
_database_2.database_id 
_database_2.database_code 
_database_2.pdbx_database_accession 
_database_2.pdbx_DOI 
PDB   1SU0         pdb_00001su0 10.2210/pdb1su0/pdb 
RCSB  RCSB021988   ?            ?                   
WWPDB D_1000021988 ?            ?                   
# 
loop_
_pdbx_audit_revision_history.ordinal 
_pdbx_audit_revision_history.data_content_type 
_pdbx_audit_revision_history.major_revision 
_pdbx_audit_revision_history.minor_revision 
_pdbx_audit_revision_history.revision_date 
1 'Structure model' 1 0 2004-08-24 
2 'Structure model' 1 1 2008-04-29 
3 'Structure model' 1 2 2011-07-13 
4 'Structure model' 1 3 2024-02-14 
# 
_pdbx_audit_revision_details.ordinal             1 
_pdbx_audit_revision_details.revision_ordinal    1 
_pdbx_audit_revision_details.data_content_type   'Structure model' 
_pdbx_audit_revision_details.provider            repository 
_pdbx_audit_revision_details.type                'Initial release' 
_pdbx_audit_revision_details.description         ? 
_pdbx_audit_revision_details.details             ? 
# 
loop_
_pdbx_audit_revision_group.ordinal 
_pdbx_audit_revision_group.revision_ordinal 
_pdbx_audit_revision_group.data_content_type 
_pdbx_audit_revision_group.group 
1 2 'Structure model' 'Version format compliance' 
2 3 'Structure model' Advisory                    
3 3 'Structure model' 'Version format compliance' 
4 4 'Structure model' 'Data collection'           
5 4 'Structure model' 'Database references'       
6 4 'Structure model' 'Derived calculations'      
# 
loop_
_pdbx_audit_revision_category.ordinal 
_pdbx_audit_revision_category.revision_ordinal 
_pdbx_audit_revision_category.data_content_type 
_pdbx_audit_revision_category.category 
1 4 'Structure model' chem_comp_atom 
2 4 'Structure model' chem_comp_bond 
3 4 'Structure model' database_2     
4 4 'Structure model' struct_conn    
5 4 'Structure model' struct_site    
# 
loop_
_pdbx_audit_revision_item.ordinal 
_pdbx_audit_revision_item.revision_ordinal 
_pdbx_audit_revision_item.data_content_type 
_pdbx_audit_revision_item.item 
1  4 'Structure model' '_database_2.pdbx_DOI'                
2  4 'Structure model' '_database_2.pdbx_database_accession' 
3  4 'Structure model' '_struct_conn.ptnr1_auth_comp_id'     
4  4 'Structure model' '_struct_conn.ptnr1_auth_seq_id'      
5  4 'Structure model' '_struct_conn.ptnr1_label_asym_id'    
6  4 'Structure model' '_struct_conn.ptnr1_label_atom_id'    
7  4 'Structure model' '_struct_conn.ptnr1_label_comp_id'    
8  4 'Structure model' '_struct_conn.ptnr1_label_seq_id'     
9  4 'Structure model' '_struct_conn.ptnr2_auth_comp_id'     
10 4 'Structure model' '_struct_conn.ptnr2_auth_seq_id'      
11 4 'Structure model' '_struct_conn.ptnr2_label_asym_id'    
12 4 'Structure model' '_struct_conn.ptnr2_label_atom_id'    
13 4 'Structure model' '_struct_conn.ptnr2_label_comp_id'    
14 4 'Structure model' '_struct_conn.ptnr2_label_seq_id'     
15 4 'Structure model' '_struct_site.pdbx_auth_asym_id'      
16 4 'Structure model' '_struct_site.pdbx_auth_comp_id'      
17 4 'Structure model' '_struct_site.pdbx_auth_seq_id'       
# 
_pdbx_database_status.status_code                     REL 
_pdbx_database_status.entry_id                        1SU0 
_pdbx_database_status.recvd_initial_deposition_date   2004-03-25 
_pdbx_database_status.deposit_site                    RCSB 
_pdbx_database_status.process_site                    RCSB 
_pdbx_database_status.SG_entry                        Y 
_pdbx_database_status.status_code_sf                  REL 
_pdbx_database_status.status_code_mr                  ? 
_pdbx_database_status.pdb_format_compatible           Y 
_pdbx_database_status.status_code_cs                  ? 
_pdbx_database_status.status_code_nmr_data            ? 
_pdbx_database_status.methods_development_category    ? 
# 
loop_
_pdbx_database_related.db_name 
_pdbx_database_related.db_id 
_pdbx_database_related.details 
_pdbx_database_related.content_type 
PDB      1STZ         . unspecified 
TargetDB BSGCAIR30592 . unspecified 
# 
loop_
_audit_author.name 
_audit_author.pdbx_ordinal 
'Liu, J.'                                    1 
'Oganesyan, N.'                              2 
'Shin, D.-H.'                                3 
'Jancarik, J.'                               4 
'Pufan, R.'                                  5 
'Yokota, H.'                                 6 
'Kim, R.'                                    7 
'Kim, S.-H.'                                 8 
'Berkeley Structural Genomics Center (BSGC)' 9 
# 
_citation.id                        primary 
_citation.title                     
'Structural characterization of an iron-sulfur cluster assembly protein IscU in a zinc-bound form.' 
_citation.journal_abbrev            Proteins 
_citation.journal_volume            59 
_citation.page_first                875 
_citation.page_last                 881 
_citation.year                      2005 
_citation.journal_id_ASTM           PSFGEY 
_citation.country                   US 
_citation.journal_id_ISSN           0887-3585 
_citation.journal_id_CSD            0867 
_citation.book_publisher            ? 
_citation.pdbx_database_id_PubMed   15815978 
_citation.pdbx_database_id_DOI      10.1002/prot.20421 
# 
loop_
_citation_author.citation_id 
_citation_author.name 
_citation_author.ordinal 
_citation_author.identifier_ORCID 
primary 'Liu, J.'       1 ? 
primary 'Oganesyan, N.' 2 ? 
primary 'Shin, D.H.'    3 ? 
primary 'Jancarik, J.'  4 ? 
primary 'Yokota, H.'    5 ? 
primary 'Kim, R.'       6 ? 
primary 'Kim, S.H.'     7 ? 
# 
loop_
_entity.id 
_entity.type 
_entity.src_method 
_entity.pdbx_description 
_entity.formula_weight 
_entity.pdbx_number_of_molecules 
_entity.pdbx_ec 
_entity.pdbx_mutation 
_entity.pdbx_fragment 
_entity.details 
1 polymer     man 'NifU like protein IscU' 17164.439 1  ? ? ? ? 
2 non-polymer syn 'ZINC ION'               65.409    1  ? ? ? ? 
3 water       nat water                    18.015    22 ? ? ? ? 
# 
_entity_poly.entity_id                      1 
_entity_poly.type                           'polypeptide(L)' 
_entity_poly.nstd_linkage                   no 
_entity_poly.nstd_monomer                   no 
_entity_poly.pdbx_seq_one_letter_code       
;MALSKLNHLYMAVVADHSKRPHHHGQLDGVEAVQLNNPTCGDVISLTVKFDEDKIEDIAFAGNGCTISTASSSMMTDAVI
GKSKEEALALADIFSEMVQGQENPAQKELGEAELLAGVAKFPQRIKCSTLAWNALKEAIKRSANAQHLTDQNVKEGKNV
;
_entity_poly.pdbx_seq_one_letter_code_can   
;MALSKLNHLYMAVVADHSKRPHHHGQLDGVEAVQLNNPTCGDVISLTVKFDEDKIEDIAFAGNGCTISTASSSMMTDAVI
GKSKEEALALADIFSEMVQGQENPAQKELGEAELLAGVAKFPQRIKCSTLAWNALKEAIKRSANAQHLTDQNVKEGKNV
;
_entity_poly.pdbx_strand_id                 B 
_entity_poly.pdbx_target_identifier         BSGCAIR30592 
# 
loop_
_pdbx_entity_nonpoly.entity_id 
_pdbx_entity_nonpoly.name 
_pdbx_entity_nonpoly.comp_id 
2 'ZINC ION' ZN  
3 water      HOH 
# 
loop_
_entity_poly_seq.entity_id 
_entity_poly_seq.num 
_entity_poly_seq.mon_id 
_entity_poly_seq.hetero 
1 1   MET n 
1 2   ALA n 
1 3   LEU n 
1 4   SER n 
1 5   LYS n 
1 6   LEU n 
1 7   ASN n 
1 8   HIS n 
1 9   LEU n 
1 10  TYR n 
1 11  MET n 
1 12  ALA n 
1 13  VAL n 
1 14  VAL n 
1 15  ALA n 
1 16  ASP n 
1 17  HIS n 
1 18  SER n 
1 19  LYS n 
1 20  ARG n 
1 21  PRO n 
1 22  HIS n 
1 23  HIS n 
1 24  HIS n 
1 25  GLY n 
1 26  GLN n 
1 27  LEU n 
1 28  ASP n 
1 29  GLY n 
1 30  VAL n 
1 31  GLU n 
1 32  ALA n 
1 33  VAL n 
1 34  GLN n 
1 35  LEU n 
1 36  ASN n 
1 37  ASN n 
1 38  PRO n 
1 39  THR n 
1 40  CYS n 
1 41  GLY n 
1 42  ASP n 
1 43  VAL n 
1 44  ILE n 
1 45  SER n 
1 46  LEU n 
1 47  THR n 
1 48  VAL n 
1 49  LYS n 
1 50  PHE n 
1 51  ASP n 
1 52  GLU n 
1 53  ASP n 
1 54  LYS n 
1 55  ILE n 
1 56  GLU n 
1 57  ASP n 
1 58  ILE n 
1 59  ALA n 
1 60  PHE n 
1 61  ALA n 
1 62  GLY n 
1 63  ASN n 
1 64  GLY n 
1 65  CYS n 
1 66  THR n 
1 67  ILE n 
1 68  SER n 
1 69  THR n 
1 70  ALA n 
1 71  SER n 
1 72  SER n 
1 73  SER n 
1 74  MET n 
1 75  MET n 
1 76  THR n 
1 77  ASP n 
1 78  ALA n 
1 79  VAL n 
1 80  ILE n 
1 81  GLY n 
1 82  LYS n 
1 83  SER n 
1 84  LYS n 
1 85  GLU n 
1 86  GLU n 
1 87  ALA n 
1 88  LEU n 
1 89  ALA n 
1 90  LEU n 
1 91  ALA n 
1 92  ASP n 
1 93  ILE n 
1 94  PHE n 
1 95  SER n 
1 96  GLU n 
1 97  MET n 
1 98  VAL n 
1 99  GLN n 
1 100 GLY n 
1 101 GLN n 
1 102 GLU n 
1 103 ASN n 
1 104 PRO n 
1 105 ALA n 
1 106 GLN n 
1 107 LYS n 
1 108 GLU n 
1 109 LEU n 
1 110 GLY n 
1 111 GLU n 
1 112 ALA n 
1 113 GLU n 
1 114 LEU n 
1 115 LEU n 
1 116 ALA n 
1 117 GLY n 
1 118 VAL n 
1 119 ALA n 
1 120 LYS n 
1 121 PHE n 
1 122 PRO n 
1 123 GLN n 
1 124 ARG n 
1 125 ILE n 
1 126 LYS n 
1 127 CYS n 
1 128 SER n 
1 129 THR n 
1 130 LEU n 
1 131 ALA n 
1 132 TRP n 
1 133 ASN n 
1 134 ALA n 
1 135 LEU n 
1 136 LYS n 
1 137 GLU n 
1 138 ALA n 
1 139 ILE n 
1 140 LYS n 
1 141 ARG n 
1 142 SER n 
1 143 ALA n 
1 144 ASN n 
1 145 ALA n 
1 146 GLN n 
1 147 HIS n 
1 148 LEU n 
1 149 THR n 
1 150 ASP n 
1 151 GLN n 
1 152 ASN n 
1 153 VAL n 
1 154 LYS n 
1 155 GLU n 
1 156 GLY n 
1 157 LYS n 
1 158 ASN n 
1 159 VAL n 
# 
_entity_src_gen.entity_id                          1 
_entity_src_gen.pdbx_src_id                        1 
_entity_src_gen.pdbx_alt_source_flag               sample 
_entity_src_gen.pdbx_seq_type                      ? 
_entity_src_gen.pdbx_beg_seq_num                   ? 
_entity_src_gen.pdbx_end_seq_num                   ? 
_entity_src_gen.gene_src_common_name               ? 
_entity_src_gen.gene_src_genus                     Streptococcus 
_entity_src_gen.pdbx_gene_src_gene                 ? 
_entity_src_gen.gene_src_species                   ? 
_entity_src_gen.gene_src_strain                    ? 
_entity_src_gen.gene_src_tissue                    ? 
_entity_src_gen.gene_src_tissue_fraction           ? 
_entity_src_gen.gene_src_details                   ? 
_entity_src_gen.pdbx_gene_src_fragment             ? 
_entity_src_gen.pdbx_gene_src_scientific_name      'Streptococcus pyogenes' 
_entity_src_gen.pdbx_gene_src_ncbi_taxonomy_id     1314 
_entity_src_gen.pdbx_gene_src_variant              ? 
_entity_src_gen.pdbx_gene_src_cell_line            ? 
_entity_src_gen.pdbx_gene_src_atcc                 ? 
_entity_src_gen.pdbx_gene_src_organ                ? 
_entity_src_gen.pdbx_gene_src_organelle            ? 
_entity_src_gen.pdbx_gene_src_cell                 ? 
_entity_src_gen.pdbx_gene_src_cellular_location    ? 
_entity_src_gen.host_org_common_name               ? 
_entity_src_gen.pdbx_host_org_scientific_name      'Escherichia coli' 
_entity_src_gen.pdbx_host_org_ncbi_taxonomy_id     562 
_entity_src_gen.host_org_genus                     Escherichia 
_entity_src_gen.pdbx_host_org_gene                 ? 
_entity_src_gen.pdbx_host_org_organ                ? 
_entity_src_gen.host_org_species                   ? 
_entity_src_gen.pdbx_host_org_tissue               ? 
_entity_src_gen.pdbx_host_org_tissue_fraction      ? 
_entity_src_gen.pdbx_host_org_strain               ? 
_entity_src_gen.pdbx_host_org_variant              ? 
_entity_src_gen.pdbx_host_org_cell_line            ? 
_entity_src_gen.pdbx_host_org_atcc                 ? 
_entity_src_gen.pdbx_host_org_culture_collection   ? 
_entity_src_gen.pdbx_host_org_cell                 ? 
_entity_src_gen.pdbx_host_org_organelle            ? 
_entity_src_gen.pdbx_host_org_cellular_location    ? 
_entity_src_gen.pdbx_host_org_vector_type          ? 
_entity_src_gen.pdbx_host_org_vector               ? 
_entity_src_gen.host_org_details                   ? 
_entity_src_gen.expression_system_id               ? 
_entity_src_gen.plasmid_name                       ? 
_entity_src_gen.plasmid_details                    ? 
_entity_src_gen.pdbx_description                   ? 
# 
loop_
_chem_comp.id 
_chem_comp.type 
_chem_comp.mon_nstd_flag 
_chem_comp.name 
_chem_comp.pdbx_synonyms 
_chem_comp.formula 
_chem_comp.formula_weight 
ALA 'L-peptide linking' y ALANINE         ? 'C3 H7 N O2'     89.093  
ARG 'L-peptide linking' y ARGININE        ? 'C6 H15 N4 O2 1' 175.209 
ASN 'L-peptide linking' y ASPARAGINE      ? 'C4 H8 N2 O3'    132.118 
ASP 'L-peptide linking' y 'ASPARTIC ACID' ? 'C4 H7 N O4'     133.103 
CYS 'L-peptide linking' y CYSTEINE        ? 'C3 H7 N O2 S'   121.158 
GLN 'L-peptide linking' y GLUTAMINE       ? 'C5 H10 N2 O3'   146.144 
GLU 'L-peptide linking' y 'GLUTAMIC ACID' ? 'C5 H9 N O4'     147.129 
GLY 'peptide linking'   y GLYCINE         ? 'C2 H5 N O2'     75.067  
HIS 'L-peptide linking' y HISTIDINE       ? 'C6 H10 N3 O2 1' 156.162 
HOH non-polymer         . WATER           ? 'H2 O'           18.015  
ILE 'L-peptide linking' y ISOLEUCINE      ? 'C6 H13 N O2'    131.173 
LEU 'L-peptide linking' y LEUCINE         ? 'C6 H13 N O2'    131.173 
LYS 'L-peptide linking' y LYSINE          ? 'C6 H15 N2 O2 1' 147.195 
MET 'L-peptide linking' y METHIONINE      ? 'C5 H11 N O2 S'  149.211 
PHE 'L-peptide linking' y PHENYLALANINE   ? 'C9 H11 N O2'    165.189 
PRO 'L-peptide linking' y PROLINE         ? 'C5 H9 N O2'     115.130 
SER 'L-peptide linking' y SERINE          ? 'C3 H7 N O3'     105.093 
THR 'L-peptide linking' y THREONINE       ? 'C4 H9 N O3'     119.119 
TRP 'L-peptide linking' y TRYPTOPHAN      ? 'C11 H12 N2 O2'  204.225 
TYR 'L-peptide linking' y TYROSINE        ? 'C9 H11 N O3'    181.189 
VAL 'L-peptide linking' y VALINE          ? 'C5 H11 N O2'    117.146 
ZN  non-polymer         . 'ZINC ION'      ? 'Zn 2'           65.409  
# 
loop_
_pdbx_poly_seq_scheme.asym_id 
_pdbx_poly_seq_scheme.entity_id 
_pdbx_poly_seq_scheme.seq_id 
_pdbx_poly_seq_scheme.mon_id 
_pdbx_poly_seq_scheme.ndb_seq_num 
_pdbx_poly_seq_scheme.pdb_seq_num 
_pdbx_poly_seq_scheme.auth_seq_num 
_pdbx_poly_seq_scheme.pdb_mon_id 
_pdbx_poly_seq_scheme.auth_mon_id 
_pdbx_poly_seq_scheme.pdb_strand_id 
_pdbx_poly_seq_scheme.pdb_ins_code 
_pdbx_poly_seq_scheme.hetero 
A 1 1   MET 1   1   ?   ?   ?   B . n 
A 1 2   ALA 2   2   ?   ?   ?   B . n 
A 1 3   LEU 3   3   ?   ?   ?   B . n 
A 1 4   SER 4   4   ?   ?   ?   B . n 
A 1 5   LYS 5   5   ?   ?   ?   B . n 
A 1 6   LEU 6   6   6   LEU LEU B . n 
A 1 7   ASN 7   7   7   ASN ASN B . n 
A 1 8   HIS 8   8   8   HIS HIS B . n 
A 1 9   LEU 9   9   9   LEU LEU B . n 
A 1 10  TYR 10  10  10  TYR TYR B . n 
A 1 11  MET 11  11  11  MET MET B . n 
A 1 12  ALA 12  12  12  ALA ALA B . n 
A 1 13  VAL 13  13  13  VAL VAL B . n 
A 1 14  VAL 14  14  14  VAL VAL B . n 
A 1 15  ALA 15  15  15  ALA ALA B . n 
A 1 16  ASP 16  16  16  ASP ASP B . n 
A 1 17  HIS 17  17  17  HIS HIS B . n 
A 1 18  SER 18  18  18  SER SER B . n 
A 1 19  LYS 19  19  19  LYS LYS B . n 
A 1 20  ARG 20  20  20  ARG ARG B . n 
A 1 21  PRO 21  21  21  PRO PRO B . n 
A 1 22  HIS 22  22  22  HIS HIS B . n 
A 1 23  HIS 23  23  23  HIS HIS B . n 
A 1 24  HIS 24  24  24  HIS HIS B . n 
A 1 25  GLY 25  25  25  GLY GLY B . n 
A 1 26  GLN 26  26  26  GLN GLN B . n 
A 1 27  LEU 27  27  27  LEU LEU B . n 
A 1 28  ASP 28  28  28  ASP ASP B . n 
A 1 29  GLY 29  29  29  GLY GLY B . n 
A 1 30  VAL 30  30  30  VAL VAL B . n 
A 1 31  GLU 31  31  31  GLU GLU B . n 
A 1 32  ALA 32  32  32  ALA ALA B . n 
A 1 33  VAL 33  33  33  VAL VAL B . n 
A 1 34  GLN 34  34  34  GLN GLN B . n 
A 1 35  LEU 35  35  35  LEU LEU B . n 
A 1 36  ASN 36  36  36  ASN ASN B . n 
A 1 37  ASN 37  37  37  ASN ASN B . n 
A 1 38  PRO 38  38  38  PRO PRO B . n 
A 1 39  THR 39  39  39  THR THR B . n 
A 1 40  CYS 40  40  40  CYS CYS B . n 
A 1 41  GLY 41  41  41  GLY GLY B . n 
A 1 42  ASP 42  42  42  ASP ASP B . n 
A 1 43  VAL 43  43  43  VAL VAL B . n 
A 1 44  ILE 44  44  44  ILE ILE B . n 
A 1 45  SER 45  45  45  SER SER B . n 
A 1 46  LEU 46  46  46  LEU LEU B . n 
A 1 47  THR 47  47  47  THR THR B . n 
A 1 48  VAL 48  48  48  VAL VAL B . n 
A 1 49  LYS 49  49  49  LYS LYS B . n 
A 1 50  PHE 50  50  50  PHE PHE B . n 
A 1 51  ASP 51  51  51  ASP ASP B . n 
A 1 52  GLU 52  52  52  GLU GLU B . n 
A 1 53  ASP 53  53  53  ASP ASP B . n 
A 1 54  LYS 54  54  54  LYS LYS B . n 
A 1 55  ILE 55  55  55  ILE ILE B . n 
A 1 56  GLU 56  56  56  GLU GLU B . n 
A 1 57  ASP 57  57  57  ASP ASP B . n 
A 1 58  ILE 58  58  58  ILE ILE B . n 
A 1 59  ALA 59  59  59  ALA ALA B . n 
A 1 60  PHE 60  60  60  PHE PHE B . n 
A 1 61  ALA 61  61  61  ALA ALA B . n 
A 1 62  GLY 62  62  62  GLY GLY B . n 
A 1 63  ASN 63  63  63  ASN ASN B . n 
A 1 64  GLY 64  64  64  GLY GLY B . n 
A 1 65  CYS 65  65  65  CYS CYS B . n 
A 1 66  THR 66  66  66  THR THR B . n 
A 1 67  ILE 67  67  67  ILE ILE B . n 
A 1 68  SER 68  68  68  SER SER B . n 
A 1 69  THR 69  69  69  THR THR B . n 
A 1 70  ALA 70  70  70  ALA ALA B . n 
A 1 71  SER 71  71  71  SER SER B . n 
A 1 72  SER 72  72  72  SER SER B . n 
A 1 73  SER 73  73  73  SER SER B . n 
A 1 74  MET 74  74  74  MET MET B . n 
A 1 75  MET 75  75  75  MET MET B . n 
A 1 76  THR 76  76  76  THR THR B . n 
A 1 77  ASP 77  77  77  ASP ASP B . n 
A 1 78  ALA 78  78  78  ALA ALA B . n 
A 1 79  VAL 79  79  79  VAL VAL B . n 
A 1 80  ILE 80  80  80  ILE ILE B . n 
A 1 81  GLY 81  81  81  GLY GLY B . n 
A 1 82  LYS 82  82  82  LYS LYS B . n 
A 1 83  SER 83  83  83  SER SER B . n 
A 1 84  LYS 84  84  84  LYS LYS B . n 
A 1 85  GLU 85  85  85  GLU GLU B . n 
A 1 86  GLU 86  86  86  GLU GLU B . n 
A 1 87  ALA 87  87  87  ALA ALA B . n 
A 1 88  LEU 88  88  88  LEU LEU B . n 
A 1 89  ALA 89  89  89  ALA ALA B . n 
A 1 90  LEU 90  90  90  LEU LEU B . n 
A 1 91  ALA 91  91  91  ALA ALA B . n 
A 1 92  ASP 92  92  92  ASP ASP B . n 
A 1 93  ILE 93  93  93  ILE ILE B . n 
A 1 94  PHE 94  94  94  PHE PHE B . n 
A 1 95  SER 95  95  95  SER SER B . n 
A 1 96  GLU 96  96  96  GLU GLU B . n 
A 1 97  MET 97  97  97  MET MET B . n 
A 1 98  VAL 98  98  98  VAL VAL B . n 
A 1 99  GLN 99  99  99  GLN GLN B . n 
A 1 100 GLY 100 100 100 GLY GLY B . n 
A 1 101 GLN 101 101 101 GLN GLN B . n 
A 1 102 GLU 102 102 102 GLU GLU B . n 
A 1 103 ASN 103 103 103 ASN ASN B . n 
A 1 104 PRO 104 104 104 PRO PRO B . n 
A 1 105 ALA 105 105 105 ALA ALA B . n 
A 1 106 GLN 106 106 106 GLN GLN B . n 
A 1 107 LYS 107 107 107 LYS LYS B . n 
A 1 108 GLU 108 108 108 GLU GLU B . n 
A 1 109 LEU 109 109 109 LEU LEU B . n 
A 1 110 GLY 110 110 110 GLY GLY B . n 
A 1 111 GLU 111 111 111 GLU GLU B . n 
A 1 112 ALA 112 112 112 ALA ALA B . n 
A 1 113 GLU 113 113 113 GLU GLU B . n 
A 1 114 LEU 114 114 114 LEU LEU B . n 
A 1 115 LEU 115 115 115 LEU LEU B . n 
A 1 116 ALA 116 116 116 ALA ALA B . n 
A 1 117 GLY 117 117 117 GLY GLY B . n 
A 1 118 VAL 118 118 118 VAL VAL B . n 
A 1 119 ALA 119 119 119 ALA ALA B . n 
A 1 120 LYS 120 120 120 LYS LYS B . n 
A 1 121 PHE 121 121 121 PHE PHE B . n 
A 1 122 PRO 122 122 122 PRO PRO B . n 
A 1 123 GLN 123 123 123 GLN GLN B . n 
A 1 124 ARG 124 124 124 ARG ARG B . n 
A 1 125 ILE 125 125 125 ILE ILE B . n 
A 1 126 LYS 126 126 126 LYS LYS B . n 
A 1 127 CYS 127 127 127 CYS CYS B . n 
A 1 128 SER 128 128 128 SER SER B . n 
A 1 129 THR 129 129 129 THR THR B . n 
A 1 130 LEU 130 130 130 LEU LEU B . n 
A 1 131 ALA 131 131 131 ALA ALA B . n 
A 1 132 TRP 132 132 132 TRP TRP B . n 
A 1 133 ASN 133 133 133 ASN ASN B . n 
A 1 134 ALA 134 134 134 ALA ALA B . n 
A 1 135 LEU 135 135 135 LEU LEU B . n 
A 1 136 LYS 136 136 136 LYS LYS B . n 
A 1 137 GLU 137 137 137 GLU GLU B . n 
A 1 138 ALA 138 138 138 ALA ALA B . n 
A 1 139 ILE 139 139 139 ILE ILE B . n 
A 1 140 LYS 140 140 140 LYS LYS B . n 
A 1 141 ARG 141 141 141 ARG ARG B . n 
A 1 142 SER 142 142 ?   ?   ?   B . n 
A 1 143 ALA 143 143 ?   ?   ?   B . n 
A 1 144 ASN 144 144 ?   ?   ?   B . n 
A 1 145 ALA 145 145 ?   ?   ?   B . n 
A 1 146 GLN 146 146 ?   ?   ?   B . n 
A 1 147 HIS 147 147 ?   ?   ?   B . n 
A 1 148 LEU 148 148 ?   ?   ?   B . n 
A 1 149 THR 149 149 ?   ?   ?   B . n 
A 1 150 ASP 150 150 ?   ?   ?   B . n 
A 1 151 GLN 151 151 ?   ?   ?   B . n 
A 1 152 ASN 152 152 ?   ?   ?   B . n 
A 1 153 VAL 153 153 ?   ?   ?   B . n 
A 1 154 LYS 154 154 ?   ?   ?   B . n 
A 1 155 GLU 155 155 ?   ?   ?   B . n 
A 1 156 GLY 156 156 ?   ?   ?   B . n 
A 1 157 LYS 157 157 ?   ?   ?   B . n 
A 1 158 ASN 158 158 ?   ?   ?   B . n 
A 1 159 VAL 159 159 ?   ?   ?   B . n 
# 
loop_
_pdbx_nonpoly_scheme.asym_id 
_pdbx_nonpoly_scheme.entity_id 
_pdbx_nonpoly_scheme.mon_id 
_pdbx_nonpoly_scheme.ndb_seq_num 
_pdbx_nonpoly_scheme.pdb_seq_num 
_pdbx_nonpoly_scheme.auth_seq_num 
_pdbx_nonpoly_scheme.pdb_mon_id 
_pdbx_nonpoly_scheme.auth_mon_id 
_pdbx_nonpoly_scheme.pdb_strand_id 
_pdbx_nonpoly_scheme.pdb_ins_code 
B 2 ZN  1  160 1  ZN  ZN2 B . 
C 3 HOH 1  161 3  HOH HOH B . 
C 3 HOH 2  162 5  HOH HOH B . 
C 3 HOH 3  163 6  HOH HOH B . 
C 3 HOH 4  164 8  HOH HOH B . 
C 3 HOH 5  165 16 HOH HOH B . 
C 3 HOH 6  166 17 HOH HOH B . 
C 3 HOH 7  167 20 HOH HOH B . 
C 3 HOH 8  168 21 HOH HOH B . 
C 3 HOH 9  169 23 HOH HOH B . 
C 3 HOH 10 170 24 HOH HOH B . 
C 3 HOH 11 171 25 HOH HOH B . 
C 3 HOH 12 172 27 HOH HOH B . 
C 3 HOH 13 173 28 HOH HOH B . 
C 3 HOH 14 174 31 HOH HOH B . 
C 3 HOH 15 175 35 HOH HOH B . 
C 3 HOH 16 176 37 HOH HOH B . 
C 3 HOH 17 177 38 HOH HOH B . 
C 3 HOH 18 178 39 HOH HOH B . 
C 3 HOH 19 179 40 HOH HOH B . 
C 3 HOH 20 180 45 HOH HOH B . 
C 3 HOH 21 181 51 HOH HOH B . 
C 3 HOH 22 182 53 HOH HOH B . 
# 
loop_
_software.name 
_software.classification 
_software.version 
_software.citation_id 
_software.pdbx_ordinal 
REFMAC    refinement       5.1.24 ? 1 
HKL-2000  'data reduction' .      ? 2 
SCALEPACK 'data scaling'   .      ? 3 
SOLVE     phasing          .      ? 4 
# 
_cell.entry_id           1SU0 
_cell.length_a           72.014 
_cell.length_b           72.014 
_cell.length_c           112.713 
_cell.angle_alpha        90.00 
_cell.angle_beta         90.00 
_cell.angle_gamma        90.00 
_cell.Z_PDB              16 
_cell.pdbx_unique_axis   ? 
# 
_symmetry.entry_id                         1SU0 
_symmetry.space_group_name_H-M             'I 4 2 2' 
_symmetry.pdbx_full_space_group_name_H-M   ? 
_symmetry.cell_setting                     ? 
_symmetry.Int_Tables_number                97 
_symmetry.space_group_name_Hall            ? 
# 
_exptl.entry_id          1SU0 
_exptl.method            'X-RAY DIFFRACTION' 
_exptl.crystals_number   1 
# 
_exptl_crystal.id                    1 
_exptl_crystal.density_meas          ? 
_exptl_crystal.density_percent_sol   42.21 
_exptl_crystal.description           ? 
_exptl_crystal.density_Matthews      2.13 
_exptl_crystal.F_000                 ? 
_exptl_crystal.preparation           ? 
# 
_exptl_crystal_grow.crystal_id      1 
_exptl_crystal_grow.method          'VAPOR DIFFUSION, HANGING DROP' 
_exptl_crystal_grow.temp            298 
_exptl_crystal_grow.temp_details    ? 
_exptl_crystal_grow.pH              7 
_exptl_crystal_grow.pdbx_details    '1.9 M Sodium Malonate, pH 7, VAPOR DIFFUSION, HANGING DROP, temperature 298K' 
_exptl_crystal_grow.pdbx_pH_range   . 
# 
_diffrn.id                     1 
_diffrn.ambient_temp           100 
_diffrn.ambient_temp_details   ? 
_diffrn.crystal_id             1 
# 
_diffrn_detector.diffrn_id              1 
_diffrn_detector.detector               CCD 
_diffrn_detector.type                   'ADSC QUANTUM 4' 
_diffrn_detector.pdbx_collection_date   2003-06-29 
_diffrn_detector.details                ? 
# 
_diffrn_radiation.diffrn_id                        1 
_diffrn_radiation.wavelength_id                    1 
_diffrn_radiation.pdbx_monochromatic_or_laue_m_l   M 
_diffrn_radiation.monochromator                    'YALE MIRRORS' 
_diffrn_radiation.pdbx_diffrn_protocol             MAD 
_diffrn_radiation.pdbx_scattering_type             x-ray 
# 
loop_
_diffrn_radiation_wavelength.id 
_diffrn_radiation_wavelength.wavelength 
_diffrn_radiation_wavelength.wt 
1 0.9794 1.0 
2 0.9796 1.0 
3 0.9600 1.0 
# 
_diffrn_source.diffrn_id                   1 
_diffrn_source.source                      SYNCHROTRON 
_diffrn_source.type                        'ALS BEAMLINE 5.0.2' 
_diffrn_source.pdbx_synchrotron_site       ALS 
_diffrn_source.pdbx_synchrotron_beamline   5.0.2 
_diffrn_source.pdbx_wavelength             ? 
_diffrn_source.pdbx_wavelength_list        '0.9794, 0.9796, 0.9600' 
# 
_reflns.entry_id                     1SU0 
_reflns.observed_criterion_sigma_F   0.0 
_reflns.observed_criterion_sigma_I   0.0 
_reflns.d_resolution_high            2.3 
_reflns.d_resolution_low             60 
_reflns.number_all                   7056 
_reflns.number_obs                   6915 
_reflns.percent_possible_obs         98.0 
_reflns.pdbx_Rmerge_I_obs            ? 
_reflns.pdbx_Rsym_value              ? 
_reflns.pdbx_netI_over_sigmaI        ? 
_reflns.B_iso_Wilson_estimate        ? 
_reflns.pdbx_redundancy              ? 
_reflns.R_free_details               ? 
_reflns.limit_h_max                  ? 
_reflns.limit_h_min                  ? 
_reflns.limit_k_max                  ? 
_reflns.limit_k_min                  ? 
_reflns.limit_l_max                  ? 
_reflns.limit_l_min                  ? 
_reflns.observed_criterion_F_max     ? 
_reflns.observed_criterion_F_min     ? 
_reflns.pdbx_chi_squared             ? 
_reflns.pdbx_scaling_rejects         ? 
_reflns.pdbx_ordinal                 1 
_reflns.pdbx_diffrn_id               1 
# 
_reflns_shell.d_res_high             2.3 
_reflns_shell.d_res_low              2.359 
_reflns_shell.percent_possible_all   98.0 
_reflns_shell.Rmerge_I_obs           ? 
_reflns_shell.pdbx_Rsym_value        ? 
_reflns_shell.meanI_over_sigI_obs    ? 
_reflns_shell.pdbx_redundancy        ? 
_reflns_shell.percent_possible_obs   ? 
_reflns_shell.number_unique_all      ? 
_reflns_shell.number_measured_all    ? 
_reflns_shell.number_measured_obs    ? 
_reflns_shell.number_unique_obs      ? 
_reflns_shell.pdbx_chi_squared       ? 
_reflns_shell.pdbx_ordinal           1 
_reflns_shell.pdbx_diffrn_id         1 
# 
_refine.entry_id                                 1SU0 
_refine.ls_number_reflns_obs                     6457 
_refine.ls_number_reflns_all                     6570 
_refine.pdbx_ls_sigma_I                          ? 
_refine.pdbx_ls_sigma_F                          0 
_refine.pdbx_data_cutoff_high_absF               ? 
_refine.pdbx_data_cutoff_low_absF                ? 
_refine.pdbx_data_cutoff_high_rms_absF           ? 
_refine.ls_d_res_low                             20.00 
_refine.ls_d_res_high                            2.30 
_refine.ls_percent_reflns_obs                    98.27 
_refine.ls_R_factor_obs                          0.2215 
_refine.ls_R_factor_all                          ? 
_refine.ls_R_factor_R_work                       0.21981 
_refine.ls_R_factor_R_free                       0.25582 
_refine.ls_R_factor_R_free_error                 ? 
_refine.ls_R_factor_R_free_error_details         ? 
_refine.ls_percent_reflns_R_free                 4.7 
_refine.ls_number_reflns_R_free                  320 
_refine.ls_number_parameters                     ? 
_refine.ls_number_restraints                     ? 
_refine.occupancy_min                            ? 
_refine.occupancy_max                            ? 
_refine.correlation_coeff_Fo_to_Fc               0.949 
_refine.correlation_coeff_Fo_to_Fc_free          0.925 
_refine.B_iso_mean                               24.217 
_refine.aniso_B[1][1]                            0.46 
_refine.aniso_B[2][2]                            0.46 
_refine.aniso_B[3][3]                            -0.92 
_refine.aniso_B[1][2]                            0.00 
_refine.aniso_B[1][3]                            0.00 
_refine.aniso_B[2][3]                            0.00 
_refine.solvent_model_details                    'BABINET MODEL WITH MASK' 
_refine.solvent_model_param_ksol                 ? 
_refine.solvent_model_param_bsol                 ? 
_refine.pdbx_solvent_vdw_probe_radii             1.40 
_refine.pdbx_solvent_ion_probe_radii             0.80 
_refine.pdbx_solvent_shrinkage_radii             0.80 
_refine.pdbx_ls_cross_valid_method               THROUGHOUT 
_refine.details                                  'HYDROGENS HAVE BEEN ADDED IN THE RIDING POSITIONS' 
_refine.pdbx_starting_model                      ? 
_refine.pdbx_method_to_determine_struct          MAD 
_refine.pdbx_isotropic_thermal_model             ? 
_refine.pdbx_stereochemistry_target_values       'MAXIMUM LIKELIHOOD' 
_refine.pdbx_stereochem_target_val_spec_case     ? 
_refine.pdbx_R_Free_selection_details            RANDOM 
_refine.pdbx_overall_ESU_R                       0.358 
_refine.pdbx_overall_ESU_R_Free                  0.244 
_refine.overall_SU_ML                            0.242 
_refine.overall_SU_B                             10.845 
_refine.ls_redundancy_reflns_obs                 ? 
_refine.B_iso_min                                ? 
_refine.B_iso_max                                ? 
_refine.overall_SU_R_Cruickshank_DPI             ? 
_refine.overall_SU_R_free                        ? 
_refine.ls_wR_factor_R_free                      ? 
_refine.ls_wR_factor_R_work                      ? 
_refine.overall_FOM_free_R_set                   ? 
_refine.overall_FOM_work_R_set                   ? 
_refine.pdbx_refine_id                           'X-RAY DIFFRACTION' 
_refine.pdbx_TLS_residual_ADP_flag               'LIKELY RESIDUAL' 
_refine.pdbx_diffrn_id                           1 
_refine.pdbx_overall_phase_error                 ? 
_refine.pdbx_overall_SU_R_free_Cruickshank_DPI   ? 
_refine.pdbx_overall_SU_R_Blow_DPI               ? 
_refine.pdbx_overall_SU_R_free_Blow_DPI          ? 
# 
_refine_hist.pdbx_refine_id                   'X-RAY DIFFRACTION' 
_refine_hist.cycle_id                         LAST 
_refine_hist.pdbx_number_atoms_protein        1026 
_refine_hist.pdbx_number_atoms_nucleic_acid   0 
_refine_hist.pdbx_number_atoms_ligand         1 
_refine_hist.number_atoms_solvent             22 
_refine_hist.number_atoms_total               1049 
_refine_hist.d_res_high                       2.30 
_refine_hist.d_res_low                        20.00 
# 
loop_
_refine_ls_restr.type 
_refine_ls_restr.dev_ideal 
_refine_ls_restr.dev_ideal_target 
_refine_ls_restr.weight 
_refine_ls_restr.number 
_refine_ls_restr.pdbx_refine_id 
_refine_ls_restr.pdbx_restraint_function 
r_bond_refined_d       0.012 0.021 ? 1042 'X-RAY DIFFRACTION' ? 
r_bond_other_d         0.002 0.020 ? 941  'X-RAY DIFFRACTION' ? 
r_angle_refined_deg    1.362 1.953 ? 1406 'X-RAY DIFFRACTION' ? 
r_angle_other_deg      0.848 3.000 ? 2207 'X-RAY DIFFRACTION' ? 
r_dihedral_angle_1_deg 5.689 5.000 ? 135  'X-RAY DIFFRACTION' ? 
r_chiral_restr         0.083 0.200 ? 162  'X-RAY DIFFRACTION' ? 
r_gen_planes_refined   0.004 0.020 ? 1168 'X-RAY DIFFRACTION' ? 
r_gen_planes_other     0.004 0.020 ? 182  'X-RAY DIFFRACTION' ? 
r_nbd_refined          0.236 0.200 ? 291  'X-RAY DIFFRACTION' ? 
r_nbd_other            0.231 0.200 ? 1180 'X-RAY DIFFRACTION' ? 
r_nbtor_other          0.093 0.200 ? 623  'X-RAY DIFFRACTION' ? 
r_xyhbond_nbd_refined  0.290 0.200 ? 43   'X-RAY DIFFRACTION' ? 
r_symmetry_vdw_refined 0.149 0.200 ? 8    'X-RAY DIFFRACTION' ? 
r_symmetry_vdw_other   0.217 0.200 ? 44   'X-RAY DIFFRACTION' ? 
r_mcbond_it            0.552 1.500 ? 675  'X-RAY DIFFRACTION' ? 
r_mcangle_it           1.018 2.000 ? 1077 'X-RAY DIFFRACTION' ? 
r_scbond_it            1.563 3.000 ? 367  'X-RAY DIFFRACTION' ? 
r_scangle_it           2.360 4.500 ? 329  'X-RAY DIFFRACTION' ? 
# 
_refine_ls_shell.pdbx_total_number_of_bins_used   20 
_refine_ls_shell.d_res_high                       2.300 
_refine_ls_shell.d_res_low                        2.359 
_refine_ls_shell.number_reflns_R_work             399 
_refine_ls_shell.R_factor_R_work                  0.372 
_refine_ls_shell.percent_reflns_obs               ? 
_refine_ls_shell.R_factor_R_free                  0.385 
_refine_ls_shell.R_factor_R_free_error            ? 
_refine_ls_shell.percent_reflns_R_free            ? 
_refine_ls_shell.number_reflns_R_free             11 
_refine_ls_shell.number_reflns_obs                ? 
_refine_ls_shell.redundancy_reflns_obs            ? 
_refine_ls_shell.number_reflns_all                ? 
_refine_ls_shell.pdbx_refine_id                   'X-RAY DIFFRACTION' 
_refine_ls_shell.R_factor_all                     ? 
# 
_struct.entry_id                  1SU0 
_struct.title                     'Crystal structure of a hypothetical protein at 2.3 A resolution' 
_struct.pdbx_model_details        ? 
_struct.pdbx_CASP_flag            ? 
_struct.pdbx_model_type_details   ? 
# 
_struct_keywords.entry_id        1SU0 
_struct_keywords.pdbx_keywords   'STRUCTURAL GENOMICS, UNKNOWN FUNCTION' 
_struct_keywords.text            
;NifU, IscU, Structural Genomics, BSGC structure funded by NIH, Protein Structure Initiative, PSI, Berkeley Structural Genomics Center, UNKNOWN FUNCTION
;
# 
loop_
_struct_asym.id 
_struct_asym.pdbx_blank_PDB_chainid_flag 
_struct_asym.pdbx_modified 
_struct_asym.entity_id 
_struct_asym.details 
A N N 1 ? 
B N N 2 ? 
C N N 3 ? 
# 
_struct_ref.id                         1 
_struct_ref.db_name                    UNP 
_struct_ref.db_code                    Q9A1G2_STRPY 
_struct_ref.pdbx_db_accession          Q9A1G2 
_struct_ref.entity_id                  1 
_struct_ref.pdbx_seq_one_letter_code   
;MALSKLNHLYMAVVADHSKRPHHHGQLDGVEAVQLNNPTCGDVISLTVKFDEDKIEDIAFAGNGCTISTASSSMMTDAVI
GKSKEEALALADIFSEMVQGQENPAQKELGEAELLAGVAKFPQRIKCSTLAWNALKEAIKRSANAQHLTDQNVKEGKNV
;
_struct_ref.pdbx_align_begin           1 
_struct_ref.pdbx_db_isoform            ? 
# 
_struct_ref_seq.align_id                      1 
_struct_ref_seq.ref_id                        1 
_struct_ref_seq.pdbx_PDB_id_code              1SU0 
_struct_ref_seq.pdbx_strand_id                B 
_struct_ref_seq.seq_align_beg                 1 
_struct_ref_seq.pdbx_seq_align_beg_ins_code   ? 
_struct_ref_seq.seq_align_end                 159 
_struct_ref_seq.pdbx_seq_align_end_ins_code   ? 
_struct_ref_seq.pdbx_db_accession             Q9A1G2 
_struct_ref_seq.db_align_beg                  1 
_struct_ref_seq.pdbx_db_align_beg_ins_code    ? 
_struct_ref_seq.db_align_end                  159 
_struct_ref_seq.pdbx_db_align_end_ins_code    ? 
_struct_ref_seq.pdbx_auth_seq_align_beg       1 
_struct_ref_seq.pdbx_auth_seq_align_end       159 
# 
_pdbx_struct_assembly.id                   1 
_pdbx_struct_assembly.details              author_defined_assembly 
_pdbx_struct_assembly.method_details       ? 
_pdbx_struct_assembly.oligomeric_details   monomeric 
_pdbx_struct_assembly.oligomeric_count     1 
# 
_pdbx_struct_assembly_gen.assembly_id       1 
_pdbx_struct_assembly_gen.oper_expression   1 
_pdbx_struct_assembly_gen.asym_id_list      A,B,C 
# 
_pdbx_struct_oper_list.id                   1 
_pdbx_struct_oper_list.type                 'identity operation' 
_pdbx_struct_oper_list.name                 1_555 
_pdbx_struct_oper_list.symmetry_operation   x,y,z 
_pdbx_struct_oper_list.matrix[1][1]         1.0000000000 
_pdbx_struct_oper_list.matrix[1][2]         0.0000000000 
_pdbx_struct_oper_list.matrix[1][3]         0.0000000000 
_pdbx_struct_oper_list.vector[1]            0.0000000000 
_pdbx_struct_oper_list.matrix[2][1]         0.0000000000 
_pdbx_struct_oper_list.matrix[2][2]         1.0000000000 
_pdbx_struct_oper_list.matrix[2][3]         0.0000000000 
_pdbx_struct_oper_list.vector[2]            0.0000000000 
_pdbx_struct_oper_list.matrix[3][1]         0.0000000000 
_pdbx_struct_oper_list.matrix[3][2]         0.0000000000 
_pdbx_struct_oper_list.matrix[3][3]         1.0000000000 
_pdbx_struct_oper_list.vector[3]            0.0000000000 
# 
_struct_biol.id   1 
# 
loop_
_struct_conf.conf_type_id 
_struct_conf.id 
_struct_conf.pdbx_PDB_helix_id 
_struct_conf.beg_label_comp_id 
_struct_conf.beg_label_asym_id 
_struct_conf.beg_label_seq_id 
_struct_conf.pdbx_beg_PDB_ins_code 
_struct_conf.end_label_comp_id 
_struct_conf.end_label_asym_id 
_struct_conf.end_label_seq_id 
_struct_conf.pdbx_end_PDB_ins_code 
_struct_conf.beg_auth_comp_id 
_struct_conf.beg_auth_asym_id 
_struct_conf.beg_auth_seq_id 
_struct_conf.end_auth_comp_id 
_struct_conf.end_auth_asym_id 
_struct_conf.end_auth_seq_id 
_struct_conf.pdbx_PDB_helix_class 
_struct_conf.details 
_struct_conf.pdbx_PDB_helix_length 
HELX_P HELX_P1 1 ASN A 7   ? ARG A 20  ? ASN B 7   ARG B 20  1 ? 14 
HELX_P HELX_P2 2 CYS A 65  ? ILE A 80  ? CYS B 65  ILE B 80  1 ? 16 
HELX_P HELX_P3 3 SER A 83  ? VAL A 98  ? SER B 83  VAL B 98  1 ? 16 
HELX_P HELX_P4 4 ASN A 103 ? LYS A 120 ? ASN B 103 LYS B 120 5 ? 18 
HELX_P HELX_P5 5 PHE A 121 ? LYS A 140 ? PHE B 121 LYS B 140 1 ? 20 
# 
_struct_conf_type.id          HELX_P 
_struct_conf_type.criteria    ? 
_struct_conf_type.reference   ? 
# 
loop_
_struct_conn.id 
_struct_conn.conn_type_id 
_struct_conn.pdbx_leaving_atom_flag 
_struct_conn.pdbx_PDB_id 
_struct_conn.ptnr1_label_asym_id 
_struct_conn.ptnr1_label_comp_id 
_struct_conn.ptnr1_label_seq_id 
_struct_conn.ptnr1_label_atom_id 
_struct_conn.pdbx_ptnr1_label_alt_id 
_struct_conn.pdbx_ptnr1_PDB_ins_code 
_struct_conn.pdbx_ptnr1_standard_comp_id 
_struct_conn.ptnr1_symmetry 
_struct_conn.ptnr2_label_asym_id 
_struct_conn.ptnr2_label_comp_id 
_struct_conn.ptnr2_label_seq_id 
_struct_conn.ptnr2_label_atom_id 
_struct_conn.pdbx_ptnr2_label_alt_id 
_struct_conn.pdbx_ptnr2_PDB_ins_code 
_struct_conn.ptnr1_auth_asym_id 
_struct_conn.ptnr1_auth_comp_id 
_struct_conn.ptnr1_auth_seq_id 
_struct_conn.ptnr2_auth_asym_id 
_struct_conn.ptnr2_auth_comp_id 
_struct_conn.ptnr2_auth_seq_id 
_struct_conn.ptnr2_symmetry 
_struct_conn.pdbx_ptnr3_label_atom_id 
_struct_conn.pdbx_ptnr3_label_seq_id 
_struct_conn.pdbx_ptnr3_label_comp_id 
_struct_conn.pdbx_ptnr3_label_asym_id 
_struct_conn.pdbx_ptnr3_label_alt_id 
_struct_conn.pdbx_ptnr3_PDB_ins_code 
_struct_conn.details 
_struct_conn.pdbx_dist_value 
_struct_conn.pdbx_value_order 
_struct_conn.pdbx_role 
metalc1 metalc ? ? A CYS 40  SG  ? ? ? 1_555 B ZN . ZN ? ? B CYS 40  B ZN 160 1_555 ? ? ? ? ? ? ? 2.759 ? ? 
metalc2 metalc ? ? A ASP 42  OD1 ? ? ? 1_555 B ZN . ZN ? ? B ASP 42  B ZN 160 1_555 ? ? ? ? ? ? ? 2.407 ? ? 
metalc3 metalc ? ? A CYS 65  SG  ? ? ? 1_555 B ZN . ZN ? ? B CYS 65  B ZN 160 1_555 ? ? ? ? ? ? ? 2.556 ? ? 
metalc4 metalc ? ? A CYS 127 SG  ? ? ? 1_555 B ZN . ZN ? ? B CYS 127 B ZN 160 1_555 ? ? ? ? ? ? ? 2.243 ? ? 
# 
_struct_conn_type.id          metalc 
_struct_conn_type.criteria    ? 
_struct_conn_type.reference   ? 
# 
loop_
_pdbx_struct_conn_angle.id 
_pdbx_struct_conn_angle.ptnr1_label_atom_id 
_pdbx_struct_conn_angle.ptnr1_label_alt_id 
_pdbx_struct_conn_angle.ptnr1_label_asym_id 
_pdbx_struct_conn_angle.ptnr1_label_comp_id 
_pdbx_struct_conn_angle.ptnr1_label_seq_id 
_pdbx_struct_conn_angle.ptnr1_auth_atom_id 
_pdbx_struct_conn_angle.ptnr1_auth_asym_id 
_pdbx_struct_conn_angle.ptnr1_auth_comp_id 
_pdbx_struct_conn_angle.ptnr1_auth_seq_id 
_pdbx_struct_conn_angle.ptnr1_PDB_ins_code 
_pdbx_struct_conn_angle.ptnr1_symmetry 
_pdbx_struct_conn_angle.ptnr2_label_atom_id 
_pdbx_struct_conn_angle.ptnr2_label_alt_id 
_pdbx_struct_conn_angle.ptnr2_label_asym_id 
_pdbx_struct_conn_angle.ptnr2_label_comp_id 
_pdbx_struct_conn_angle.ptnr2_label_seq_id 
_pdbx_struct_conn_angle.ptnr2_auth_atom_id 
_pdbx_struct_conn_angle.ptnr2_auth_asym_id 
_pdbx_struct_conn_angle.ptnr2_auth_comp_id 
_pdbx_struct_conn_angle.ptnr2_auth_seq_id 
_pdbx_struct_conn_angle.ptnr2_PDB_ins_code 
_pdbx_struct_conn_angle.ptnr2_symmetry 
_pdbx_struct_conn_angle.ptnr3_label_atom_id 
_pdbx_struct_conn_angle.ptnr3_label_alt_id 
_pdbx_struct_conn_angle.ptnr3_label_asym_id 
_pdbx_struct_conn_angle.ptnr3_label_comp_id 
_pdbx_struct_conn_angle.ptnr3_label_seq_id 
_pdbx_struct_conn_angle.ptnr3_auth_atom_id 
_pdbx_struct_conn_angle.ptnr3_auth_asym_id 
_pdbx_struct_conn_angle.ptnr3_auth_comp_id 
_pdbx_struct_conn_angle.ptnr3_auth_seq_id 
_pdbx_struct_conn_angle.ptnr3_PDB_ins_code 
_pdbx_struct_conn_angle.ptnr3_symmetry 
_pdbx_struct_conn_angle.value 
_pdbx_struct_conn_angle.value_esd 
1 SG  ? A CYS 40 ? B CYS 40 ? 1_555 ZN ? B ZN . ? B ZN 160 ? 1_555 OD1 ? A ASP 42  ? B ASP 42  ? 1_555 110.7 ? 
2 SG  ? A CYS 40 ? B CYS 40 ? 1_555 ZN ? B ZN . ? B ZN 160 ? 1_555 SG  ? A CYS 65  ? B CYS 65  ? 1_555 108.8 ? 
3 OD1 ? A ASP 42 ? B ASP 42 ? 1_555 ZN ? B ZN . ? B ZN 160 ? 1_555 SG  ? A CYS 65  ? B CYS 65  ? 1_555 118.6 ? 
4 SG  ? A CYS 40 ? B CYS 40 ? 1_555 ZN ? B ZN . ? B ZN 160 ? 1_555 SG  ? A CYS 127 ? B CYS 127 ? 1_555 112.2 ? 
5 OD1 ? A ASP 42 ? B ASP 42 ? 1_555 ZN ? B ZN . ? B ZN 160 ? 1_555 SG  ? A CYS 127 ? B CYS 127 ? 1_555 104.1 ? 
6 SG  ? A CYS 65 ? B CYS 65 ? 1_555 ZN ? B ZN . ? B ZN 160 ? 1_555 SG  ? A CYS 127 ? B CYS 127 ? 1_555 102.1 ? 
# 
_struct_sheet.id               A 
_struct_sheet.type             ? 
_struct_sheet.number_strands   3 
_struct_sheet.details          ? 
# 
loop_
_struct_sheet_order.sheet_id 
_struct_sheet_order.range_id_1 
_struct_sheet_order.range_id_2 
_struct_sheet_order.offset 
_struct_sheet_order.sense 
A 1 2 ? anti-parallel 
A 2 3 ? anti-parallel 
# 
loop_
_struct_sheet_range.sheet_id 
_struct_sheet_range.id 
_struct_sheet_range.beg_label_comp_id 
_struct_sheet_range.beg_label_asym_id 
_struct_sheet_range.beg_label_seq_id 
_struct_sheet_range.pdbx_beg_PDB_ins_code 
_struct_sheet_range.end_label_comp_id 
_struct_sheet_range.end_label_asym_id 
_struct_sheet_range.end_label_seq_id 
_struct_sheet_range.pdbx_end_PDB_ins_code 
_struct_sheet_range.beg_auth_comp_id 
_struct_sheet_range.beg_auth_asym_id 
_struct_sheet_range.beg_auth_seq_id 
_struct_sheet_range.end_auth_comp_id 
_struct_sheet_range.end_auth_asym_id 
_struct_sheet_range.end_auth_seq_id 
A 1 VAL A 33 ? ASN A 36 ? VAL B 33 ASN B 36 
A 2 VAL A 43 ? PHE A 50 ? VAL B 43 PHE B 50 
A 3 ILE A 55 ? ASN A 63 ? ILE B 55 ASN B 63 
# 
loop_
_pdbx_struct_sheet_hbond.sheet_id 
_pdbx_struct_sheet_hbond.range_id_1 
_pdbx_struct_sheet_hbond.range_id_2 
_pdbx_struct_sheet_hbond.range_1_label_atom_id 
_pdbx_struct_sheet_hbond.range_1_label_comp_id 
_pdbx_struct_sheet_hbond.range_1_label_asym_id 
_pdbx_struct_sheet_hbond.range_1_label_seq_id 
_pdbx_struct_sheet_hbond.range_1_PDB_ins_code 
_pdbx_struct_sheet_hbond.range_1_auth_atom_id 
_pdbx_struct_sheet_hbond.range_1_auth_comp_id 
_pdbx_struct_sheet_hbond.range_1_auth_asym_id 
_pdbx_struct_sheet_hbond.range_1_auth_seq_id 
_pdbx_struct_sheet_hbond.range_2_label_atom_id 
_pdbx_struct_sheet_hbond.range_2_label_comp_id 
_pdbx_struct_sheet_hbond.range_2_label_asym_id 
_pdbx_struct_sheet_hbond.range_2_label_seq_id 
_pdbx_struct_sheet_hbond.range_2_PDB_ins_code 
_pdbx_struct_sheet_hbond.range_2_auth_atom_id 
_pdbx_struct_sheet_hbond.range_2_auth_comp_id 
_pdbx_struct_sheet_hbond.range_2_auth_asym_id 
_pdbx_struct_sheet_hbond.range_2_auth_seq_id 
A 1 2 N VAL A 33 ? N VAL B 33 O LEU A 46 ? O LEU B 46 
A 2 3 N LYS A 49 ? N LYS B 49 O ASP A 57 ? O ASP B 57 
# 
_struct_site.id                   AC1 
_struct_site.pdbx_evidence_code   Software 
_struct_site.pdbx_auth_asym_id    B 
_struct_site.pdbx_auth_comp_id    ZN 
_struct_site.pdbx_auth_seq_id     160 
_struct_site.pdbx_auth_ins_code   ? 
_struct_site.pdbx_num_residues    4 
_struct_site.details              'BINDING SITE FOR RESIDUE ZN B 160' 
# 
loop_
_struct_site_gen.id 
_struct_site_gen.site_id 
_struct_site_gen.pdbx_num_res 
_struct_site_gen.label_comp_id 
_struct_site_gen.label_asym_id 
_struct_site_gen.label_seq_id 
_struct_site_gen.pdbx_auth_ins_code 
_struct_site_gen.auth_comp_id 
_struct_site_gen.auth_asym_id 
_struct_site_gen.auth_seq_id 
_struct_site_gen.label_atom_id 
_struct_site_gen.label_alt_id 
_struct_site_gen.symmetry 
_struct_site_gen.details 
1 AC1 4 CYS A 40  ? CYS B 40  . ? 1_555 ? 
2 AC1 4 ASP A 42  ? ASP B 42  . ? 1_555 ? 
3 AC1 4 CYS A 65  ? CYS B 65  . ? 1_555 ? 
4 AC1 4 CYS A 127 ? CYS B 127 . ? 1_555 ? 
# 
loop_
_pdbx_validate_rmsd_bond.id 
_pdbx_validate_rmsd_bond.PDB_model_num 
_pdbx_validate_rmsd_bond.auth_atom_id_1 
_pdbx_validate_rmsd_bond.auth_asym_id_1 
_pdbx_validate_rmsd_bond.auth_comp_id_1 
_pdbx_validate_rmsd_bond.auth_seq_id_1 
_pdbx_validate_rmsd_bond.PDB_ins_code_1 
_pdbx_validate_rmsd_bond.label_alt_id_1 
_pdbx_validate_rmsd_bond.auth_atom_id_2 
_pdbx_validate_rmsd_bond.auth_asym_id_2 
_pdbx_validate_rmsd_bond.auth_comp_id_2 
_pdbx_validate_rmsd_bond.auth_seq_id_2 
_pdbx_validate_rmsd_bond.PDB_ins_code_2 
_pdbx_validate_rmsd_bond.label_alt_id_2 
_pdbx_validate_rmsd_bond.bond_value 
_pdbx_validate_rmsd_bond.bond_target_value 
_pdbx_validate_rmsd_bond.bond_deviation 
_pdbx_validate_rmsd_bond.bond_standard_deviation 
_pdbx_validate_rmsd_bond.linker_flag 
1 1 CG B MET 11 ? ? SD B MET 11 ? ? 2.012 1.807 0.205 0.026 N 
2 1 CG B MET 74 ? ? SD B MET 74 ? ? 1.988 1.807 0.181 0.026 N 
3 1 CG B MET 75 ? ? SD B MET 75 ? ? 1.965 1.807 0.158 0.026 N 
# 
loop_
_pdbx_validate_rmsd_angle.id 
_pdbx_validate_rmsd_angle.PDB_model_num 
_pdbx_validate_rmsd_angle.auth_atom_id_1 
_pdbx_validate_rmsd_angle.auth_asym_id_1 
_pdbx_validate_rmsd_angle.auth_comp_id_1 
_pdbx_validate_rmsd_angle.auth_seq_id_1 
_pdbx_validate_rmsd_angle.PDB_ins_code_1 
_pdbx_validate_rmsd_angle.label_alt_id_1 
_pdbx_validate_rmsd_angle.auth_atom_id_2 
_pdbx_validate_rmsd_angle.auth_asym_id_2 
_pdbx_validate_rmsd_angle.auth_comp_id_2 
_pdbx_validate_rmsd_angle.auth_seq_id_2 
_pdbx_validate_rmsd_angle.PDB_ins_code_2 
_pdbx_validate_rmsd_angle.label_alt_id_2 
_pdbx_validate_rmsd_angle.auth_atom_id_3 
_pdbx_validate_rmsd_angle.auth_asym_id_3 
_pdbx_validate_rmsd_angle.auth_comp_id_3 
_pdbx_validate_rmsd_angle.auth_seq_id_3 
_pdbx_validate_rmsd_angle.PDB_ins_code_3 
_pdbx_validate_rmsd_angle.label_alt_id_3 
_pdbx_validate_rmsd_angle.angle_value 
_pdbx_validate_rmsd_angle.angle_target_value 
_pdbx_validate_rmsd_angle.angle_deviation 
_pdbx_validate_rmsd_angle.angle_standard_deviation 
_pdbx_validate_rmsd_angle.linker_flag 
1 1 CB B ASP 57 ? ? CG B ASP 57 ? ? OD2 B ASP 57 ? ? 123.79 118.30 5.49 0.90 N 
2 1 CB B ASP 92 ? ? CG B ASP 92 ? ? OD2 B ASP 92 ? ? 125.94 118.30 7.64 0.90 N 
# 
loop_
_pdbx_validate_torsion.id 
_pdbx_validate_torsion.PDB_model_num 
_pdbx_validate_torsion.auth_comp_id 
_pdbx_validate_torsion.auth_asym_id 
_pdbx_validate_torsion.auth_seq_id 
_pdbx_validate_torsion.PDB_ins_code 
_pdbx_validate_torsion.label_alt_id 
_pdbx_validate_torsion.phi 
_pdbx_validate_torsion.psi 
1 1 ASN B 37  ? ? -10.35  146.37  
2 1 THR B 39  ? ? 151.88  -21.04  
3 1 GLU B 52  ? ? -109.24 -144.83 
4 1 ASN B 63  ? ? -160.88 119.14  
5 1 LYS B 82  ? ? -108.25 -85.65  
6 1 SER B 83  ? ? 160.13  137.83  
7 1 LYS B 140 ? ? -68.88  6.38    
# 
_pdbx_SG_project.id                    1 
_pdbx_SG_project.project_name          'PSI, Protein Structure Initiative' 
_pdbx_SG_project.full_name_of_center   'Berkeley Structural Genomics Center' 
_pdbx_SG_project.initial_of_center     BSGC 
# 
loop_
_pdbx_refine_tls.id 
_pdbx_refine_tls.details 
_pdbx_refine_tls.method 
_pdbx_refine_tls.origin_x 
_pdbx_refine_tls.origin_y 
_pdbx_refine_tls.origin_z 
_pdbx_refine_tls.T[1][1] 
_pdbx_refine_tls.T[2][2] 
_pdbx_refine_tls.T[3][3] 
_pdbx_refine_tls.T[1][2] 
_pdbx_refine_tls.T[1][3] 
_pdbx_refine_tls.T[2][3] 
_pdbx_refine_tls.L[1][1] 
_pdbx_refine_tls.L[2][2] 
_pdbx_refine_tls.L[3][3] 
_pdbx_refine_tls.L[1][2] 
_pdbx_refine_tls.L[1][3] 
_pdbx_refine_tls.L[2][3] 
_pdbx_refine_tls.S[1][1] 
_pdbx_refine_tls.S[1][2] 
_pdbx_refine_tls.S[1][3] 
_pdbx_refine_tls.S[2][1] 
_pdbx_refine_tls.S[2][2] 
_pdbx_refine_tls.S[2][3] 
_pdbx_refine_tls.S[3][1] 
_pdbx_refine_tls.S[3][2] 
_pdbx_refine_tls.S[3][3] 
_pdbx_refine_tls.pdbx_refine_id 
1 ? refined 13.8563 -3.0124 5.7779  0.0794 0.0649 0.6825 0.0694  0.0021  0.0317 22.2533 17.2939 25.6182 -1.0661 9.9886  -7.1093 -0.1010 0.2700 1.0762 0.6648  -0.2536 -1.4924 0.1909 1.0974  0.3546  'X-RAY DIFFRACTION' 
2 ? refined -0.8458 -0.1477 -9.2478 0.4378 0.8436 0.3795 -0.3333 0.0445  0.3080 11.7233 13.6999 11.3865 1.8618  -0.7454 -3.0412 -0.6812 1.8171 0.0656 -1.2239 0.7161  0.5874  1.0243 -1.2833 -0.0349 'X-RAY DIFFRACTION' 
3 ? refined -2.7405 0.1396  4.1358  0.0672 0.2523 0.3847 -0.0723 -0.0152 0.2090 14.3475 8.3082  8.3207  7.3531  -4.5686 -3.4919 -0.1691 0.7390 1.2159 -0.1016 0.3529  0.7025  0.1918 -0.5061 -0.1838 'X-RAY DIFFRACTION' 
# 
loop_
_pdbx_refine_tls_group.id 
_pdbx_refine_tls_group.refine_tls_id 
_pdbx_refine_tls_group.beg_label_asym_id 
_pdbx_refine_tls_group.beg_label_seq_id 
_pdbx_refine_tls_group.beg_auth_seq_id 
_pdbx_refine_tls_group.end_label_asym_id 
_pdbx_refine_tls_group.end_label_seq_id 
_pdbx_refine_tls_group.end_auth_seq_id 
_pdbx_refine_tls_group.selection 
_pdbx_refine_tls_group.beg_auth_asym_id 
_pdbx_refine_tls_group.end_auth_asym_id 
_pdbx_refine_tls_group.pdbx_refine_id 
_pdbx_refine_tls_group.selection_details 
1 1 A 7  7  A 20  20  ? B B 'X-RAY DIFFRACTION' ? 
2 2 A 21 21 A 64  64  ? B B 'X-RAY DIFFRACTION' ? 
3 3 A 65 65 A 141 141 ? B B 'X-RAY DIFFRACTION' ? 
# 
_pdbx_database_remark.id     300 
_pdbx_database_remark.text   
;BIOMOLECULE:
THIS ENTRY CONTAINS THE CRYSTALLOGRAPHIC ASYMMETRIC UNIT
WHICH CONSISTS OF 1 CHAIN(S).  THE BIOLOGICAL UNIT IS
UNKNOWN.
;
# 
loop_
_pdbx_unobs_or_zero_occ_residues.id 
_pdbx_unobs_or_zero_occ_residues.PDB_model_num 
_pdbx_unobs_or_zero_occ_residues.polymer_flag 
_pdbx_unobs_or_zero_occ_residues.occupancy_flag 
_pdbx_unobs_or_zero_occ_residues.auth_asym_id 
_pdbx_unobs_or_zero_occ_residues.auth_comp_id 
_pdbx_unobs_or_zero_occ_residues.auth_seq_id 
_pdbx_unobs_or_zero_occ_residues.PDB_ins_code 
_pdbx_unobs_or_zero_occ_residues.label_asym_id 
_pdbx_unobs_or_zero_occ_residues.label_comp_id 
_pdbx_unobs_or_zero_occ_residues.label_seq_id 
1  1 Y 1 B MET 1   ? A MET 1   
2  1 Y 1 B ALA 2   ? A ALA 2   
3  1 Y 1 B LEU 3   ? A LEU 3   
4  1 Y 1 B SER 4   ? A SER 4   
5  1 Y 1 B LYS 5   ? A LYS 5   
6  1 Y 1 B SER 142 ? A SER 142 
7  1 Y 1 B ALA 143 ? A ALA 143 
8  1 Y 1 B ASN 144 ? A ASN 144 
9  1 Y 1 B ALA 145 ? A ALA 145 
10 1 Y 1 B GLN 146 ? A GLN 146 
11 1 Y 1 B HIS 147 ? A HIS 147 
12 1 Y 1 B LEU 148 ? A LEU 148 
13 1 Y 1 B THR 149 ? A THR 149 
14 1 Y 1 B ASP 150 ? A ASP 150 
15 1 Y 1 B GLN 151 ? A GLN 151 
16 1 Y 1 B ASN 152 ? A ASN 152 
17 1 Y 1 B VAL 153 ? A VAL 153 
18 1 Y 1 B LYS 154 ? A LYS 154 
19 1 Y 1 B GLU 155 ? A GLU 155 
20 1 Y 1 B GLY 156 ? A GLY 156 
21 1 Y 1 B LYS 157 ? A LYS 157 
22 1 Y 1 B ASN 158 ? A ASN 158 
23 1 Y 1 B VAL 159 ? A VAL 159 
# 
loop_
_chem_comp_atom.comp_id 
_chem_comp_atom.atom_id 
_chem_comp_atom.type_symbol 
_chem_comp_atom.pdbx_aromatic_flag 
_chem_comp_atom.pdbx_stereo_config 
_chem_comp_atom.pdbx_ordinal 
ALA N    N  N N 1   
ALA CA   C  N S 2   
ALA C    C  N N 3   
ALA O    O  N N 4   
ALA CB   C  N N 5   
ALA OXT  O  N N 6   
ALA H    H  N N 7   
ALA H2   H  N N 8   
ALA HA   H  N N 9   
ALA HB1  H  N N 10  
ALA HB2  H  N N 11  
ALA HB3  H  N N 12  
ALA HXT  H  N N 13  
ARG N    N  N N 14  
ARG CA   C  N S 15  
ARG C    C  N N 16  
ARG O    O  N N 17  
ARG CB   C  N N 18  
ARG CG   C  N N 19  
ARG CD   C  N N 20  
ARG NE   N  N N 21  
ARG CZ   C  N N 22  
ARG NH1  N  N N 23  
ARG NH2  N  N N 24  
ARG OXT  O  N N 25  
ARG H    H  N N 26  
ARG H2   H  N N 27  
ARG HA   H  N N 28  
ARG HB2  H  N N 29  
ARG HB3  H  N N 30  
ARG HG2  H  N N 31  
ARG HG3  H  N N 32  
ARG HD2  H  N N 33  
ARG HD3  H  N N 34  
ARG HE   H  N N 35  
ARG HH11 H  N N 36  
ARG HH12 H  N N 37  
ARG HH21 H  N N 38  
ARG HH22 H  N N 39  
ARG HXT  H  N N 40  
ASN N    N  N N 41  
ASN CA   C  N S 42  
ASN C    C  N N 43  
ASN O    O  N N 44  
ASN CB   C  N N 45  
ASN CG   C  N N 46  
ASN OD1  O  N N 47  
ASN ND2  N  N N 48  
ASN OXT  O  N N 49  
ASN H    H  N N 50  
ASN H2   H  N N 51  
ASN HA   H  N N 52  
ASN HB2  H  N N 53  
ASN HB3  H  N N 54  
ASN HD21 H  N N 55  
ASN HD22 H  N N 56  
ASN HXT  H  N N 57  
ASP N    N  N N 58  
ASP CA   C  N S 59  
ASP C    C  N N 60  
ASP O    O  N N 61  
ASP CB   C  N N 62  
ASP CG   C  N N 63  
ASP OD1  O  N N 64  
ASP OD2  O  N N 65  
ASP OXT  O  N N 66  
ASP H    H  N N 67  
ASP H2   H  N N 68  
ASP HA   H  N N 69  
ASP HB2  H  N N 70  
ASP HB3  H  N N 71  
ASP HD2  H  N N 72  
ASP HXT  H  N N 73  
CYS N    N  N N 74  
CYS CA   C  N R 75  
CYS C    C  N N 76  
CYS O    O  N N 77  
CYS CB   C  N N 78  
CYS SG   S  N N 79  
CYS OXT  O  N N 80  
CYS H    H  N N 81  
CYS H2   H  N N 82  
CYS HA   H  N N 83  
CYS HB2  H  N N 84  
CYS HB3  H  N N 85  
CYS HG   H  N N 86  
CYS HXT  H  N N 87  
GLN N    N  N N 88  
GLN CA   C  N S 89  
GLN C    C  N N 90  
GLN O    O  N N 91  
GLN CB   C  N N 92  
GLN CG   C  N N 93  
GLN CD   C  N N 94  
GLN OE1  O  N N 95  
GLN NE2  N  N N 96  
GLN OXT  O  N N 97  
GLN H    H  N N 98  
GLN H2   H  N N 99  
GLN HA   H  N N 100 
GLN HB2  H  N N 101 
GLN HB3  H  N N 102 
GLN HG2  H  N N 103 
GLN HG3  H  N N 104 
GLN HE21 H  N N 105 
GLN HE22 H  N N 106 
GLN HXT  H  N N 107 
GLU N    N  N N 108 
GLU CA   C  N S 109 
GLU C    C  N N 110 
GLU O    O  N N 111 
GLU CB   C  N N 112 
GLU CG   C  N N 113 
GLU CD   C  N N 114 
GLU OE1  O  N N 115 
GLU OE2  O  N N 116 
GLU OXT  O  N N 117 
GLU H    H  N N 118 
GLU H2   H  N N 119 
GLU HA   H  N N 120 
GLU HB2  H  N N 121 
GLU HB3  H  N N 122 
GLU HG2  H  N N 123 
GLU HG3  H  N N 124 
GLU HE2  H  N N 125 
GLU HXT  H  N N 126 
GLY N    N  N N 127 
GLY CA   C  N N 128 
GLY C    C  N N 129 
GLY O    O  N N 130 
GLY OXT  O  N N 131 
GLY H    H  N N 132 
GLY H2   H  N N 133 
GLY HA2  H  N N 134 
GLY HA3  H  N N 135 
GLY HXT  H  N N 136 
HIS N    N  N N 137 
HIS CA   C  N S 138 
HIS C    C  N N 139 
HIS O    O  N N 140 
HIS CB   C  N N 141 
HIS CG   C  Y N 142 
HIS ND1  N  Y N 143 
HIS CD2  C  Y N 144 
HIS CE1  C  Y N 145 
HIS NE2  N  Y N 146 
HIS OXT  O  N N 147 
HIS H    H  N N 148 
HIS H2   H  N N 149 
HIS HA   H  N N 150 
HIS HB2  H  N N 151 
HIS HB3  H  N N 152 
HIS HD1  H  N N 153 
HIS HD2  H  N N 154 
HIS HE1  H  N N 155 
HIS HE2  H  N N 156 
HIS HXT  H  N N 157 
HOH O    O  N N 158 
HOH H1   H  N N 159 
HOH H2   H  N N 160 
ILE N    N  N N 161 
ILE CA   C  N S 162 
ILE C    C  N N 163 
ILE O    O  N N 164 
ILE CB   C  N S 165 
ILE CG1  C  N N 166 
ILE CG2  C  N N 167 
ILE CD1  C  N N 168 
ILE OXT  O  N N 169 
ILE H    H  N N 170 
ILE H2   H  N N 171 
ILE HA   H  N N 172 
ILE HB   H  N N 173 
ILE HG12 H  N N 174 
ILE HG13 H  N N 175 
ILE HG21 H  N N 176 
ILE HG22 H  N N 177 
ILE HG23 H  N N 178 
ILE HD11 H  N N 179 
ILE HD12 H  N N 180 
ILE HD13 H  N N 181 
ILE HXT  H  N N 182 
LEU N    N  N N 183 
LEU CA   C  N S 184 
LEU C    C  N N 185 
LEU O    O  N N 186 
LEU CB   C  N N 187 
LEU CG   C  N N 188 
LEU CD1  C  N N 189 
LEU CD2  C  N N 190 
LEU OXT  O  N N 191 
LEU H    H  N N 192 
LEU H2   H  N N 193 
LEU HA   H  N N 194 
LEU HB2  H  N N 195 
LEU HB3  H  N N 196 
LEU HG   H  N N 197 
LEU HD11 H  N N 198 
LEU HD12 H  N N 199 
LEU HD13 H  N N 200 
LEU HD21 H  N N 201 
LEU HD22 H  N N 202 
LEU HD23 H  N N 203 
LEU HXT  H  N N 204 
LYS N    N  N N 205 
LYS CA   C  N S 206 
LYS C    C  N N 207 
LYS O    O  N N 208 
LYS CB   C  N N 209 
LYS CG   C  N N 210 
LYS CD   C  N N 211 
LYS CE   C  N N 212 
LYS NZ   N  N N 213 
LYS OXT  O  N N 214 
LYS H    H  N N 215 
LYS H2   H  N N 216 
LYS HA   H  N N 217 
LYS HB2  H  N N 218 
LYS HB3  H  N N 219 
LYS HG2  H  N N 220 
LYS HG3  H  N N 221 
LYS HD2  H  N N 222 
LYS HD3  H  N N 223 
LYS HE2  H  N N 224 
LYS HE3  H  N N 225 
LYS HZ1  H  N N 226 
LYS HZ2  H  N N 227 
LYS HZ3  H  N N 228 
LYS HXT  H  N N 229 
MET N    N  N N 230 
MET CA   C  N S 231 
MET C    C  N N 232 
MET O    O  N N 233 
MET CB   C  N N 234 
MET CG   C  N N 235 
MET SD   S  N N 236 
MET CE   C  N N 237 
MET OXT  O  N N 238 
MET H    H  N N 239 
MET H2   H  N N 240 
MET HA   H  N N 241 
MET HB2  H  N N 242 
MET HB3  H  N N 243 
MET HG2  H  N N 244 
MET HG3  H  N N 245 
MET HE1  H  N N 246 
MET HE2  H  N N 247 
MET HE3  H  N N 248 
MET HXT  H  N N 249 
PHE N    N  N N 250 
PHE CA   C  N S 251 
PHE C    C  N N 252 
PHE O    O  N N 253 
PHE CB   C  N N 254 
PHE CG   C  Y N 255 
PHE CD1  C  Y N 256 
PHE CD2  C  Y N 257 
PHE CE1  C  Y N 258 
PHE CE2  C  Y N 259 
PHE CZ   C  Y N 260 
PHE OXT  O  N N 261 
PHE H    H  N N 262 
PHE H2   H  N N 263 
PHE HA   H  N N 264 
PHE HB2  H  N N 265 
PHE HB3  H  N N 266 
PHE HD1  H  N N 267 
PHE HD2  H  N N 268 
PHE HE1  H  N N 269 
PHE HE2  H  N N 270 
PHE HZ   H  N N 271 
PHE HXT  H  N N 272 
PRO N    N  N N 273 
PRO CA   C  N S 274 
PRO C    C  N N 275 
PRO O    O  N N 276 
PRO CB   C  N N 277 
PRO CG   C  N N 278 
PRO CD   C  N N 279 
PRO OXT  O  N N 280 
PRO H    H  N N 281 
PRO HA   H  N N 282 
PRO HB2  H  N N 283 
PRO HB3  H  N N 284 
PRO HG2  H  N N 285 
PRO HG3  H  N N 286 
PRO HD2  H  N N 287 
PRO HD3  H  N N 288 
PRO HXT  H  N N 289 
SER N    N  N N 290 
SER CA   C  N S 291 
SER C    C  N N 292 
SER O    O  N N 293 
SER CB   C  N N 294 
SER OG   O  N N 295 
SER OXT  O  N N 296 
SER H    H  N N 297 
SER H2   H  N N 298 
SER HA   H  N N 299 
SER HB2  H  N N 300 
SER HB3  H  N N 301 
SER HG   H  N N 302 
SER HXT  H  N N 303 
THR N    N  N N 304 
THR CA   C  N S 305 
THR C    C  N N 306 
THR O    O  N N 307 
THR CB   C  N R 308 
THR OG1  O  N N 309 
THR CG2  C  N N 310 
THR OXT  O  N N 311 
THR H    H  N N 312 
THR H2   H  N N 313 
THR HA   H  N N 314 
THR HB   H  N N 315 
THR HG1  H  N N 316 
THR HG21 H  N N 317 
THR HG22 H  N N 318 
THR HG23 H  N N 319 
THR HXT  H  N N 320 
TRP N    N  N N 321 
TRP CA   C  N S 322 
TRP C    C  N N 323 
TRP O    O  N N 324 
TRP CB   C  N N 325 
TRP CG   C  Y N 326 
TRP CD1  C  Y N 327 
TRP CD2  C  Y N 328 
TRP NE1  N  Y N 329 
TRP CE2  C  Y N 330 
TRP CE3  C  Y N 331 
TRP CZ2  C  Y N 332 
TRP CZ3  C  Y N 333 
TRP CH2  C  Y N 334 
TRP OXT  O  N N 335 
TRP H    H  N N 336 
TRP H2   H  N N 337 
TRP HA   H  N N 338 
TRP HB2  H  N N 339 
TRP HB3  H  N N 340 
TRP HD1  H  N N 341 
TRP HE1  H  N N 342 
TRP HE3  H  N N 343 
TRP HZ2  H  N N 344 
TRP HZ3  H  N N 345 
TRP HH2  H  N N 346 
TRP HXT  H  N N 347 
TYR N    N  N N 348 
TYR CA   C  N S 349 
TYR C    C  N N 350 
TYR O    O  N N 351 
TYR CB   C  N N 352 
TYR CG   C  Y N 353 
TYR CD1  C  Y N 354 
TYR CD2  C  Y N 355 
TYR CE1  C  Y N 356 
TYR CE2  C  Y N 357 
TYR CZ   C  Y N 358 
TYR OH   O  N N 359 
TYR OXT  O  N N 360 
TYR H    H  N N 361 
TYR H2   H  N N 362 
TYR HA   H  N N 363 
TYR HB2  H  N N 364 
TYR HB3  H  N N 365 
TYR HD1  H  N N 366 
TYR HD2  H  N N 367 
TYR HE1  H  N N 368 
TYR HE2  H  N N 369 
TYR HH   H  N N 370 
TYR HXT  H  N N 371 
VAL N    N  N N 372 
VAL CA   C  N S 373 
VAL C    C  N N 374 
VAL O    O  N N 375 
VAL CB   C  N N 376 
VAL CG1  C  N N 377 
VAL CG2  C  N N 378 
VAL OXT  O  N N 379 
VAL H    H  N N 380 
VAL H2   H  N N 381 
VAL HA   H  N N 382 
VAL HB   H  N N 383 
VAL HG11 H  N N 384 
VAL HG12 H  N N 385 
VAL HG13 H  N N 386 
VAL HG21 H  N N 387 
VAL HG22 H  N N 388 
VAL HG23 H  N N 389 
VAL HXT  H  N N 390 
ZN  ZN   ZN N N 391 
# 
loop_
_chem_comp_bond.comp_id 
_chem_comp_bond.atom_id_1 
_chem_comp_bond.atom_id_2 
_chem_comp_bond.value_order 
_chem_comp_bond.pdbx_aromatic_flag 
_chem_comp_bond.pdbx_stereo_config 
_chem_comp_bond.pdbx_ordinal 
ALA N   CA   sing N N 1   
ALA N   H    sing N N 2   
ALA N   H2   sing N N 3   
ALA CA  C    sing N N 4   
ALA CA  CB   sing N N 5   
ALA CA  HA   sing N N 6   
ALA C   O    doub N N 7   
ALA C   OXT  sing N N 8   
ALA CB  HB1  sing N N 9   
ALA CB  HB2  sing N N 10  
ALA CB  HB3  sing N N 11  
ALA OXT HXT  sing N N 12  
ARG N   CA   sing N N 13  
ARG N   H    sing N N 14  
ARG N   H2   sing N N 15  
ARG CA  C    sing N N 16  
ARG CA  CB   sing N N 17  
ARG CA  HA   sing N N 18  
ARG C   O    doub N N 19  
ARG C   OXT  sing N N 20  
ARG CB  CG   sing N N 21  
ARG CB  HB2  sing N N 22  
ARG CB  HB3  sing N N 23  
ARG CG  CD   sing N N 24  
ARG CG  HG2  sing N N 25  
ARG CG  HG3  sing N N 26  
ARG CD  NE   sing N N 27  
ARG CD  HD2  sing N N 28  
ARG CD  HD3  sing N N 29  
ARG NE  CZ   sing N N 30  
ARG NE  HE   sing N N 31  
ARG CZ  NH1  sing N N 32  
ARG CZ  NH2  doub N N 33  
ARG NH1 HH11 sing N N 34  
ARG NH1 HH12 sing N N 35  
ARG NH2 HH21 sing N N 36  
ARG NH2 HH22 sing N N 37  
ARG OXT HXT  sing N N 38  
ASN N   CA   sing N N 39  
ASN N   H    sing N N 40  
ASN N   H2   sing N N 41  
ASN CA  C    sing N N 42  
ASN CA  CB   sing N N 43  
ASN CA  HA   sing N N 44  
ASN C   O    doub N N 45  
ASN C   OXT  sing N N 46  
ASN CB  CG   sing N N 47  
ASN CB  HB2  sing N N 48  
ASN CB  HB3  sing N N 49  
ASN CG  OD1  doub N N 50  
ASN CG  ND2  sing N N 51  
ASN ND2 HD21 sing N N 52  
ASN ND2 HD22 sing N N 53  
ASN OXT HXT  sing N N 54  
ASP N   CA   sing N N 55  
ASP N   H    sing N N 56  
ASP N   H2   sing N N 57  
ASP CA  C    sing N N 58  
ASP CA  CB   sing N N 59  
ASP CA  HA   sing N N 60  
ASP C   O    doub N N 61  
ASP C   OXT  sing N N 62  
ASP CB  CG   sing N N 63  
ASP CB  HB2  sing N N 64  
ASP CB  HB3  sing N N 65  
ASP CG  OD1  doub N N 66  
ASP CG  OD2  sing N N 67  
ASP OD2 HD2  sing N N 68  
ASP OXT HXT  sing N N 69  
CYS N   CA   sing N N 70  
CYS N   H    sing N N 71  
CYS N   H2   sing N N 72  
CYS CA  C    sing N N 73  
CYS CA  CB   sing N N 74  
CYS CA  HA   sing N N 75  
CYS C   O    doub N N 76  
CYS C   OXT  sing N N 77  
CYS CB  SG   sing N N 78  
CYS CB  HB2  sing N N 79  
CYS CB  HB3  sing N N 80  
CYS SG  HG   sing N N 81  
CYS OXT HXT  sing N N 82  
GLN N   CA   sing N N 83  
GLN N   H    sing N N 84  
GLN N   H2   sing N N 85  
GLN CA  C    sing N N 86  
GLN CA  CB   sing N N 87  
GLN CA  HA   sing N N 88  
GLN C   O    doub N N 89  
GLN C   OXT  sing N N 90  
GLN CB  CG   sing N N 91  
GLN CB  HB2  sing N N 92  
GLN CB  HB3  sing N N 93  
GLN CG  CD   sing N N 94  
GLN CG  HG2  sing N N 95  
GLN CG  HG3  sing N N 96  
GLN CD  OE1  doub N N 97  
GLN CD  NE2  sing N N 98  
GLN NE2 HE21 sing N N 99  
GLN NE2 HE22 sing N N 100 
GLN OXT HXT  sing N N 101 
GLU N   CA   sing N N 102 
GLU N   H    sing N N 103 
GLU N   H2   sing N N 104 
GLU CA  C    sing N N 105 
GLU CA  CB   sing N N 106 
GLU CA  HA   sing N N 107 
GLU C   O    doub N N 108 
GLU C   OXT  sing N N 109 
GLU CB  CG   sing N N 110 
GLU CB  HB2  sing N N 111 
GLU CB  HB3  sing N N 112 
GLU CG  CD   sing N N 113 
GLU CG  HG2  sing N N 114 
GLU CG  HG3  sing N N 115 
GLU CD  OE1  doub N N 116 
GLU CD  OE2  sing N N 117 
GLU OE2 HE2  sing N N 118 
GLU OXT HXT  sing N N 119 
GLY N   CA   sing N N 120 
GLY N   H    sing N N 121 
GLY N   H2   sing N N 122 
GLY CA  C    sing N N 123 
GLY CA  HA2  sing N N 124 
GLY CA  HA3  sing N N 125 
GLY C   O    doub N N 126 
GLY C   OXT  sing N N 127 
GLY OXT HXT  sing N N 128 
HIS N   CA   sing N N 129 
HIS N   H    sing N N 130 
HIS N   H2   sing N N 131 
HIS CA  C    sing N N 132 
HIS CA  CB   sing N N 133 
HIS CA  HA   sing N N 134 
HIS C   O    doub N N 135 
HIS C   OXT  sing N N 136 
HIS CB  CG   sing N N 137 
HIS CB  HB2  sing N N 138 
HIS CB  HB3  sing N N 139 
HIS CG  ND1  sing Y N 140 
HIS CG  CD2  doub Y N 141 
HIS ND1 CE1  doub Y N 142 
HIS ND1 HD1  sing N N 143 
HIS CD2 NE2  sing Y N 144 
HIS CD2 HD2  sing N N 145 
HIS CE1 NE2  sing Y N 146 
HIS CE1 HE1  sing N N 147 
HIS NE2 HE2  sing N N 148 
HIS OXT HXT  sing N N 149 
HOH O   H1   sing N N 150 
HOH O   H2   sing N N 151 
ILE N   CA   sing N N 152 
ILE N   H    sing N N 153 
ILE N   H2   sing N N 154 
ILE CA  C    sing N N 155 
ILE CA  CB   sing N N 156 
ILE CA  HA   sing N N 157 
ILE C   O    doub N N 158 
ILE C   OXT  sing N N 159 
ILE CB  CG1  sing N N 160 
ILE CB  CG2  sing N N 161 
ILE CB  HB   sing N N 162 
ILE CG1 CD1  sing N N 163 
ILE CG1 HG12 sing N N 164 
ILE CG1 HG13 sing N N 165 
ILE CG2 HG21 sing N N 166 
ILE CG2 HG22 sing N N 167 
ILE CG2 HG23 sing N N 168 
ILE CD1 HD11 sing N N 169 
ILE CD1 HD12 sing N N 170 
ILE CD1 HD13 sing N N 171 
ILE OXT HXT  sing N N 172 
LEU N   CA   sing N N 173 
LEU N   H    sing N N 174 
LEU N   H2   sing N N 175 
LEU CA  C    sing N N 176 
LEU CA  CB   sing N N 177 
LEU CA  HA   sing N N 178 
LEU C   O    doub N N 179 
LEU C   OXT  sing N N 180 
LEU CB  CG   sing N N 181 
LEU CB  HB2  sing N N 182 
LEU CB  HB3  sing N N 183 
LEU CG  CD1  sing N N 184 
LEU CG  CD2  sing N N 185 
LEU CG  HG   sing N N 186 
LEU CD1 HD11 sing N N 187 
LEU CD1 HD12 sing N N 188 
LEU CD1 HD13 sing N N 189 
LEU CD2 HD21 sing N N 190 
LEU CD2 HD22 sing N N 191 
LEU CD2 HD23 sing N N 192 
LEU OXT HXT  sing N N 193 
LYS N   CA   sing N N 194 
LYS N   H    sing N N 195 
LYS N   H2   sing N N 196 
LYS CA  C    sing N N 197 
LYS CA  CB   sing N N 198 
LYS CA  HA   sing N N 199 
LYS C   O    doub N N 200 
LYS C   OXT  sing N N 201 
LYS CB  CG   sing N N 202 
LYS CB  HB2  sing N N 203 
LYS CB  HB3  sing N N 204 
LYS CG  CD   sing N N 205 
LYS CG  HG2  sing N N 206 
LYS CG  HG3  sing N N 207 
LYS CD  CE   sing N N 208 
LYS CD  HD2  sing N N 209 
LYS CD  HD3  sing N N 210 
LYS CE  NZ   sing N N 211 
LYS CE  HE2  sing N N 212 
LYS CE  HE3  sing N N 213 
LYS NZ  HZ1  sing N N 214 
LYS NZ  HZ2  sing N N 215 
LYS NZ  HZ3  sing N N 216 
LYS OXT HXT  sing N N 217 
MET N   CA   sing N N 218 
MET N   H    sing N N 219 
MET N   H2   sing N N 220 
MET CA  C    sing N N 221 
MET CA  CB   sing N N 222 
MET CA  HA   sing N N 223 
MET C   O    doub N N 224 
MET C   OXT  sing N N 225 
MET CB  CG   sing N N 226 
MET CB  HB2  sing N N 227 
MET CB  HB3  sing N N 228 
MET CG  SD   sing N N 229 
MET CG  HG2  sing N N 230 
MET CG  HG3  sing N N 231 
MET SD  CE   sing N N 232 
MET CE  HE1  sing N N 233 
MET CE  HE2  sing N N 234 
MET CE  HE3  sing N N 235 
MET OXT HXT  sing N N 236 
PHE N   CA   sing N N 237 
PHE N   H    sing N N 238 
PHE N   H2   sing N N 239 
PHE CA  C    sing N N 240 
PHE CA  CB   sing N N 241 
PHE CA  HA   sing N N 242 
PHE C   O    doub N N 243 
PHE C   OXT  sing N N 244 
PHE CB  CG   sing N N 245 
PHE CB  HB2  sing N N 246 
PHE CB  HB3  sing N N 247 
PHE CG  CD1  doub Y N 248 
PHE CG  CD2  sing Y N 249 
PHE CD1 CE1  sing Y N 250 
PHE CD1 HD1  sing N N 251 
PHE CD2 CE2  doub Y N 252 
PHE CD2 HD2  sing N N 253 
PHE CE1 CZ   doub Y N 254 
PHE CE1 HE1  sing N N 255 
PHE CE2 CZ   sing Y N 256 
PHE CE2 HE2  sing N N 257 
PHE CZ  HZ   sing N N 258 
PHE OXT HXT  sing N N 259 
PRO N   CA   sing N N 260 
PRO N   CD   sing N N 261 
PRO N   H    sing N N 262 
PRO CA  C    sing N N 263 
PRO CA  CB   sing N N 264 
PRO CA  HA   sing N N 265 
PRO C   O    doub N N 266 
PRO C   OXT  sing N N 267 
PRO CB  CG   sing N N 268 
PRO CB  HB2  sing N N 269 
PRO CB  HB3  sing N N 270 
PRO CG  CD   sing N N 271 
PRO CG  HG2  sing N N 272 
PRO CG  HG3  sing N N 273 
PRO CD  HD2  sing N N 274 
PRO CD  HD3  sing N N 275 
PRO OXT HXT  sing N N 276 
SER N   CA   sing N N 277 
SER N   H    sing N N 278 
SER N   H2   sing N N 279 
SER CA  C    sing N N 280 
SER CA  CB   sing N N 281 
SER CA  HA   sing N N 282 
SER C   O    doub N N 283 
SER C   OXT  sing N N 284 
SER CB  OG   sing N N 285 
SER CB  HB2  sing N N 286 
SER CB  HB3  sing N N 287 
SER OG  HG   sing N N 288 
SER OXT HXT  sing N N 289 
THR N   CA   sing N N 290 
THR N   H    sing N N 291 
THR N   H2   sing N N 292 
THR CA  C    sing N N 293 
THR CA  CB   sing N N 294 
THR CA  HA   sing N N 295 
THR C   O    doub N N 296 
THR C   OXT  sing N N 297 
THR CB  OG1  sing N N 298 
THR CB  CG2  sing N N 299 
THR CB  HB   sing N N 300 
THR OG1 HG1  sing N N 301 
THR CG2 HG21 sing N N 302 
THR CG2 HG22 sing N N 303 
THR CG2 HG23 sing N N 304 
THR OXT HXT  sing N N 305 
TRP N   CA   sing N N 306 
TRP N   H    sing N N 307 
TRP N   H2   sing N N 308 
TRP CA  C    sing N N 309 
TRP CA  CB   sing N N 310 
TRP CA  HA   sing N N 311 
TRP C   O    doub N N 312 
TRP C   OXT  sing N N 313 
TRP CB  CG   sing N N 314 
TRP CB  HB2  sing N N 315 
TRP CB  HB3  sing N N 316 
TRP CG  CD1  doub Y N 317 
TRP CG  CD2  sing Y N 318 
TRP CD1 NE1  sing Y N 319 
TRP CD1 HD1  sing N N 320 
TRP CD2 CE2  doub Y N 321 
TRP CD2 CE3  sing Y N 322 
TRP NE1 CE2  sing Y N 323 
TRP NE1 HE1  sing N N 324 
TRP CE2 CZ2  sing Y N 325 
TRP CE3 CZ3  doub Y N 326 
TRP CE3 HE3  sing N N 327 
TRP CZ2 CH2  doub Y N 328 
TRP CZ2 HZ2  sing N N 329 
TRP CZ3 CH2  sing Y N 330 
TRP CZ3 HZ3  sing N N 331 
TRP CH2 HH2  sing N N 332 
TRP OXT HXT  sing N N 333 
TYR N   CA   sing N N 334 
TYR N   H    sing N N 335 
TYR N   H2   sing N N 336 
TYR CA  C    sing N N 337 
TYR CA  CB   sing N N 338 
TYR CA  HA   sing N N 339 
TYR C   O    doub N N 340 
TYR C   OXT  sing N N 341 
TYR CB  CG   sing N N 342 
TYR CB  HB2  sing N N 343 
TYR CB  HB3  sing N N 344 
TYR CG  CD1  doub Y N 345 
TYR CG  CD2  sing Y N 346 
TYR CD1 CE1  sing Y N 347 
TYR CD1 HD1  sing N N 348 
TYR CD2 CE2  doub Y N 349 
TYR CD2 HD2  sing N N 350 
TYR CE1 CZ   doub Y N 351 
TYR CE1 HE1  sing N N 352 
TYR CE2 CZ   sing Y N 353 
TYR CE2 HE2  sing N N 354 
TYR CZ  OH   sing N N 355 
TYR OH  HH   sing N N 356 
TYR OXT HXT  sing N N 357 
VAL N   CA   sing N N 358 
VAL N   H    sing N N 359 
VAL N   H2   sing N N 360 
VAL CA  C    sing N N 361 
VAL CA  CB   sing N N 362 
VAL CA  HA   sing N N 363 
VAL C   O    doub N N 364 
VAL C   OXT  sing N N 365 
VAL CB  CG1  sing N N 366 
VAL CB  CG2  sing N N 367 
VAL CB  HB   sing N N 368 
VAL CG1 HG11 sing N N 369 
VAL CG1 HG12 sing N N 370 
VAL CG1 HG13 sing N N 371 
VAL CG2 HG21 sing N N 372 
VAL CG2 HG22 sing N N 373 
VAL CG2 HG23 sing N N 374 
VAL OXT HXT  sing N N 375 
# 
_atom_sites.entry_id                    1SU0 
_atom_sites.fract_transf_matrix[1][1]   0.01312397 
_atom_sites.fract_transf_matrix[1][2]   -0.00174531 
_atom_sites.fract_transf_matrix[1][3]   0.00418763 
_atom_sites.fract_transf_matrix[2][1]   0.00064897 
_atom_sites.fract_transf_matrix[2][2]   0.01340774 
_atom_sites.fract_transf_matrix[2][3]   0.00355420 
_atom_sites.fract_transf_matrix[3][1]   -0.00286881 
_atom_sites.fract_transf_matrix[3][2]   -0.00202118 
_atom_sites.fract_transf_matrix[3][3]   0.00814844 
_atom_sites.fract_transf_vector[1]      0.212362 
_atom_sites.fract_transf_vector[2]      0.419606 
_atom_sites.fract_transf_vector[3]      0.119672 
# 
loop_
_atom_type.symbol 
C  
N  
O  
S  
ZN 
# 
loop_
_atom_site.group_PDB 
_atom_site.id 
_atom_site.type_symbol 
_atom_site.label_atom_id 
_atom_site.label_alt_id 
_atom_site.label_comp_id 
_atom_site.label_asym_id 
_atom_site.label_entity_id 
_atom_site.label_seq_id 
_atom_site.pdbx_PDB_ins_code 
_atom_site.Cartn_x 
_atom_site.Cartn_y 
_atom_site.Cartn_z 
_atom_site.occupancy 
_atom_site.B_iso_or_equiv 
_atom_site.pdbx_formal_charge 
_atom_site.auth_seq_id 
_atom_site.auth_comp_id 
_atom_site.auth_asym_id 
_atom_site.auth_atom_id 
_atom_site.pdbx_PDB_model_num 
ATOM   1    N  N   . LEU A 1 6   ? 16.536  -7.325  17.612  1.00 56.02 ? 6   LEU B N   1 
ATOM   2    C  CA  . LEU A 1 6   ? 15.167  -7.801  17.190  1.00 55.19 ? 6   LEU B CA  1 
ATOM   3    C  C   . LEU A 1 6   ? 14.359  -6.731  16.421  1.00 52.20 ? 6   LEU B C   1 
ATOM   4    O  O   . LEU A 1 6   ? 13.384  -7.083  15.729  1.00 53.84 ? 6   LEU B O   1 
ATOM   5    C  CB  . LEU A 1 6   ? 14.388  -8.283  18.428  1.00 56.45 ? 6   LEU B CB  1 
ATOM   6    C  CG  . LEU A 1 6   ? 14.398  -7.339  19.641  1.00 59.94 ? 6   LEU B CG  1 
ATOM   7    C  CD1 . LEU A 1 6   ? 13.334  -7.750  20.697  1.00 61.72 ? 6   LEU B CD1 1 
ATOM   8    C  CD2 . LEU A 1 6   ? 15.795  -7.258  20.290  1.00 62.81 ? 6   LEU B CD2 1 
ATOM   9    N  N   . ASN A 1 7   ? 14.765  -5.459  16.561  1.00 46.92 ? 7   ASN B N   1 
ATOM   10   C  CA  . ASN A 1 7   ? 14.135  -4.278  15.932  1.00 42.78 ? 7   ASN B CA  1 
ATOM   11   C  C   . ASN A 1 7   ? 14.919  -3.777  14.701  1.00 39.61 ? 7   ASN B C   1 
ATOM   12   O  O   . ASN A 1 7   ? 14.348  -3.169  13.807  1.00 38.56 ? 7   ASN B O   1 
ATOM   13   C  CB  . ASN A 1 7   ? 14.026  -3.139  16.980  1.00 42.67 ? 7   ASN B CB  1 
ATOM   14   C  CG  . ASN A 1 7   ? 13.255  -1.882  16.468  1.00 42.08 ? 7   ASN B CG  1 
ATOM   15   O  OD1 . ASN A 1 7   ? 13.734  -1.141  15.599  1.00 40.66 ? 7   ASN B OD1 1 
ATOM   16   N  ND2 . ASN A 1 7   ? 12.077  -1.633  17.047  1.00 40.66 ? 7   ASN B ND2 1 
ATOM   17   N  N   . HIS A 1 8   ? 16.233  -4.015  14.676  1.00 36.15 ? 8   HIS B N   1 
ATOM   18   C  CA  . HIS A 1 8   ? 17.102  -3.608  13.559  1.00 33.39 ? 8   HIS B CA  1 
ATOM   19   C  C   . HIS A 1 8   ? 16.681  -4.236  12.242  1.00 31.78 ? 8   HIS B C   1 
ATOM   20   O  O   . HIS A 1 8   ? 16.915  -3.689  11.163  1.00 31.82 ? 8   HIS B O   1 
ATOM   21   C  CB  . HIS A 1 8   ? 18.542  -4.016  13.834  1.00 33.04 ? 8   HIS B CB  1 
ATOM   22   C  CG  . HIS A 1 8   ? 18.741  -5.497  13.897  1.00 31.92 ? 8   HIS B CG  1 
ATOM   23   N  ND1 . HIS A 1 8   ? 18.252  -6.271  14.927  1.00 30.14 ? 8   HIS B ND1 1 
ATOM   24   C  CD2 . HIS A 1 8   ? 19.359  -6.349  13.048  1.00 30.55 ? 8   HIS B CD2 1 
ATOM   25   C  CE1 . HIS A 1 8   ? 18.570  -7.532  14.714  1.00 29.70 ? 8   HIS B CE1 1 
ATOM   26   N  NE2 . HIS A 1 8   ? 19.246  -7.607  13.582  1.00 29.76 ? 8   HIS B NE2 1 
ATOM   27   N  N   . LEU A 1 9   ? 16.080  -5.407  12.345  1.00 29.63 ? 9   LEU B N   1 
ATOM   28   C  CA  . LEU A 1 9   ? 15.553  -6.111  11.202  1.00 28.17 ? 9   LEU B CA  1 
ATOM   29   C  C   . LEU A 1 9   ? 14.425  -5.310  10.562  1.00 27.21 ? 9   LEU B C   1 
ATOM   30   O  O   . LEU A 1 9   ? 14.294  -5.274  9.351   1.00 26.93 ? 9   LEU B O   1 
ATOM   31   C  CB  . LEU A 1 9   ? 15.055  -7.490  11.656  1.00 28.31 ? 9   LEU B CB  1 
ATOM   32   C  CG  . LEU A 1 9   ? 15.614  -8.693  10.918  1.00 28.76 ? 9   LEU B CG  1 
ATOM   33   C  CD1 . LEU A 1 9   ? 14.999  -8.684  9.545   1.00 30.15 ? 9   LEU B CD1 1 
ATOM   34   C  CD2 . LEU A 1 9   ? 17.151  -8.675  10.857  1.00 28.50 ? 9   LEU B CD2 1 
ATOM   35   N  N   . TYR A 1 10  ? 13.614  -4.660  11.386  1.00 25.84 ? 10  TYR B N   1 
ATOM   36   C  CA  . TYR A 1 10  ? 12.524  -3.832  10.898  1.00 25.45 ? 10  TYR B CA  1 
ATOM   37   C  C   . TYR A 1 10  ? 13.010  -2.728  9.974   1.00 25.03 ? 10  TYR B C   1 
ATOM   38   O  O   . TYR A 1 10  ? 12.379  -2.465  8.961   1.00 25.00 ? 10  TYR B O   1 
ATOM   39   C  CB  . TYR A 1 10  ? 11.730  -3.216  12.064  1.00 25.14 ? 10  TYR B CB  1 
ATOM   40   C  CG  . TYR A 1 10  ? 11.005  -4.219  12.946  1.00 24.87 ? 10  TYR B CG  1 
ATOM   41   C  CD1 . TYR A 1 10  ? 10.948  -5.583  12.614  1.00 26.46 ? 10  TYR B CD1 1 
ATOM   42   C  CD2 . TYR A 1 10  ? 10.371  -3.813  14.109  1.00 24.62 ? 10  TYR B CD2 1 
ATOM   43   C  CE1 . TYR A 1 10  ? 10.280  -6.502  13.425  1.00 25.61 ? 10  TYR B CE1 1 
ATOM   44   C  CE2 . TYR A 1 10  ? 9.690   -4.728  14.927  1.00 25.22 ? 10  TYR B CE2 1 
ATOM   45   C  CZ  . TYR A 1 10  ? 9.650   -6.070  14.580  1.00 25.56 ? 10  TYR B CZ  1 
ATOM   46   O  OH  . TYR A 1 10  ? 8.979   -6.972  15.383  1.00 24.85 ? 10  TYR B OH  1 
ATOM   47   N  N   . MET A 1 11  ? 14.130  -2.097  10.309  1.00 24.52 ? 11  MET B N   1 
ATOM   48   C  CA  . MET A 1 11  ? 14.655  -1.023  9.482   1.00 24.43 ? 11  MET B CA  1 
ATOM   49   C  C   . MET A 1 11  ? 15.018  -1.580  8.134   1.00 24.35 ? 11  MET B C   1 
ATOM   50   O  O   . MET A 1 11  ? 14.723  -0.983  7.132   1.00 24.45 ? 11  MET B O   1 
ATOM   51   C  CB  . MET A 1 11  ? 15.853  -0.348  10.158  1.00 24.81 ? 11  MET B CB  1 
ATOM   52   C  CG  . MET A 1 11  ? 16.536  0.825   9.361   1.00 25.22 ? 11  MET B CG  1 
ATOM   53   S  SD  . MET A 1 11  ? 15.555  2.580   9.276   0.30 24.88 ? 11  MET B SD  1 
ATOM   54   C  CE  . MET A 1 11  ? 14.033  2.138   8.165   1.00 24.63 ? 11  MET B CE  1 
ATOM   55   N  N   . ALA A 1 12  ? 15.622  -2.759  8.112   1.00 24.86 ? 12  ALA B N   1 
ATOM   56   C  CA  . ALA A 1 12  ? 16.031  -3.397  6.864   1.00 24.72 ? 12  ALA B CA  1 
ATOM   57   C  C   . ALA A 1 12  ? 14.827  -3.779  6.011   1.00 24.74 ? 12  ALA B C   1 
ATOM   58   O  O   . ALA A 1 12  ? 14.869  -3.694  4.799   1.00 25.24 ? 12  ALA B O   1 
ATOM   59   C  CB  . ALA A 1 12  ? 16.877  -4.601  7.157   1.00 24.66 ? 12  ALA B CB  1 
ATOM   60   N  N   . VAL A 1 13  ? 13.736  -4.162  6.647   1.00 24.62 ? 13  VAL B N   1 
ATOM   61   C  CA  . VAL A 1 13  ? 12.532  -4.540  5.909   1.00 25.10 ? 13  VAL B CA  1 
ATOM   62   C  C   . VAL A 1 13  ? 11.842  -3.299  5.315   1.00 24.44 ? 13  VAL B C   1 
ATOM   63   O  O   . VAL A 1 13  ? 11.447  -3.311  4.168   1.00 25.15 ? 13  VAL B O   1 
ATOM   64   C  CB  . VAL A 1 13  ? 11.587  -5.385  6.791   1.00 24.76 ? 13  VAL B CB  1 
ATOM   65   C  CG1 . VAL A 1 13  ? 10.246  -5.583  6.137   1.00 25.62 ? 13  VAL B CG1 1 
ATOM   66   C  CG2 . VAL A 1 13  ? 12.241  -6.734  7.073   1.00 24.91 ? 13  VAL B CG2 1 
ATOM   67   N  N   . VAL A 1 14  ? 11.755  -2.222  6.074   1.00 24.16 ? 14  VAL B N   1 
ATOM   68   C  CA  . VAL A 1 14  ? 11.169  -0.994  5.575   1.00 24.02 ? 14  VAL B CA  1 
ATOM   69   C  C   . VAL A 1 14  ? 12.059  -0.370  4.495   1.00 24.57 ? 14  VAL B C   1 
ATOM   70   O  O   . VAL A 1 14  ? 11.568  0.079   3.467   1.00 25.80 ? 14  VAL B O   1 
ATOM   71   C  CB  . VAL A 1 14  ? 10.978  0.014   6.689   1.00 23.94 ? 14  VAL B CB  1 
ATOM   72   C  CG1 . VAL A 1 14  ? 10.513  1.362   6.110   1.00 23.57 ? 14  VAL B CG1 1 
ATOM   73   C  CG2 . VAL A 1 14  ? 9.993   -0.510  7.742   1.00 23.20 ? 14  VAL B CG2 1 
ATOM   74   N  N   . ALA A 1 15  ? 13.363  -0.328  4.739   1.00 24.03 ? 15  ALA B N   1 
ATOM   75   C  CA  . ALA A 1 15  ? 14.324  0.118   3.735   1.00 24.13 ? 15  ALA B CA  1 
ATOM   76   C  C   . ALA A 1 15  ? 14.260  -0.660  2.425   1.00 24.22 ? 15  ALA B C   1 
ATOM   77   O  O   . ALA A 1 15  ? 14.328  -0.061  1.356   1.00 24.18 ? 15  ALA B O   1 
ATOM   78   C  CB  . ALA A 1 15  ? 15.729  0.094   4.293   1.00 23.66 ? 15  ALA B CB  1 
ATOM   79   N  N   . ASP A 1 16  ? 14.104  -1.979  2.518   1.00 24.86 ? 16  ASP B N   1 
ATOM   80   C  CA  . ASP A 1 16  ? 14.013  -2.844  1.352   1.00 25.15 ? 16  ASP B CA  1 
ATOM   81   C  C   . ASP A 1 16  ? 12.796  -2.547  0.526   1.00 25.65 ? 16  ASP B C   1 
ATOM   82   O  O   . ASP A 1 16  ? 12.845  -2.671  -0.689  1.00 25.99 ? 16  ASP B O   1 
ATOM   83   C  CB  . ASP A 1 16  ? 13.937  -4.315  1.778   1.00 26.12 ? 16  ASP B CB  1 
ATOM   84   C  CG  . ASP A 1 16  ? 13.894  -5.291  0.580   1.00 25.75 ? 16  ASP B CG  1 
ATOM   85   O  OD1 . ASP A 1 16  ? 14.907  -5.403  -0.151  1.00 22.92 ? 16  ASP B OD1 1 
ATOM   86   O  OD2 . ASP A 1 16  ? 12.871  -5.954  0.286   1.00 25.86 ? 16  ASP B OD2 1 
ATOM   87   N  N   . HIS A 1 17  ? 11.688  -2.193  1.176   1.00 25.89 ? 17  HIS B N   1 
ATOM   88   C  CA  . HIS A 1 17  ? 10.475  -1.887  0.452   1.00 25.56 ? 17  HIS B CA  1 
ATOM   89   C  C   . HIS A 1 17  ? 10.580  -0.516  -0.242  1.00 25.80 ? 17  HIS B C   1 
ATOM   90   O  O   . HIS A 1 17  ? 9.926   -0.287  -1.254  1.00 26.63 ? 17  HIS B O   1 
ATOM   91   C  CB  . HIS A 1 17  ? 9.253   -1.925  1.380   1.00 25.66 ? 17  HIS B CB  1 
ATOM   92   C  CG  . HIS A 1 17  ? 8.689   -3.297  1.573   1.00 24.56 ? 17  HIS B CG  1 
ATOM   93   N  ND1 . HIS A 1 17  ? 7.994   -3.957  0.581   1.00 21.95 ? 17  HIS B ND1 1 
ATOM   94   C  CD2 . HIS A 1 17  ? 8.692   -4.124  2.648   1.00 23.32 ? 17  HIS B CD2 1 
ATOM   95   C  CE1 . HIS A 1 17  ? 7.628   -5.145  1.022   1.00 23.46 ? 17  HIS B CE1 1 
ATOM   96   N  NE2 . HIS A 1 17  ? 8.031   -5.270  2.276   1.00 24.09 ? 17  HIS B NE2 1 
ATOM   97   N  N   . SER A 1 18  ? 11.366  0.399   0.307   1.00 25.16 ? 18  SER B N   1 
ATOM   98   C  CA  . SER A 1 18  ? 11.476  1.740   -0.267  1.00 25.02 ? 18  SER B CA  1 
ATOM   99   C  C   . SER A 1 18  ? 12.528  1.764   -1.365  1.00 25.27 ? 18  SER B C   1 
ATOM   100  O  O   . SER A 1 18  ? 12.358  2.419   -2.370  1.00 25.60 ? 18  SER B O   1 
ATOM   101  C  CB  . SER A 1 18  ? 11.820  2.770   0.806   1.00 24.61 ? 18  SER B CB  1 
ATOM   102  O  OG  . SER A 1 18  ? 12.783  2.252   1.712   1.00 25.80 ? 18  SER B OG  1 
ATOM   103  N  N   . LYS A 1 19  ? 13.627  1.045   -1.173  1.00 25.54 ? 19  LYS B N   1 
ATOM   104  C  CA  . LYS A 1 19  ? 14.717  1.060   -2.138  1.00 25.50 ? 19  LYS B CA  1 
ATOM   105  C  C   . LYS A 1 19  ? 14.476  0.059   -3.278  1.00 24.82 ? 19  LYS B C   1 
ATOM   106  O  O   . LYS A 1 19  ? 14.732  0.362   -4.431  1.00 25.06 ? 19  LYS B O   1 
ATOM   107  C  CB  . LYS A 1 19  ? 16.049  0.777   -1.439  1.00 25.92 ? 19  LYS B CB  1 
ATOM   108  C  CG  . LYS A 1 19  ? 16.534  1.884   -0.480  1.00 27.60 ? 19  LYS B CG  1 
ATOM   109  C  CD  . LYS A 1 19  ? 17.574  1.317   0.525   1.00 30.11 ? 19  LYS B CD  1 
ATOM   110  C  CE  . LYS A 1 19  ? 18.159  2.388   1.487   1.00 31.51 ? 19  LYS B CE  1 
ATOM   111  N  NZ  . LYS A 1 19  ? 19.121  1.801   2.511   1.00 30.48 ? 19  LYS B NZ  1 
ATOM   112  N  N   . ARG A 1 20  ? 13.964  -1.122  -2.956  1.00 24.17 ? 20  ARG B N   1 
ATOM   113  C  CA  . ARG A 1 20  ? 13.707  -2.172  -3.947  1.00 23.88 ? 20  ARG B CA  1 
ATOM   114  C  C   . ARG A 1 20  ? 12.241  -2.639  -3.921  1.00 23.92 ? 20  ARG B C   1 
ATOM   115  O  O   . ARG A 1 20  ? 11.947  -3.803  -3.573  1.00 23.72 ? 20  ARG B O   1 
ATOM   116  C  CB  . ARG A 1 20  ? 14.642  -3.354  -3.677  1.00 23.86 ? 20  ARG B CB  1 
ATOM   117  C  CG  . ARG A 1 20  ? 14.689  -4.412  -4.771  1.00 23.94 ? 20  ARG B CG  1 
ATOM   118  C  CD  . ARG A 1 20  ? 15.711  -5.528  -4.496  1.00 24.35 ? 20  ARG B CD  1 
ATOM   119  N  NE  . ARG A 1 20  ? 15.153  -6.874  -4.670  1.00 24.08 ? 20  ARG B NE  1 
ATOM   120  C  CZ  . ARG A 1 20  ? 15.796  -7.900  -5.229  1.00 26.49 ? 20  ARG B CZ  1 
ATOM   121  N  NH1 . ARG A 1 20  ? 17.044  -7.774  -5.690  1.00 26.29 ? 20  ARG B NH1 1 
ATOM   122  N  NH2 . ARG A 1 20  ? 15.185  -9.077  -5.335  1.00 27.92 ? 20  ARG B NH2 1 
ATOM   123  N  N   . PRO A 1 21  ? 11.323  -1.735  -4.278  1.00 23.66 ? 21  PRO B N   1 
ATOM   124  C  CA  . PRO A 1 21  ? 9.888   -2.029  -4.259  1.00 23.38 ? 21  PRO B CA  1 
ATOM   125  C  C   . PRO A 1 21  ? 9.496   -3.350  -4.905  1.00 23.11 ? 21  PRO B C   1 
ATOM   126  O  O   . PRO A 1 21  ? 10.059  -3.749  -5.919  1.00 22.89 ? 21  PRO B O   1 
ATOM   127  C  CB  . PRO A 1 21  ? 9.286   -0.877  -5.062  1.00 23.26 ? 21  PRO B CB  1 
ATOM   128  C  CG  . PRO A 1 21  ? 10.232  0.237   -4.850  1.00 23.88 ? 21  PRO B CG  1 
ATOM   129  C  CD  . PRO A 1 21  ? 11.584  -0.352  -4.725  1.00 23.38 ? 21  PRO B CD  1 
ATOM   130  N  N   . HIS A 1 22  ? 8.517   -3.997  -4.286  1.00 22.91 ? 22  HIS B N   1 
ATOM   131  C  CA  . HIS A 1 22  ? 7.895   -5.212  -4.763  1.00 22.98 ? 22  HIS B CA  1 
ATOM   132  C  C   . HIS A 1 22  ? 6.792   -4.858  -5.731  1.00 23.49 ? 22  HIS B C   1 
ATOM   133  O  O   . HIS A 1 22  ? 6.165   -3.798  -5.615  1.00 23.50 ? 22  HIS B O   1 
ATOM   134  C  CB  . HIS A 1 22  ? 7.259   -5.931  -3.581  1.00 23.06 ? 22  HIS B CB  1 
ATOM   135  C  CG  . HIS A 1 22  ? 8.248   -6.492  -2.624  1.00 23.14 ? 22  HIS B CG  1 
ATOM   136  N  ND1 . HIS A 1 22  ? 9.599   -6.264  -2.739  1.00 22.91 ? 22  HIS B ND1 1 
ATOM   137  C  CD2 . HIS A 1 22  ? 8.089   -7.306  -1.555  1.00 24.42 ? 22  HIS B CD2 1 
ATOM   138  C  CE1 . HIS A 1 22  ? 10.234  -6.908  -1.776  1.00 24.58 ? 22  HIS B CE1 1 
ATOM   139  N  NE2 . HIS A 1 22  ? 9.339   -7.542  -1.039  1.00 25.62 ? 22  HIS B NE2 1 
ATOM   140  N  N   . HIS A 1 23  ? 6.521   -5.748  -6.674  1.00 23.87 ? 23  HIS B N   1 
ATOM   141  C  CA  . HIS A 1 23  ? 5.468   -5.505  -7.647  1.00 24.56 ? 23  HIS B CA  1 
ATOM   142  C  C   . HIS A 1 23  ? 5.597   -4.080  -8.222  1.00 24.69 ? 23  HIS B C   1 
ATOM   143  O  O   . HIS A 1 23  ? 4.636   -3.303  -8.194  1.00 24.06 ? 23  HIS B O   1 
ATOM   144  C  CB  . HIS A 1 23  ? 4.092   -5.718  -6.998  1.00 24.93 ? 23  HIS B CB  1 
ATOM   145  C  CG  . HIS A 1 23  ? 3.880   -7.106  -6.480  1.00 26.30 ? 23  HIS B CG  1 
ATOM   146  N  ND1 . HIS A 1 23  ? 2.726   -7.818  -6.720  1.00 28.15 ? 23  HIS B ND1 1 
ATOM   147  C  CD2 . HIS A 1 23  ? 4.679   -7.921  -5.747  1.00 27.56 ? 23  HIS B CD2 1 
ATOM   148  C  CE1 . HIS A 1 23  ? 2.820   -9.010  -6.154  1.00 28.82 ? 23  HIS B CE1 1 
ATOM   149  N  NE2 . HIS A 1 23  ? 3.996   -9.097  -5.557  1.00 28.43 ? 23  HIS B NE2 1 
ATOM   150  N  N   . HIS A 1 24  ? 6.799   -3.752  -8.708  1.00 24.90 ? 24  HIS B N   1 
ATOM   151  C  CA  . HIS A 1 24  ? 7.108   -2.426  -9.231  1.00 25.40 ? 24  HIS B CA  1 
ATOM   152  C  C   . HIS A 1 24  ? 7.015   -2.471  -10.743 1.00 25.77 ? 24  HIS B C   1 
ATOM   153  O  O   . HIS A 1 24  ? 7.167   -3.528  -11.343 1.00 25.93 ? 24  HIS B O   1 
ATOM   154  C  CB  . HIS A 1 24  ? 8.521   -1.997  -8.817  1.00 25.69 ? 24  HIS B CB  1 
ATOM   155  C  CG  . HIS A 1 24  ? 8.799   -0.530  -8.990  1.00 26.60 ? 24  HIS B CG  1 
ATOM   156  N  ND1 . HIS A 1 24  ? 7.972   0.456   -8.485  1.00 27.59 ? 24  HIS B ND1 1 
ATOM   157  C  CD2 . HIS A 1 24  ? 9.819   0.114   -9.608  1.00 27.36 ? 24  HIS B CD2 1 
ATOM   158  C  CE1 . HIS A 1 24  ? 8.476   1.644   -8.783  1.00 28.34 ? 24  HIS B CE1 1 
ATOM   159  N  NE2 . HIS A 1 24  ? 9.589   1.463   -9.473  1.00 27.98 ? 24  HIS B NE2 1 
ATOM   160  N  N   . GLY A 1 25  ? 6.815   -1.311  -11.357 1.00 26.01 ? 25  GLY B N   1 
ATOM   161  C  CA  . GLY A 1 25  ? 6.526   -1.228  -12.770 1.00 25.99 ? 25  GLY B CA  1 
ATOM   162  C  C   . GLY A 1 25  ? 5.026   -1.205  -12.998 1.00 26.08 ? 25  GLY B C   1 
ATOM   163  O  O   . GLY A 1 25  ? 4.239   -0.916  -12.085 1.00 26.18 ? 25  GLY B O   1 
ATOM   164  N  N   . GLN A 1 26  ? 4.647   -1.518  -14.235 1.00 26.01 ? 26  GLN B N   1 
ATOM   165  C  CA  . GLN A 1 26  ? 3.267   -1.440  -14.702 1.00 25.76 ? 26  GLN B CA  1 
ATOM   166  C  C   . GLN A 1 26  ? 2.917   -2.708  -15.464 1.00 25.72 ? 26  GLN B C   1 
ATOM   167  O  O   . GLN A 1 26  ? 3.757   -3.262  -16.179 1.00 25.85 ? 26  GLN B O   1 
ATOM   168  C  CB  . GLN A 1 26  ? 3.077   -0.221  -15.633 1.00 25.67 ? 26  GLN B CB  1 
ATOM   169  C  CG  . GLN A 1 26  ? 3.586   1.126   -15.070 1.00 24.80 ? 26  GLN B CG  1 
ATOM   170  C  CD  . GLN A 1 26  ? 2.609   1.795   -14.114 1.00 23.30 ? 26  GLN B CD  1 
ATOM   171  O  OE1 . GLN A 1 26  ? 2.697   1.630   -12.885 1.00 21.60 ? 26  GLN B OE1 1 
ATOM   172  N  NE2 . GLN A 1 26  ? 1.685   2.565   -14.674 1.00 21.77 ? 26  GLN B NE2 1 
ATOM   173  N  N   . LEU A 1 27  ? 1.667   -3.142  -15.320 1.00 25.56 ? 27  LEU B N   1 
ATOM   174  C  CA  . LEU A 1 27  ? 1.137   -4.290  -16.043 1.00 25.48 ? 27  LEU B CA  1 
ATOM   175  C  C   . LEU A 1 27  ? 0.671   -3.877  -17.434 1.00 25.50 ? 27  LEU B C   1 
ATOM   176  O  O   . LEU A 1 27  ? 0.198   -2.755  -17.633 1.00 25.25 ? 27  LEU B O   1 
ATOM   177  C  CB  . LEU A 1 27  ? -0.042  -4.889  -15.277 1.00 25.63 ? 27  LEU B CB  1 
ATOM   178  C  CG  . LEU A 1 27  ? 0.195   -5.339  -13.831 1.00 25.33 ? 27  LEU B CG  1 
ATOM   179  C  CD1 . LEU A 1 27  ? -1.093  -5.928  -13.259 1.00 24.76 ? 27  LEU B CD1 1 
ATOM   180  C  CD2 . LEU A 1 27  ? 1.339   -6.337  -13.729 1.00 24.98 ? 27  LEU B CD2 1 
ATOM   181  N  N   . ASP A 1 28  ? 0.788   -4.803  -18.382 1.00 25.62 ? 28  ASP B N   1 
ATOM   182  C  CA  . ASP A 1 28  ? 0.480   -4.531  -19.787 1.00 25.78 ? 28  ASP B CA  1 
ATOM   183  C  C   . ASP A 1 28  ? -1.014  -4.631  -20.088 1.00 25.82 ? 28  ASP B C   1 
ATOM   184  O  O   . ASP A 1 28  ? -1.692  -5.515  -19.574 1.00 25.94 ? 28  ASP B O   1 
ATOM   185  C  CB  . ASP A 1 28  ? 1.249   -5.494  -20.700 1.00 25.89 ? 28  ASP B CB  1 
ATOM   186  C  CG  . ASP A 1 28  ? 2.674   -5.039  -20.957 1.00 26.01 ? 28  ASP B CG  1 
ATOM   187  O  OD1 . ASP A 1 28  ? 3.367   -4.693  -19.974 1.00 26.13 ? 28  ASP B OD1 1 
ATOM   188  O  OD2 . ASP A 1 28  ? 3.178   -4.989  -22.104 1.00 25.87 ? 28  ASP B OD2 1 
ATOM   189  N  N   . GLY A 1 29  ? -1.510  -3.727  -20.933 1.00 25.87 ? 29  GLY B N   1 
ATOM   190  C  CA  . GLY A 1 29  ? -2.910  -3.696  -21.331 1.00 25.88 ? 29  GLY B CA  1 
ATOM   191  C  C   . GLY A 1 29  ? -3.892  -3.412  -20.205 1.00 25.98 ? 29  GLY B C   1 
ATOM   192  O  O   . GLY A 1 29  ? -5.058  -3.794  -20.302 1.00 25.97 ? 29  GLY B O   1 
ATOM   193  N  N   . VAL A 1 30  ? -3.428  -2.738  -19.152 1.00 26.12 ? 30  VAL B N   1 
ATOM   194  C  CA  . VAL A 1 30  ? -4.226  -2.494  -17.946 1.00 26.29 ? 30  VAL B CA  1 
ATOM   195  C  C   . VAL A 1 30  ? -4.249  -1.006  -17.602 1.00 26.44 ? 30  VAL B C   1 
ATOM   196  O  O   . VAL A 1 30  ? -3.219  -0.437  -17.232 1.00 26.95 ? 30  VAL B O   1 
ATOM   197  C  CB  . VAL A 1 30  ? -3.655  -3.271  -16.729 1.00 26.31 ? 30  VAL B CB  1 
ATOM   198  C  CG1 . VAL A 1 30  ? -4.327  -2.834  -15.427 1.00 26.11 ? 30  VAL B CG1 1 
ATOM   199  C  CG2 . VAL A 1 30  ? -3.817  -4.776  -16.929 1.00 26.37 ? 30  VAL B CG2 1 
ATOM   200  N  N   . GLU A 1 31  ? -5.426  -0.390  -17.706 1.00 26.50 ? 31  GLU B N   1 
ATOM   201  C  CA  . GLU A 1 31  ? -5.590  1.037   -17.440 1.00 26.46 ? 31  GLU B CA  1 
ATOM   202  C  C   . GLU A 1 31  ? -5.199  1.316   -16.001 1.00 26.45 ? 31  GLU B C   1 
ATOM   203  O  O   . GLU A 1 31  ? -5.796  0.780   -15.078 1.00 26.53 ? 31  GLU B O   1 
ATOM   204  C  CB  . GLU A 1 31  ? -7.039  1.484   -17.682 1.00 26.73 ? 31  GLU B CB  1 
ATOM   205  C  CG  . GLU A 1 31  ? -7.462  1.578   -19.153 1.00 26.73 ? 31  GLU B CG  1 
ATOM   206  C  CD  . GLU A 1 31  ? -8.514  0.537   -19.540 1.00 27.47 ? 31  GLU B CD  1 
ATOM   207  O  OE1 . GLU A 1 31  ? -8.360  -0.649  -19.150 1.00 28.19 ? 31  GLU B OE1 1 
ATOM   208  O  OE2 . GLU A 1 31  ? -9.498  0.892   -20.241 1.00 27.33 ? 31  GLU B OE2 1 
ATOM   209  N  N   . ALA A 1 32  ? -4.180  2.148   -15.822 1.00 26.58 ? 32  ALA B N   1 
ATOM   210  C  CA  . ALA A 1 32  ? -3.596  2.397   -14.510 1.00 26.48 ? 32  ALA B CA  1 
ATOM   211  C  C   . ALA A 1 32  ? -4.435  3.375   -13.712 1.00 26.64 ? 32  ALA B C   1 
ATOM   212  O  O   . ALA A 1 32  ? -5.259  4.091   -14.266 1.00 26.43 ? 32  ALA B O   1 
ATOM   213  C  CB  . ALA A 1 32  ? -2.184  2.927   -14.656 1.00 26.25 ? 32  ALA B CB  1 
ATOM   214  N  N   . VAL A 1 33  ? -4.205  3.398   -12.403 1.00 27.05 ? 33  VAL B N   1 
ATOM   215  C  CA  . VAL A 1 33  ? -4.891  4.319   -11.507 1.00 27.12 ? 33  VAL B CA  1 
ATOM   216  C  C   . VAL A 1 33  ? -3.860  5.232   -10.873 1.00 27.38 ? 33  VAL B C   1 
ATOM   217  O  O   . VAL A 1 33  ? -3.002  4.769   -10.101 1.00 27.58 ? 33  VAL B O   1 
ATOM   218  C  CB  . VAL A 1 33  ? -5.660  3.586   -10.410 1.00 27.09 ? 33  VAL B CB  1 
ATOM   219  C  CG1 . VAL A 1 33  ? -6.328  4.588   -9.481  1.00 27.02 ? 33  VAL B CG1 1 
ATOM   220  C  CG2 . VAL A 1 33  ? -6.693  2.634   -11.031 1.00 26.86 ? 33  VAL B CG2 1 
ATOM   221  N  N   . GLN A 1 34  ? -3.958  6.523   -11.186 1.00 27.01 ? 34  GLN B N   1 
ATOM   222  C  CA  . GLN A 1 34  ? -3.024  7.502   -10.677 1.00 26.83 ? 34  GLN B CA  1 
ATOM   223  C  C   . GLN A 1 34  ? -3.668  8.465   -9.694  1.00 26.42 ? 34  GLN B C   1 
ATOM   224  O  O   . GLN A 1 34  ? -4.652  9.128   -10.000 1.00 26.89 ? 34  GLN B O   1 
ATOM   225  C  CB  . GLN A 1 34  ? -2.398  8.271   -11.834 1.00 27.36 ? 34  GLN B CB  1 
ATOM   226  C  CG  . GLN A 1 34  ? -1.130  7.605   -12.397 1.00 28.89 ? 34  GLN B CG  1 
ATOM   227  C  CD  . GLN A 1 34  ? -1.317  7.090   -13.818 1.00 30.82 ? 34  GLN B CD  1 
ATOM   228  O  OE1 . GLN A 1 34  ? -2.347  6.476   -14.123 1.00 33.60 ? 34  GLN B OE1 1 
ATOM   229  N  NE2 . GLN A 1 34  ? -0.333  7.338   -14.687 1.00 29.14 ? 34  GLN B NE2 1 
ATOM   230  N  N   . LEU A 1 35  ? -3.118  8.495   -8.490  1.00 26.14 ? 35  LEU B N   1 
ATOM   231  C  CA  . LEU A 1 35  ? -3.384  9.538   -7.511  1.00 25.84 ? 35  LEU B CA  1 
ATOM   232  C  C   . LEU A 1 35  ? -2.081  10.184  -7.024  1.00 25.60 ? 35  LEU B C   1 
ATOM   233  O  O   . LEU A 1 35  ? -0.990  9.671   -7.268  1.00 24.69 ? 35  LEU B O   1 
ATOM   234  C  CB  . LEU A 1 35  ? -4.122  8.952   -6.304  1.00 25.87 ? 35  LEU B CB  1 
ATOM   235  C  CG  . LEU A 1 35  ? -4.996  7.714   -6.509  1.00 25.54 ? 35  LEU B CG  1 
ATOM   236  C  CD1 . LEU A 1 35  ? -5.647  7.371   -5.174  1.00 25.35 ? 35  LEU B CD1 1 
ATOM   237  C  CD2 . LEU A 1 35  ? -6.046  7.915   -7.599  1.00 25.86 ? 35  LEU B CD2 1 
ATOM   238  N  N   . ASN A 1 36  ? -2.193  11.287  -6.292  1.00 25.69 ? 36  ASN B N   1 
ATOM   239  C  CA  . ASN A 1 36  ? -0.996  11.941  -5.792  1.00 25.84 ? 36  ASN B CA  1 
ATOM   240  C  C   . ASN A 1 36  ? -1.093  12.648  -4.432  1.00 25.92 ? 36  ASN B C   1 
ATOM   241  O  O   . ASN A 1 36  ? -2.138  12.697  -3.790  1.00 25.39 ? 36  ASN B O   1 
ATOM   242  C  CB  . ASN A 1 36  ? -0.367  12.849  -6.892  1.00 25.83 ? 36  ASN B CB  1 
ATOM   243  C  CG  . ASN A 1 36  ? -1.245  14.028  -7.293  1.00 26.21 ? 36  ASN B CG  1 
ATOM   244  O  OD1 . ASN A 1 36  ? -1.781  14.065  -8.406  1.00 26.57 ? 36  ASN B OD1 1 
ATOM   245  N  ND2 . ASN A 1 36  ? -1.342  15.024  -6.416  1.00 26.10 ? 36  ASN B ND2 1 
ATOM   246  N  N   . ASN A 1 37  ? 0.074   13.179  -4.064  1.00 26.62 ? 37  ASN B N   1 
ATOM   247  C  CA  . ASN A 1 37  ? 0.490   13.709  -2.762  1.00 26.73 ? 37  ASN B CA  1 
ATOM   248  C  C   . ASN A 1 37  ? -0.491  13.947  -1.604  1.00 26.63 ? 37  ASN B C   1 
ATOM   249  O  O   . ASN A 1 37  ? -1.660  14.280  -1.801  1.00 26.65 ? 37  ASN B O   1 
ATOM   250  C  CB  . ASN A 1 37  ? 1.338   14.982  -2.997  1.00 26.76 ? 37  ASN B CB  1 
ATOM   251  C  CG  . ASN A 1 37  ? 0.523   16.191  -3.463  1.00 27.36 ? 37  ASN B CG  1 
ATOM   252  O  OD1 . ASN A 1 37  ? -0.633  16.067  -3.889  1.00 27.97 ? 37  ASN B OD1 1 
ATOM   253  N  ND2 . ASN A 1 37  ? 1.138   17.379  -3.385  1.00 25.60 ? 37  ASN B ND2 1 
ATOM   254  N  N   . PRO A 1 38  ? 0.013   13.745  -0.386  1.00 26.52 ? 38  PRO B N   1 
ATOM   255  C  CA  . PRO A 1 38  ? -0.496  14.469  0.790   1.00 26.47 ? 38  PRO B CA  1 
ATOM   256  C  C   . PRO A 1 38  ? -0.344  15.998  0.591   1.00 26.49 ? 38  PRO B C   1 
ATOM   257  O  O   . PRO A 1 38  ? -1.236  16.800  0.875   1.00 26.38 ? 38  PRO B O   1 
ATOM   258  C  CB  . PRO A 1 38  ? 0.435   13.997  1.924   1.00 26.51 ? 38  PRO B CB  1 
ATOM   259  C  CG  . PRO A 1 38  ? 1.075   12.710  1.434   1.00 26.21 ? 38  PRO B CG  1 
ATOM   260  C  CD  . PRO A 1 38  ? 1.082   12.781  -0.038  1.00 26.47 ? 38  PRO B CD  1 
ATOM   261  N  N   . THR A 1 39  ? 0.809   16.344  0.026   1.00 26.37 ? 39  THR B N   1 
ATOM   262  C  CA  . THR A 1 39  ? 1.390   17.686  -0.050  1.00 26.17 ? 39  THR B CA  1 
ATOM   263  C  C   . THR A 1 39  ? 2.893   17.439  -0.109  1.00 26.00 ? 39  THR B C   1 
ATOM   264  O  O   . THR A 1 39  ? 3.655   18.284  -0.546  1.00 25.96 ? 39  THR B O   1 
ATOM   265  C  CB  . THR A 1 39  ? 1.061   18.549  1.178   1.00 26.15 ? 39  THR B CB  1 
ATOM   266  O  OG1 . THR A 1 39  ? -0.343  18.826  1.221   1.00 26.80 ? 39  THR B OG1 1 
ATOM   267  C  CG2 . THR A 1 39  ? 1.692   19.941  1.062   1.00 25.97 ? 39  THR B CG2 1 
ATOM   268  N  N   . CYS A 1 40  ? 3.288   16.251  0.353   1.00 25.89 ? 40  CYS B N   1 
ATOM   269  C  CA  . CYS A 1 40  ? 4.662   15.790  0.363   1.00 25.85 ? 40  CYS B CA  1 
ATOM   270  C  C   . CYS A 1 40  ? 5.277   15.657  -1.025  1.00 25.69 ? 40  CYS B C   1 
ATOM   271  O  O   . CYS A 1 40  ? 6.480   15.852  -1.195  1.00 25.71 ? 40  CYS B O   1 
ATOM   272  C  CB  . CYS A 1 40  ? 4.719   14.425  1.045   1.00 25.58 ? 40  CYS B CB  1 
ATOM   273  S  SG  . CYS A 1 40  ? 6.396   13.888  1.408   1.00 26.10 ? 40  CYS B SG  1 
ATOM   274  N  N   . GLY A 1 41  ? 4.457   15.279  -1.998  1.00 25.59 ? 41  GLY B N   1 
ATOM   275  C  CA  . GLY A 1 41  ? 4.886   15.138  -3.381  1.00 25.44 ? 41  GLY B CA  1 
ATOM   276  C  C   . GLY A 1 41  ? 4.988   13.685  -3.815  1.00 25.42 ? 41  GLY B C   1 
ATOM   277  O  O   . GLY A 1 41  ? 5.834   13.348  -4.643  1.00 26.00 ? 41  GLY B O   1 
ATOM   278  N  N   . ASP A 1 42  ? 4.130   12.825  -3.274  1.00 24.72 ? 42  ASP B N   1 
ATOM   279  C  CA  . ASP A 1 42  ? 4.136   11.426  -3.676  1.00 24.51 ? 42  ASP B CA  1 
ATOM   280  C  C   . ASP A 1 42  ? 3.198   11.258  -4.873  1.00 23.97 ? 42  ASP B C   1 
ATOM   281  O  O   . ASP A 1 42  ? 2.312   12.060  -5.062  1.00 23.71 ? 42  ASP B O   1 
ATOM   282  C  CB  . ASP A 1 42  ? 3.756   10.503  -2.508  1.00 24.40 ? 42  ASP B CB  1 
ATOM   283  C  CG  . ASP A 1 42  ? 4.497   10.848  -1.213  1.00 24.68 ? 42  ASP B CG  1 
ATOM   284  O  OD1 . ASP A 1 42  ? 3.855   10.846  -0.139  1.00 24.33 ? 42  ASP B OD1 1 
ATOM   285  O  OD2 . ASP A 1 42  ? 5.712   11.146  -1.173  1.00 25.91 ? 42  ASP B OD2 1 
ATOM   286  N  N   . VAL A 1 43  ? 3.448   10.261  -5.713  1.00 23.65 ? 43  VAL B N   1 
ATOM   287  C  CA  . VAL A 1 43  ? 2.576   9.935   -6.842  1.00 23.99 ? 43  VAL B CA  1 
ATOM   288  C  C   . VAL A 1 43  ? 2.635   8.425   -7.138  1.00 23.90 ? 43  VAL B C   1 
ATOM   289  O  O   . VAL A 1 43  ? 3.661   7.777   -6.921  1.00 24.58 ? 43  VAL B O   1 
ATOM   290  C  CB  . VAL A 1 43  ? 2.916   10.717  -8.142  1.00 24.14 ? 43  VAL B CB  1 
ATOM   291  C  CG1 . VAL A 1 43  ? 3.138   12.198  -7.879  1.00 24.45 ? 43  VAL B CG1 1 
ATOM   292  C  CG2 . VAL A 1 43  ? 4.137   10.136  -8.828  1.00 25.33 ? 43  VAL B CG2 1 
ATOM   293  N  N   . ILE A 1 44  ? 1.529   7.857   -7.607  1.00 22.93 ? 44  ILE B N   1 
ATOM   294  C  CA  . ILE A 1 44  ? 1.531   6.451   -7.950  1.00 22.64 ? 44  ILE B CA  1 
ATOM   295  C  C   . ILE A 1 44  ? 0.593   6.086   -9.094  1.00 22.25 ? 44  ILE B C   1 
ATOM   296  O  O   . ILE A 1 44  ? -0.515  6.558   -9.185  1.00 21.46 ? 44  ILE B O   1 
ATOM   297  C  CB  . ILE A 1 44  ? 1.207   5.599   -6.698  1.00 22.38 ? 44  ILE B CB  1 
ATOM   298  C  CG1 . ILE A 1 44  ? 1.345   4.110   -7.031  1.00 22.97 ? 44  ILE B CG1 1 
ATOM   299  C  CG2 . ILE A 1 44  ? -0.185  5.965   -6.157  1.00 22.54 ? 44  ILE B CG2 1 
ATOM   300  C  CD1 . ILE A 1 44  ? 1.399   3.233   -5.823  1.00 24.38 ? 44  ILE B CD1 1 
ATOM   301  N  N   . SER A 1 45  ? 1.079   5.212   -9.950  1.00 22.54 ? 45  SER B N   1 
ATOM   302  C  CA  . SER A 1 45  ? 0.325   4.661   -11.037 1.00 22.87 ? 45  SER B CA  1 
ATOM   303  C  C   . SER A 1 45  ? 0.252   3.212   -10.643 1.00 23.49 ? 45  SER B C   1 
ATOM   304  O  O   . SER A 1 45  ? 1.277   2.540   -10.563 1.00 24.00 ? 45  SER B O   1 
ATOM   305  C  CB  . SER A 1 45  ? 1.085   4.857   -12.344 1.00 22.82 ? 45  SER B CB  1 
ATOM   306  O  OG  . SER A 1 45  ? 0.399   4.331   -13.454 1.00 21.96 ? 45  SER B OG  1 
ATOM   307  N  N   . LEU A 1 46  ? -0.963  2.757   -10.365 1.00 23.71 ? 46  LEU B N   1 
ATOM   308  C  CA  . LEU A 1 46  ? -1.216  1.434   -9.857  1.00 23.92 ? 46  LEU B CA  1 
ATOM   309  C  C   . LEU A 1 46  ? -2.090  0.703   -10.877 1.00 24.03 ? 46  LEU B C   1 
ATOM   310  O  O   . LEU A 1 46  ? -3.299  0.919   -10.924 1.00 23.99 ? 46  LEU B O   1 
ATOM   311  C  CB  . LEU A 1 46  ? -1.938  1.564   -8.506  1.00 24.14 ? 46  LEU B CB  1 
ATOM   312  C  CG  . LEU A 1 46  ? -1.995  0.394   -7.506  1.00 25.01 ? 46  LEU B CG  1 
ATOM   313  C  CD1 . LEU A 1 46  ? -3.417  0.014   -7.193  1.00 24.75 ? 46  LEU B CD1 1 
ATOM   314  C  CD2 . LEU A 1 46  ? -1.202  -0.827  -7.962  1.00 26.02 ? 46  LEU B CD2 1 
ATOM   315  N  N   . THR A 1 47  ? -1.469  -0.126  -11.712 1.00 24.00 ? 47  THR B N   1 
ATOM   316  C  CA  . THR A 1 47  ? -2.204  -1.042  -12.583 1.00 23.87 ? 47  THR B CA  1 
ATOM   317  C  C   . THR A 1 47  ? -2.637  -2.279  -11.801 1.00 24.24 ? 47  THR B C   1 
ATOM   318  O  O   . THR A 1 47  ? -1.802  -2.931  -11.173 1.00 24.44 ? 47  THR B O   1 
ATOM   319  C  CB  . THR A 1 47  ? -1.341  -1.507  -13.759 1.00 23.64 ? 47  THR B CB  1 
ATOM   320  O  OG1 . THR A 1 47  ? -0.133  -2.094  -13.267 1.00 21.92 ? 47  THR B OG1 1 
ATOM   321  C  CG2 . THR A 1 47  ? -0.903  -0.333  -14.632 1.00 24.18 ? 47  THR B CG2 1 
ATOM   322  N  N   . VAL A 1 48  ? -3.923  -2.615  -11.844 1.00 24.35 ? 48  VAL B N   1 
ATOM   323  C  CA  . VAL A 1 48  ? -4.394  -3.835  -11.185 1.00 24.62 ? 48  VAL B CA  1 
ATOM   324  C  C   . VAL A 1 48  ? -5.153  -4.735  -12.152 1.00 24.68 ? 48  VAL B C   1 
ATOM   325  O  O   . VAL A 1 48  ? -6.059  -4.294  -12.875 1.00 24.38 ? 48  VAL B O   1 
ATOM   326  C  CB  . VAL A 1 48  ? -5.286  -3.545  -9.969  1.00 24.61 ? 48  VAL B CB  1 
ATOM   327  C  CG1 . VAL A 1 48  ? -5.705  -4.841  -9.293  1.00 24.80 ? 48  VAL B CG1 1 
ATOM   328  C  CG2 . VAL A 1 48  ? -4.555  -2.660  -8.977  1.00 24.93 ? 48  VAL B CG2 1 
ATOM   329  N  N   . LYS A 1 49  ? -4.769  -6.005  -12.137 1.00 24.75 ? 49  LYS B N   1 
ATOM   330  C  CA  . LYS A 1 49  ? -5.414  -7.043  -12.924 1.00 24.81 ? 49  LYS B CA  1 
ATOM   331  C  C   . LYS A 1 49  ? -6.347  -7.864  -12.031 1.00 24.73 ? 49  LYS B C   1 
ATOM   332  O  O   . LYS A 1 49  ? -5.980  -8.237  -10.919 1.00 24.68 ? 49  LYS B O   1 
ATOM   333  C  CB  . LYS A 1 49  ? -4.339  -7.944  -13.535 1.00 24.84 ? 49  LYS B CB  1 
ATOM   334  C  CG  . LYS A 1 49  ? -4.844  -9.001  -14.495 1.00 24.76 ? 49  LYS B CG  1 
ATOM   335  C  CD  . LYS A 1 49  ? -3.676  -9.756  -15.109 1.00 24.63 ? 49  LYS B CD  1 
ATOM   336  C  CE  . LYS A 1 49  ? -4.151  -10.925 -15.942 1.00 24.79 ? 49  LYS B CE  1 
ATOM   337  N  NZ  . LYS A 1 49  ? -4.987  -10.476 -17.088 1.00 24.87 ? 49  LYS B NZ  1 
ATOM   338  N  N   . PHE A 1 50  ? -7.557  -8.103  -12.518 1.00 24.75 ? 50  PHE B N   1 
ATOM   339  C  CA  . PHE A 1 50  ? -8.496  -9.042  -11.908 1.00 24.99 ? 50  PHE B CA  1 
ATOM   340  C  C   . PHE A 1 50  ? -8.837  -10.107 -12.953 1.00 24.98 ? 50  PHE B C   1 
ATOM   341  O  O   . PHE A 1 50  ? -9.148  -9.766  -14.098 1.00 25.01 ? 50  PHE B O   1 
ATOM   342  C  CB  . PHE A 1 50  ? -9.780  -8.329  -11.463 1.00 24.99 ? 50  PHE B CB  1 
ATOM   343  C  CG  . PHE A 1 50  ? -9.535  -7.026  -10.758 1.00 25.72 ? 50  PHE B CG  1 
ATOM   344  C  CD1 . PHE A 1 50  ? -9.310  -5.858  -11.488 1.00 25.60 ? 50  PHE B CD1 1 
ATOM   345  C  CD2 . PHE A 1 50  ? -9.516  -6.962  -9.361  1.00 26.03 ? 50  PHE B CD2 1 
ATOM   346  C  CE1 . PHE A 1 50  ? -9.078  -4.654  -10.844 1.00 25.64 ? 50  PHE B CE1 1 
ATOM   347  C  CE2 . PHE A 1 50  ? -9.277  -5.751  -8.707  1.00 25.64 ? 50  PHE B CE2 1 
ATOM   348  C  CZ  . PHE A 1 50  ? -9.060  -4.599  -9.445  1.00 25.68 ? 50  PHE B CZ  1 
ATOM   349  N  N   . ASP A 1 51  ? -8.752  -11.380 -12.575 1.00 24.92 ? 51  ASP B N   1 
ATOM   350  C  CA  . ASP A 1 51  ? -9.132  -12.476 -13.471 1.00 24.94 ? 51  ASP B CA  1 
ATOM   351  C  C   . ASP A 1 51  ? -10.536 -12.943 -13.120 1.00 24.83 ? 51  ASP B C   1 
ATOM   352  O  O   . ASP A 1 51  ? -11.368 -13.159 -14.003 1.00 24.80 ? 51  ASP B O   1 
ATOM   353  C  CB  . ASP A 1 51  ? -8.105  -13.622 -13.413 1.00 25.00 ? 51  ASP B CB  1 
ATOM   354  C  CG  . ASP A 1 51  ? -8.608  -14.844 -12.664 1.00 24.70 ? 51  ASP B CG  1 
ATOM   355  O  OD1 . ASP A 1 51  ? -9.198  -15.736 -13.305 1.00 24.51 ? 51  ASP B OD1 1 
ATOM   356  O  OD2 . ASP A 1 51  ? -8.449  -15.000 -11.437 1.00 24.56 ? 51  ASP B OD2 1 
ATOM   357  N  N   . GLU A 1 52  ? -10.780 -13.089 -11.822 1.00 24.72 ? 52  GLU B N   1 
ATOM   358  C  CA  . GLU A 1 52  ? -12.099 -13.373 -11.283 1.00 24.63 ? 52  GLU B CA  1 
ATOM   359  C  C   . GLU A 1 52  ? -12.515 -12.073 -10.580 1.00 24.60 ? 52  GLU B C   1 
ATOM   360  O  O   . GLU A 1 52  ? -12.183 -10.972 -11.046 1.00 24.29 ? 52  GLU B O   1 
ATOM   361  C  CB  . GLU A 1 52  ? -12.008 -14.566 -10.313 1.00 24.50 ? 52  GLU B CB  1 
ATOM   362  C  CG  . GLU A 1 52  ? -13.309 -15.317 -10.074 1.00 24.43 ? 52  GLU B CG  1 
ATOM   363  C  CD  . GLU A 1 52  ? -13.569 -16.419 -11.086 1.00 24.24 ? 52  GLU B CD  1 
ATOM   364  O  OE1 . GLU A 1 52  ? -14.622 -17.077 -10.972 1.00 23.33 ? 52  GLU B OE1 1 
ATOM   365  O  OE2 . GLU A 1 52  ? -12.735 -16.628 -11.992 1.00 24.15 ? 52  GLU B OE2 1 
ATOM   366  N  N   . ASP A 1 53  ? -13.235 -12.199 -9.466  1.00 24.62 ? 53  ASP B N   1 
ATOM   367  C  CA  . ASP A 1 53  ? -13.428 -11.092 -8.538  1.00 24.53 ? 53  ASP B CA  1 
ATOM   368  C  C   . ASP A 1 53  ? -12.106 -10.798 -7.798  1.00 24.43 ? 53  ASP B C   1 
ATOM   369  O  O   . ASP A 1 53  ? -11.929 -9.722  -7.231  1.00 24.15 ? 53  ASP B O   1 
ATOM   370  C  CB  . ASP A 1 53  ? -14.554 -11.440 -7.546  1.00 24.47 ? 53  ASP B CB  1 
ATOM   371  C  CG  . ASP A 1 53  ? -15.209 -10.209 -6.941  1.00 24.42 ? 53  ASP B CG  1 
ATOM   372  O  OD1 . ASP A 1 53  ? -15.545 -10.251 -5.738  1.00 24.27 ? 53  ASP B OD1 1 
ATOM   373  O  OD2 . ASP A 1 53  ? -15.425 -9.157  -7.589  1.00 23.66 ? 53  ASP B OD2 1 
ATOM   374  N  N   . LYS A 1 54  ? -11.187 -11.764 -7.817  1.00 24.43 ? 54  LYS B N   1 
ATOM   375  C  CA  . LYS A 1 54  ? -9.894  -11.636 -7.157  1.00 24.69 ? 54  LYS B CA  1 
ATOM   376  C  C   . LYS A 1 54  ? -8.901  -10.785 -7.950  1.00 24.66 ? 54  LYS B C   1 
ATOM   377  O  O   . LYS A 1 54  ? -9.159  -10.401 -9.089  1.00 24.54 ? 54  LYS B O   1 
ATOM   378  C  CB  . LYS A 1 54  ? -9.297  -13.028 -6.902  1.00 24.85 ? 54  LYS B CB  1 
ATOM   379  C  CG  . LYS A 1 54  ? -8.563  -13.657 -8.097  1.00 25.08 ? 54  LYS B CG  1 
ATOM   380  C  CD  . LYS A 1 54  ? -7.428  -14.563 -7.634  1.00 25.54 ? 54  LYS B CD  1 
ATOM   381  C  CE  . LYS A 1 54  ? -6.761  -15.281 -8.799  1.00 25.57 ? 54  LYS B CE  1 
ATOM   382  N  NZ  . LYS A 1 54  ? -7.598  -16.414 -9.321  1.00 26.42 ? 54  LYS B NZ  1 
ATOM   383  N  N   . ILE A 1 55  ? -7.758  -10.511 -7.328  1.00 24.71 ? 55  ILE B N   1 
ATOM   384  C  CA  . ILE A 1 55  ? -6.677  -9.760  -7.958  1.00 24.72 ? 55  ILE B CA  1 
ATOM   385  C  C   . ILE A 1 55  ? -5.642  -10.759 -8.500  1.00 24.97 ? 55  ILE B C   1 
ATOM   386  O  O   . ILE A 1 55  ? -4.882  -11.359 -7.744  1.00 24.92 ? 55  ILE B O   1 
ATOM   387  C  CB  . ILE A 1 55  ? -6.059  -8.742  -6.955  1.00 24.54 ? 55  ILE B CB  1 
ATOM   388  C  CG1 . ILE A 1 55  ? -7.058  -7.614  -6.668  1.00 24.12 ? 55  ILE B CG1 1 
ATOM   389  C  CG2 . ILE A 1 55  ? -4.752  -8.156  -7.482  1.00 24.66 ? 55  ILE B CG2 1 
ATOM   390  C  CD1 . ILE A 1 55  ? -6.778  -6.829  -5.399  1.00 23.07 ? 55  ILE B CD1 1 
ATOM   391  N  N   . GLU A 1 56  ? -5.663  -10.964 -9.817  1.00 25.19 ? 56  GLU B N   1 
ATOM   392  C  CA  . GLU A 1 56  ? -4.677  -11.797 -10.511 1.00 25.16 ? 56  GLU B CA  1 
ATOM   393  C  C   . GLU A 1 56  ? -3.275  -11.250 -10.245 1.00 24.78 ? 56  GLU B C   1 
ATOM   394  O  O   . GLU A 1 56  ? -2.418  -11.951 -9.708  1.00 24.47 ? 56  GLU B O   1 
ATOM   395  C  CB  . GLU A 1 56  ? -4.962  -11.819 -12.029 1.00 25.43 ? 56  GLU B CB  1 
ATOM   396  C  CG  . GLU A 1 56  ? -4.786  -13.172 -12.728 1.00 26.06 ? 56  GLU B CG  1 
ATOM   397  C  CD  . GLU A 1 56  ? -3.350  -13.495 -13.125 1.00 26.93 ? 56  GLU B CD  1 
ATOM   398  O  OE1 . GLU A 1 56  ? -2.496  -12.573 -13.165 1.00 26.96 ? 56  GLU B OE1 1 
ATOM   399  O  OE2 . GLU A 1 56  ? -3.080  -14.686 -13.418 1.00 27.39 ? 56  GLU B OE2 1 
ATOM   400  N  N   . ASP A 1 57  ? -3.060  -9.991  -10.618 1.00 24.48 ? 57  ASP B N   1 
ATOM   401  C  CA  . ASP A 1 57  ? -1.757  -9.346  -10.453 1.00 24.58 ? 57  ASP B CA  1 
ATOM   402  C  C   . ASP A 1 57  ? -1.871  -7.828  -10.228 1.00 24.48 ? 57  ASP B C   1 
ATOM   403  O  O   . ASP A 1 57  ? -2.914  -7.219  -10.498 1.00 24.53 ? 57  ASP B O   1 
ATOM   404  C  CB  . ASP A 1 57  ? -0.844  -9.656  -11.658 1.00 24.45 ? 57  ASP B CB  1 
ATOM   405  C  CG  . ASP A 1 57  ? 0.651   -9.624  -11.301 1.00 24.42 ? 57  ASP B CG  1 
ATOM   406  O  OD1 . ASP A 1 57  ? 1.473   -9.321  -12.198 1.00 24.49 ? 57  ASP B OD1 1 
ATOM   407  O  OD2 . ASP A 1 57  ? 1.101   -9.879  -10.159 1.00 23.60 ? 57  ASP B OD2 1 
ATOM   408  N  N   . ILE A 1 58  ? -0.780  -7.243  -9.731  1.00 24.26 ? 58  ILE B N   1 
ATOM   409  C  CA  . ILE A 1 58  ? -0.714  -5.825  -9.371  1.00 23.98 ? 58  ILE B CA  1 
ATOM   410  C  C   . ILE A 1 58  ? 0.709   -5.274  -9.511  1.00 24.30 ? 58  ILE B C   1 
ATOM   411  O  O   . ILE A 1 58  ? 1.691   -5.997  -9.313  1.00 23.97 ? 58  ILE B O   1 
ATOM   412  C  CB  . ILE A 1 58  ? -1.233  -5.628  -7.926  1.00 24.02 ? 58  ILE B CB  1 
ATOM   413  C  CG1 . ILE A 1 58  ? -1.401  -4.154  -7.591  1.00 22.70 ? 58  ILE B CG1 1 
ATOM   414  C  CG2 . ILE A 1 58  ? -0.341  -6.355  -6.887  1.00 23.45 ? 58  ILE B CG2 1 
ATOM   415  C  CD1 . ILE A 1 58  ? -2.258  -3.944  -6.356  1.00 22.40 ? 58  ILE B CD1 1 
ATOM   416  N  N   . ALA A 1 59  ? 0.796   -3.990  -9.855  1.00 24.40 ? 59  ALA B N   1 
ATOM   417  C  CA  . ALA A 1 59  ? 2.063   -3.318  -10.097 1.00 24.87 ? 59  ALA B CA  1 
ATOM   418  C  C   . ALA A 1 59  ? 1.923   -1.813  -9.912  1.00 25.16 ? 59  ALA B C   1 
ATOM   419  O  O   . ALA A 1 59  ? 0.855   -1.236  -10.169 1.00 25.21 ? 59  ALA B O   1 
ATOM   420  C  CB  . ALA A 1 59  ? 2.565   -3.620  -11.505 1.00 25.06 ? 59  ALA B CB  1 
ATOM   421  N  N   . PHE A 1 60  ? 3.010   -1.184  -9.472  1.00 25.23 ? 60  PHE B N   1 
ATOM   422  C  CA  . PHE A 1 60  ? 3.013   0.249   -9.222  1.00 25.42 ? 60  PHE B CA  1 
ATOM   423  C  C   . PHE A 1 60  ? 4.341   0.952   -9.526  1.00 25.92 ? 60  PHE B C   1 
ATOM   424  O  O   . PHE A 1 60  ? 5.429   0.362   -9.528  1.00 25.59 ? 60  PHE B O   1 
ATOM   425  C  CB  . PHE A 1 60  ? 2.594   0.564   -7.788  1.00 25.40 ? 60  PHE B CB  1 
ATOM   426  C  CG  . PHE A 1 60  ? 3.741   0.619   -6.837  1.00 25.17 ? 60  PHE B CG  1 
ATOM   427  C  CD1 . PHE A 1 60  ? 4.362   1.833   -6.549  1.00 24.71 ? 60  PHE B CD1 1 
ATOM   428  C  CD2 . PHE A 1 60  ? 4.230   -0.558  -6.253  1.00 24.60 ? 60  PHE B CD2 1 
ATOM   429  C  CE1 . PHE A 1 60  ? 5.449   1.885   -5.701  1.00 23.80 ? 60  PHE B CE1 1 
ATOM   430  C  CE2 . PHE A 1 60  ? 5.298   -0.520  -5.406  1.00 22.84 ? 60  PHE B CE2 1 
ATOM   431  C  CZ  . PHE A 1 60  ? 5.917   0.703   -5.124  1.00 24.46 ? 60  PHE B CZ  1 
ATOM   432  N  N   . ALA A 1 61  ? 4.206   2.248   -9.756  1.00 26.04 ? 61  ALA B N   1 
ATOM   433  C  CA  . ALA A 1 61  ? 5.318   3.097   -10.085 1.00 26.53 ? 61  ALA B CA  1 
ATOM   434  C  C   . ALA A 1 61  ? 4.973   4.514   -9.659  1.00 27.08 ? 61  ALA B C   1 
ATOM   435  O  O   . ALA A 1 61  ? 3.804   4.892   -9.617  1.00 27.60 ? 61  ALA B O   1 
ATOM   436  C  CB  . ALA A 1 61  ? 5.592   3.037   -11.569 1.00 26.59 ? 61  ALA B CB  1 
ATOM   437  N  N   . GLY A 1 62  ? 5.985   5.301   -9.335  1.00 27.59 ? 62  GLY B N   1 
ATOM   438  C  CA  . GLY A 1 62  ? 5.751   6.678   -8.950  1.00 28.02 ? 62  GLY B CA  1 
ATOM   439  C  C   . GLY A 1 62  ? 6.959   7.330   -8.316  1.00 28.50 ? 62  GLY B C   1 
ATOM   440  O  O   . GLY A 1 62  ? 8.094   7.092   -8.727  1.00 28.76 ? 62  GLY B O   1 
ATOM   441  N  N   . ASN A 1 63  ? 6.715   8.172   -7.321  1.00 28.83 ? 63  ASN B N   1 
ATOM   442  C  CA  . ASN A 1 63  ? 7.791   8.923   -6.688  1.00 29.16 ? 63  ASN B CA  1 
ATOM   443  C  C   . ASN A 1 63  ? 7.330   9.410   -5.343  1.00 28.97 ? 63  ASN B C   1 
ATOM   444  O  O   . ASN A 1 63  ? 6.368   10.170  -5.263  1.00 29.19 ? 63  ASN B O   1 
ATOM   445  C  CB  . ASN A 1 63  ? 8.187   10.117  -7.538  1.00 29.28 ? 63  ASN B CB  1 
ATOM   446  C  CG  . ASN A 1 63  ? 8.758   11.269  -6.712  1.00 30.95 ? 63  ASN B CG  1 
ATOM   447  O  OD1 . ASN A 1 63  ? 9.960   11.300  -6.402  1.00 32.24 ? 63  ASN B OD1 1 
ATOM   448  N  ND2 . ASN A 1 63  ? 7.897   12.229  -6.363  1.00 32.02 ? 63  ASN B ND2 1 
ATOM   449  N  N   . GLY A 1 64  ? 8.015   8.981   -4.293  1.00 28.30 ? 64  GLY B N   1 
ATOM   450  C  CA  . GLY A 1 64  ? 7.708   9.476   -2.970  1.00 27.66 ? 64  GLY B CA  1 
ATOM   451  C  C   . GLY A 1 64  ? 8.803   9.314   -1.941  1.00 26.84 ? 64  GLY B C   1 
ATOM   452  O  O   . GLY A 1 64  ? 9.859   8.741   -2.207  1.00 25.34 ? 64  GLY B O   1 
ATOM   453  N  N   . CYS A 1 65  ? 8.504   9.850   -0.759  1.00 26.66 ? 65  CYS B N   1 
ATOM   454  C  CA  . CYS A 1 65  ? 9.281   9.625   0.444   1.00 26.66 ? 65  CYS B CA  1 
ATOM   455  C  C   . CYS A 1 65  ? 9.455   8.128   0.741   1.00 26.39 ? 65  CYS B C   1 
ATOM   456  O  O   . CYS A 1 65  ? 8.787   7.281   0.147   1.00 26.44 ? 65  CYS B O   1 
ATOM   457  C  CB  . CYS A 1 65  ? 8.659   10.388  1.636   1.00 26.21 ? 65  CYS B CB  1 
ATOM   458  S  SG  . CYS A 1 65  ? 7.135   9.737   2.359   1.00 26.69 ? 65  CYS B SG  1 
ATOM   459  N  N   . THR A 1 66  ? 10.385  7.815   1.636   1.00 26.15 ? 66  THR B N   1 
ATOM   460  C  CA  . THR A 1 66  ? 10.616  6.440   2.059   1.00 25.78 ? 66  THR B CA  1 
ATOM   461  C  C   . THR A 1 66  ? 9.335   5.779   2.505   1.00 25.46 ? 66  THR B C   1 
ATOM   462  O  O   . THR A 1 66  ? 9.046   4.650   2.121   1.00 26.35 ? 66  THR B O   1 
ATOM   463  C  CB  . THR A 1 66  ? 11.608  6.417   3.214   1.00 25.39 ? 66  THR B CB  1 
ATOM   464  O  OG1 . THR A 1 66  ? 12.890  6.774   2.727   1.00 26.52 ? 66  THR B OG1 1 
ATOM   465  C  CG2 . THR A 1 66  ? 11.808  4.988   3.746   1.00 27.07 ? 66  THR B CG2 1 
ATOM   466  N  N   . ILE A 1 67  ? 8.576   6.486   3.337   1.00 25.06 ? 67  ILE B N   1 
ATOM   467  C  CA  . ILE A 1 67  ? 7.361   5.950   3.944   1.00 24.40 ? 67  ILE B CA  1 
ATOM   468  C  C   . ILE A 1 67  ? 6.366   5.539   2.870   1.00 23.86 ? 67  ILE B C   1 
ATOM   469  O  O   . ILE A 1 67  ? 5.796   4.462   2.927   1.00 23.95 ? 67  ILE B O   1 
ATOM   470  C  CB  . ILE A 1 67  ? 6.697   7.013   4.838   1.00 24.95 ? 67  ILE B CB  1 
ATOM   471  C  CG1 . ILE A 1 67  ? 7.631   7.456   5.983   1.00 25.06 ? 67  ILE B CG1 1 
ATOM   472  C  CG2 . ILE A 1 67  ? 5.298   6.520   5.331   1.00 23.92 ? 67  ILE B CG2 1 
ATOM   473  C  CD1 . ILE A 1 67  ? 7.935   6.398   6.981   1.00 28.28 ? 67  ILE B CD1 1 
ATOM   474  N  N   . SER A 1 68  ? 6.189   6.405   1.880   1.00 23.48 ? 68  SER B N   1 
ATOM   475  C  CA  . SER A 1 68  ? 5.136   6.247   0.877   1.00 22.82 ? 68  SER B CA  1 
ATOM   476  C  C   . SER A 1 68  ? 5.441   5.140   -0.107  1.00 21.98 ? 68  SER B C   1 
ATOM   477  O  O   . SER A 1 68  ? 4.562   4.426   -0.513  1.00 21.91 ? 68  SER B O   1 
ATOM   478  C  CB  . SER A 1 68  ? 4.983   7.538   0.094   1.00 23.09 ? 68  SER B CB  1 
ATOM   479  O  OG  . SER A 1 68  ? 3.889   7.406   -0.777  1.00 24.92 ? 68  SER B OG  1 
ATOM   480  N  N   . THR A 1 69  ? 6.700   5.015   -0.495  1.00 21.15 ? 69  THR B N   1 
ATOM   481  C  CA  . THR A 1 69  ? 7.141   3.940   -1.369  1.00 20.88 ? 69  THR B CA  1 
ATOM   482  C  C   . THR A 1 69  ? 7.049   2.604   -0.656  1.00 20.88 ? 69  THR B C   1 
ATOM   483  O  O   . THR A 1 69  ? 6.493   1.636   -1.194  1.00 20.30 ? 69  THR B O   1 
ATOM   484  C  CB  . THR A 1 69  ? 8.617   4.180   -1.776  1.00 20.98 ? 69  THR B CB  1 
ATOM   485  O  OG1 . THR A 1 69  ? 8.718   5.428   -2.470  1.00 21.42 ? 69  THR B OG1 1 
ATOM   486  C  CG2 . THR A 1 69  ? 9.096   3.152   -2.794  1.00 20.86 ? 69  THR B CG2 1 
ATOM   487  N  N   . ALA A 1 70  ? 7.627   2.554   0.547   1.00 20.46 ? 70  ALA B N   1 
ATOM   488  C  CA  . ALA A 1 70  ? 7.526   1.371   1.376   1.00 20.86 ? 70  ALA B CA  1 
ATOM   489  C  C   . ALA A 1 70  ? 6.066   0.923   1.424   1.00 20.38 ? 70  ALA B C   1 
ATOM   490  O  O   . ALA A 1 70  ? 5.761   -0.193  1.106   1.00 20.37 ? 70  ALA B O   1 
ATOM   491  C  CB  . ALA A 1 70  ? 8.055   1.631   2.767   1.00 20.70 ? 70  ALA B CB  1 
ATOM   492  N  N   . SER A 1 71  ? 5.171   1.832   1.768   1.00 20.99 ? 71  SER B N   1 
ATOM   493  C  CA  . SER A 1 71  ? 3.755   1.505   1.984   1.00 20.58 ? 71  SER B CA  1 
ATOM   494  C  C   . SER A 1 71  ? 3.072   1.001   0.711   1.00 21.26 ? 71  SER B C   1 
ATOM   495  O  O   . SER A 1 71  ? 2.243   0.110   0.773   1.00 20.88 ? 71  SER B O   1 
ATOM   496  C  CB  . SER A 1 71  ? 3.022   2.729   2.501   1.00 20.40 ? 71  SER B CB  1 
ATOM   497  O  OG  . SER A 1 71  ? 1.740   2.367   2.934   1.00 21.18 ? 71  SER B OG  1 
ATOM   498  N  N   . SER A 1 72  ? 3.457   1.540   -0.454  1.00 21.10 ? 72  SER B N   1 
ATOM   499  C  CA  . SER A 1 72  ? 2.924   1.042   -1.702  1.00 21.15 ? 72  SER B CA  1 
ATOM   500  C  C   . SER A 1 72  ? 3.380   -0.377  -1.940  1.00 21.73 ? 72  SER B C   1 
ATOM   501  O  O   . SER A 1 72  ? 2.588   -1.261  -2.296  1.00 21.98 ? 72  SER B O   1 
ATOM   502  C  CB  . SER A 1 72  ? 3.361   1.940   -2.849  1.00 21.28 ? 72  SER B CB  1 
ATOM   503  O  OG  . SER A 1 72  ? 2.913   3.261   -2.604  1.00 21.57 ? 72  SER B OG  1 
ATOM   504  N  N   . SER A 1 73  ? 4.661   -0.612  -1.712  1.00 22.28 ? 73  SER B N   1 
ATOM   505  C  CA  . SER A 1 73  ? 5.244   -1.908  -1.971  1.00 22.20 ? 73  SER B CA  1 
ATOM   506  C  C   . SER A 1 73  ? 4.580   -2.948  -1.075  1.00 22.26 ? 73  SER B C   1 
ATOM   507  O  O   . SER A 1 73  ? 4.142   -4.002  -1.532  1.00 22.51 ? 73  SER B O   1 
ATOM   508  C  CB  . SER A 1 73  ? 6.754   -1.816  -1.766  1.00 22.13 ? 73  SER B CB  1 
ATOM   509  O  OG  . SER A 1 73  ? 7.343   -3.083  -1.752  1.00 21.91 ? 73  SER B OG  1 
ATOM   510  N  N   . MET A 1 74  ? 4.463   -2.632  0.200   1.00 22.88 ? 74  MET B N   1 
ATOM   511  C  CA  . MET A 1 74  ? 3.833   -3.544  1.159   1.00 23.59 ? 74  MET B CA  1 
ATOM   512  C  C   . MET A 1 74  ? 2.328   -3.769  0.879   1.00 23.44 ? 74  MET B C   1 
ATOM   513  O  O   . MET A 1 74  ? 1.797   -4.866  1.048   1.00 23.62 ? 74  MET B O   1 
ATOM   514  C  CB  . MET A 1 74  ? 4.031   -2.993  2.564   1.00 24.05 ? 74  MET B CB  1 
ATOM   515  C  CG  . MET A 1 74  ? 5.487   -2.931  3.030   1.00 26.21 ? 74  MET B CG  1 
ATOM   516  S  SD  . MET A 1 74  ? 5.684   -1.646  4.534   1.00 35.61 ? 74  MET B SD  1 
ATOM   517  C  CE  . MET A 1 74  ? 7.373   -2.292  5.358   1.00 30.13 ? 74  MET B CE  1 
ATOM   518  N  N   . MET A 1 75  ? 1.638   -2.726  0.447   1.00 23.87 ? 75  MET B N   1 
ATOM   519  C  CA  . MET A 1 75  ? 0.240   -2.845  0.043   1.00 24.33 ? 75  MET B CA  1 
ATOM   520  C  C   . MET A 1 75  ? 0.065   -3.937  -1.039  1.00 23.72 ? 75  MET B C   1 
ATOM   521  O  O   . MET A 1 75  ? -0.838  -4.762  -0.934  1.00 23.59 ? 75  MET B O   1 
ATOM   522  C  CB  . MET A 1 75  ? -0.268  -1.493  -0.437  1.00 24.95 ? 75  MET B CB  1 
ATOM   523  C  CG  . MET A 1 75  ? -1.728  -1.478  -0.882  1.00 27.62 ? 75  MET B CG  1 
ATOM   524  S  SD  . MET A 1 75  ? -1.933  -2.058  -2.748  1.00 35.36 ? 75  MET B SD  1 
ATOM   525  C  CE  . MET A 1 75  ? -0.943  -0.603  -3.709  1.00 28.31 ? 75  MET B CE  1 
ATOM   526  N  N   . THR A 1 76  ? 0.947   -3.974  -2.037  1.00 23.00 ? 76  THR B N   1 
ATOM   527  C  CA  . THR A 1 76  ? 0.837   -4.952  -3.120  1.00 22.99 ? 76  THR B CA  1 
ATOM   528  C  C   . THR A 1 76  ? 0.960   -6.373  -2.595  1.00 22.94 ? 76  THR B C   1 
ATOM   529  O  O   . THR A 1 76  ? 0.243   -7.257  -3.031  1.00 22.70 ? 76  THR B O   1 
ATOM   530  C  CB  . THR A 1 76  ? 1.926   -4.762  -4.221  1.00 23.10 ? 76  THR B CB  1 
ATOM   531  O  OG1 . THR A 1 76  ? 3.230   -5.069  -3.699  1.00 23.54 ? 76  THR B OG1 1 
ATOM   532  C  CG2 . THR A 1 76  ? 2.004   -3.320  -4.715  1.00 22.95 ? 76  THR B CG2 1 
ATOM   533  N  N   . ASP A 1 77  ? 1.894   -6.591  -1.683  1.00 22.83 ? 77  ASP B N   1 
ATOM   534  C  CA  . ASP A 1 77  ? 2.080   -7.896  -1.112  1.00 23.10 ? 77  ASP B CA  1 
ATOM   535  C  C   . ASP A 1 77  ? 0.795   -8.321  -0.393  1.00 23.87 ? 77  ASP B C   1 
ATOM   536  O  O   . ASP A 1 77  ? 0.406   -9.491  -0.443  1.00 24.05 ? 77  ASP B O   1 
ATOM   537  C  CB  . ASP A 1 77  ? 3.212   -7.878  -0.087  1.00 23.07 ? 77  ASP B CB  1 
ATOM   538  C  CG  . ASP A 1 77  ? 4.596   -7.937  -0.701  1.00 21.91 ? 77  ASP B CG  1 
ATOM   539  O  OD1 . ASP A 1 77  ? 4.761   -8.045  -1.929  1.00 18.93 ? 77  ASP B OD1 1 
ATOM   540  O  OD2 . ASP A 1 77  ? 5.603   -7.890  0.025   1.00 23.00 ? 77  ASP B OD2 1 
ATOM   541  N  N   . ALA A 1 78  ? 0.156   -7.367  0.283   1.00 24.30 ? 78  ALA B N   1 
ATOM   542  C  CA  . ALA A 1 78  ? -0.965  -7.660  1.185   1.00 24.32 ? 78  ALA B CA  1 
ATOM   543  C  C   . ALA A 1 78  ? -2.267  -7.963  0.477   1.00 24.68 ? 78  ALA B C   1 
ATOM   544  O  O   . ALA A 1 78  ? -3.149  -8.587  1.062   1.00 25.59 ? 78  ALA B O   1 
ATOM   545  C  CB  . ALA A 1 78  ? -1.200  -6.488  2.149   1.00 23.89 ? 78  ALA B CB  1 
ATOM   546  N  N   . VAL A 1 79  ? -2.409  -7.497  -0.753  1.00 24.98 ? 79  VAL B N   1 
ATOM   547  C  CA  . VAL A 1 79  ? -3.696  -7.527  -1.432  1.00 25.30 ? 79  VAL B CA  1 
ATOM   548  C  C   . VAL A 1 79  ? -3.742  -8.495  -2.614  1.00 25.69 ? 79  VAL B C   1 
ATOM   549  O  O   . VAL A 1 79  ? -4.822  -8.808  -3.124  1.00 25.21 ? 79  VAL B O   1 
ATOM   550  C  CB  . VAL A 1 79  ? -4.105  -6.110  -1.912  1.00 25.32 ? 79  VAL B CB  1 
ATOM   551  C  CG1 . VAL A 1 79  ? -4.114  -5.140  -0.738  1.00 25.79 ? 79  VAL B CG1 1 
ATOM   552  C  CG2 . VAL A 1 79  ? -3.216  -5.620  -3.033  1.00 24.12 ? 79  VAL B CG2 1 
ATOM   553  N  N   . ILE A 1 80  ? -2.572  -8.953  -3.044  1.00 26.42 ? 80  ILE B N   1 
ATOM   554  C  CA  . ILE A 1 80  ? -2.464  -9.746  -4.250  1.00 26.98 ? 80  ILE B CA  1 
ATOM   555  C  C   . ILE A 1 80  ? -3.282  -11.016 -4.058  1.00 27.42 ? 80  ILE B C   1 
ATOM   556  O  O   . ILE A 1 80  ? -3.028  -11.822 -3.154  1.00 27.76 ? 80  ILE B O   1 
ATOM   557  C  CB  . ILE A 1 80  ? -0.955  -10.009 -4.620  1.00 26.94 ? 80  ILE B CB  1 
ATOM   558  C  CG1 . ILE A 1 80  ? -0.791  -10.393 -6.099  1.00 26.46 ? 80  ILE B CG1 1 
ATOM   559  C  CG2 . ILE A 1 80  ? -0.306  -11.034 -3.705  1.00 27.59 ? 80  ILE B CG2 1 
ATOM   560  C  CD1 . ILE A 1 80  ? -1.724  -11.442 -6.590  1.00 26.79 ? 80  ILE B CD1 1 
ATOM   561  N  N   . GLY A 1 81  ? -4.303  -11.144 -4.901  1.00 27.87 ? 81  GLY B N   1 
ATOM   562  C  CA  . GLY A 1 81  ? -5.156  -12.312 -4.949  1.00 27.95 ? 81  GLY B CA  1 
ATOM   563  C  C   . GLY A 1 81  ? -6.229  -12.304 -3.900  1.00 28.20 ? 81  GLY B C   1 
ATOM   564  O  O   . GLY A 1 81  ? -6.524  -13.371 -3.353  1.00 29.26 ? 81  GLY B O   1 
ATOM   565  N  N   . LYS A 1 82  ? -6.848  -11.145 -3.641  1.00 27.96 ? 82  LYS B N   1 
ATOM   566  C  CA  . LYS A 1 82  ? -7.805  -11.043 -2.531  1.00 27.71 ? 82  LYS B CA  1 
ATOM   567  C  C   . LYS A 1 82  ? -9.267  -10.920 -2.961  1.00 27.59 ? 82  LYS B C   1 
ATOM   568  O  O   . LYS A 1 82  ? -9.954  -11.942 -3.021  1.00 28.53 ? 82  LYS B O   1 
ATOM   569  C  CB  . LYS A 1 82  ? -7.410  -9.917  -1.568  1.00 27.66 ? 82  LYS B CB  1 
ATOM   570  C  CG  . LYS A 1 82  ? -6.189  -10.248 -0.712  1.00 27.02 ? 82  LYS B CG  1 
ATOM   571  C  CD  . LYS A 1 82  ? -6.521  -11.244 0.390   1.00 26.18 ? 82  LYS B CD  1 
ATOM   572  C  CE  . LYS A 1 82  ? -5.368  -11.430 1.349   1.00 25.36 ? 82  LYS B CE  1 
ATOM   573  N  NZ  . LYS A 1 82  ? -4.226  -12.068 0.666   1.00 25.70 ? 82  LYS B NZ  1 
ATOM   574  N  N   . SER A 1 83  ? -9.756  -9.713  -3.245  1.00 27.02 ? 83  SER B N   1 
ATOM   575  C  CA  . SER A 1 83  ? -11.189 -9.498  -3.512  1.00 26.56 ? 83  SER B CA  1 
ATOM   576  C  C   . SER A 1 83  ? -11.545 -8.033  -3.321  1.00 26.10 ? 83  SER B C   1 
ATOM   577  O  O   . SER A 1 83  ? -11.096 -7.409  -2.362  1.00 25.87 ? 83  SER B O   1 
ATOM   578  C  CB  . SER A 1 83  ? -12.082 -10.414 -2.607  1.00 26.80 ? 83  SER B CB  1 
ATOM   579  O  OG  . SER A 1 83  ? -13.247 -9.786  -2.094  1.00 26.52 ? 83  SER B OG  1 
ATOM   580  N  N   . LYS A 1 84  ? -12.358 -7.483  -4.221  1.00 25.73 ? 84  LYS B N   1 
ATOM   581  C  CA  . LYS A 1 84  ? -12.857 -6.116  -4.054  1.00 25.64 ? 84  LYS B CA  1 
ATOM   582  C  C   . LYS A 1 84  ? -13.043 -5.849  -2.563  1.00 25.21 ? 84  LYS B C   1 
ATOM   583  O  O   . LYS A 1 84  ? -12.494 -4.885  -2.017  1.00 25.17 ? 84  LYS B O   1 
ATOM   584  C  CB  . LYS A 1 84  ? -14.186 -5.859  -4.826  1.00 25.88 ? 84  LYS B CB  1 
ATOM   585  C  CG  . LYS A 1 84  ? -15.533 -6.396  -4.187  1.00 26.91 ? 84  LYS B CG  1 
ATOM   586  C  CD  . LYS A 1 84  ? -16.737 -6.043  -5.055  1.00 27.62 ? 84  LYS B CD  1 
ATOM   587  C  CE  . LYS A 1 84  ? -18.053 -6.317  -4.351  1.00 28.47 ? 84  LYS B CE  1 
ATOM   588  N  NZ  . LYS A 1 84  ? -19.239 -6.205  -5.270  1.00 28.05 ? 84  LYS B NZ  1 
ATOM   589  N  N   . GLU A 1 85  ? -13.775 -6.751  -1.911  1.00 24.37 ? 85  GLU B N   1 
ATOM   590  C  CA  . GLU A 1 85  ? -14.167 -6.578  -0.528  1.00 24.13 ? 85  GLU B CA  1 
ATOM   591  C  C   . GLU A 1 85  ? -13.056 -6.926  0.455   1.00 23.57 ? 85  GLU B C   1 
ATOM   592  O  O   . GLU A 1 85  ? -12.869 -6.202  1.418   1.00 23.23 ? 85  GLU B O   1 
ATOM   593  C  CB  . GLU A 1 85  ? -15.402 -7.408  -0.224  1.00 24.19 ? 85  GLU B CB  1 
ATOM   594  C  CG  . GLU A 1 85  ? -16.624 -6.578  0.120   1.00 25.00 ? 85  GLU B CG  1 
ATOM   595  C  CD  . GLU A 1 85  ? -17.666 -7.393  0.869   1.00 25.57 ? 85  GLU B CD  1 
ATOM   596  O  OE1 . GLU A 1 85  ? -18.284 -8.277  0.231   1.00 24.77 ? 85  GLU B OE1 1 
ATOM   597  O  OE2 . GLU A 1 85  ? -17.848 -7.153  2.089   1.00 25.60 ? 85  GLU B OE2 1 
ATOM   598  N  N   . GLU A 1 86  ? -12.337 -8.022  0.226   1.00 23.03 ? 86  GLU B N   1 
ATOM   599  C  CA  . GLU A 1 86  ? -11.230 -8.383  1.100   1.00 23.38 ? 86  GLU B CA  1 
ATOM   600  C  C   . GLU A 1 86  ? -10.182 -7.273  1.121   1.00 23.18 ? 86  GLU B C   1 
ATOM   601  O  O   . GLU A 1 86  ? -9.889  -6.707  2.171   1.00 22.65 ? 86  GLU B O   1 
ATOM   602  C  CB  . GLU A 1 86  ? -10.577 -9.686  0.658   1.00 23.40 ? 86  GLU B CB  1 
ATOM   603  C  CG  . GLU A 1 86  ? -11.403 -10.901 1.002   1.00 26.50 ? 86  GLU B CG  1 
ATOM   604  C  CD  . GLU A 1 86  ? -10.617 -12.191 0.944   1.00 28.69 ? 86  GLU B CD  1 
ATOM   605  O  OE1 . GLU A 1 86  ? -10.950 -13.087 1.739   1.00 29.05 ? 86  GLU B OE1 1 
ATOM   606  O  OE2 . GLU A 1 86  ? -9.683  -12.307 0.109   1.00 30.68 ? 86  GLU B OE2 1 
ATOM   607  N  N   . ALA A 1 87  ? -9.630  -6.980  -0.054  1.00 22.86 ? 87  ALA B N   1 
ATOM   608  C  CA  . ALA A 1 87  ? -8.708  -5.869  -0.236  1.00 22.58 ? 87  ALA B CA  1 
ATOM   609  C  C   . ALA A 1 87  ? -9.225  -4.607  0.440   1.00 22.30 ? 87  ALA B C   1 
ATOM   610  O  O   . ALA A 1 87  ? -8.494  -3.946  1.150   1.00 22.57 ? 87  ALA B O   1 
ATOM   611  C  CB  . ALA A 1 87  ? -8.471  -5.627  -1.711  1.00 22.16 ? 87  ALA B CB  1 
ATOM   612  N  N   . LEU A 1 88  ? -10.496 -4.294  0.244   1.00 22.27 ? 88  LEU B N   1 
ATOM   613  C  CA  . LEU A 1 88  ? -11.072 -3.066  0.792   1.00 22.53 ? 88  LEU B CA  1 
ATOM   614  C  C   . LEU A 1 88  ? -11.138 -3.083  2.315   1.00 22.38 ? 88  LEU B C   1 
ATOM   615  O  O   . LEU A 1 88  ? -11.079 -2.041  2.957   1.00 22.41 ? 88  LEU B O   1 
ATOM   616  C  CB  . LEU A 1 88  ? -12.476 -2.809  0.222   1.00 22.71 ? 88  LEU B CB  1 
ATOM   617  C  CG  . LEU A 1 88  ? -12.631 -1.590  -0.692  1.00 23.70 ? 88  LEU B CG  1 
ATOM   618  C  CD1 . LEU A 1 88  ? -11.756 -1.684  -1.949  1.00 23.96 ? 88  LEU B CD1 1 
ATOM   619  C  CD2 . LEU A 1 88  ? -14.101 -1.418  -1.070  1.00 23.66 ? 88  LEU B CD2 1 
ATOM   620  N  N   . ALA A 1 89  ? -11.293 -4.269  2.883   1.00 22.24 ? 89  ALA B N   1 
ATOM   621  C  CA  . ALA A 1 89  ? -11.304 -4.432  4.328   1.00 22.27 ? 89  ALA B CA  1 
ATOM   622  C  C   . ALA A 1 89  ? -9.906  -4.184  4.896   1.00 22.14 ? 89  ALA B C   1 
ATOM   623  O  O   . ALA A 1 89  ? -9.767  -3.554  5.930   1.00 22.33 ? 89  ALA B O   1 
ATOM   624  C  CB  . ALA A 1 89  ? -11.800 -5.818  4.697   1.00 22.17 ? 89  ALA B CB  1 
ATOM   625  N  N   . LEU A 1 90  ? -8.886  -4.672  4.205   1.00 21.91 ? 90  LEU B N   1 
ATOM   626  C  CA  . LEU A 1 90  ? -7.509  -4.473  4.609   1.00 22.64 ? 90  LEU B CA  1 
ATOM   627  C  C   . LEU A 1 90  ? -7.145  -2.990  4.589   1.00 22.83 ? 90  LEU B C   1 
ATOM   628  O  O   . LEU A 1 90  ? -6.501  -2.484  5.501   1.00 22.65 ? 90  LEU B O   1 
ATOM   629  C  CB  . LEU A 1 90  ? -6.583  -5.237  3.676   1.00 22.72 ? 90  LEU B CB  1 
ATOM   630  C  CG  . LEU A 1 90  ? -6.651  -6.746  3.815   1.00 22.84 ? 90  LEU B CG  1 
ATOM   631  C  CD1 . LEU A 1 90  ? -5.747  -7.340  2.788   1.00 24.84 ? 90  LEU B CD1 1 
ATOM   632  C  CD2 . LEU A 1 90  ? -6.201  -7.185  5.196   1.00 24.85 ? 90  LEU B CD2 1 
ATOM   633  N  N   . ALA A 1 91  ? -7.614  -2.307  3.551   1.00 22.38 ? 91  ALA B N   1 
ATOM   634  C  CA  . ALA A 1 91  ? -7.437  -0.884  3.399   1.00 22.25 ? 91  ALA B CA  1 
ATOM   635  C  C   . ALA A 1 91  ? -8.003  -0.168  4.599   1.00 22.01 ? 91  ALA B C   1 
ATOM   636  O  O   . ALA A 1 91  ? -7.363  0.703   5.174   1.00 21.78 ? 91  ALA B O   1 
ATOM   637  C  CB  . ALA A 1 91  ? -8.107  -0.411  2.113   1.00 22.34 ? 91  ALA B CB  1 
ATOM   638  N  N   . ASP A 1 92  ? -9.201  -0.556  4.994   1.00 21.87 ? 92  ASP B N   1 
ATOM   639  C  CA  . ASP A 1 92  ? -9.803  -0.010  6.187   1.00 22.33 ? 92  ASP B CA  1 
ATOM   640  C  C   . ASP A 1 92  ? -8.959  -0.322  7.414   1.00 21.95 ? 92  ASP B C   1 
ATOM   641  O  O   . ASP A 1 92  ? -8.774  0.539   8.249   1.00 21.82 ? 92  ASP B O   1 
ATOM   642  C  CB  . ASP A 1 92  ? -11.245 -0.535  6.347   1.00 22.88 ? 92  ASP B CB  1 
ATOM   643  C  CG  . ASP A 1 92  ? -12.237 0.175   5.409   1.00 24.37 ? 92  ASP B CG  1 
ATOM   644  O  OD1 . ASP A 1 92  ? -13.443 -0.046  5.606   1.00 28.70 ? 92  ASP B OD1 1 
ATOM   645  O  OD2 . ASP A 1 92  ? -11.934 0.969   4.469   1.00 25.69 ? 92  ASP B OD2 1 
ATOM   646  N  N   . ILE A 1 93  ? -8.441  -1.546  7.506   1.00 21.89 ? 93  ILE B N   1 
ATOM   647  C  CA  . ILE A 1 93  ? -7.591  -1.962  8.628   1.00 22.12 ? 93  ILE B CA  1 
ATOM   648  C  C   . ILE A 1 93  ? -6.313  -1.139  8.719   1.00 21.97 ? 93  ILE B C   1 
ATOM   649  O  O   . ILE A 1 93  ? -5.896  -0.725  9.796   1.00 21.41 ? 93  ILE B O   1 
ATOM   650  C  CB  . ILE A 1 93  ? -7.248  -3.486  8.552   1.00 22.25 ? 93  ILE B CB  1 
ATOM   651  C  CG1 . ILE A 1 93  ? -8.474  -4.337  8.941   1.00 21.09 ? 93  ILE B CG1 1 
ATOM   652  C  CG2 . ILE A 1 93  ? -6.096  -3.855  9.479   1.00 21.43 ? 93  ILE B CG2 1 
ATOM   653  C  CD1 . ILE A 1 93  ? -8.445  -5.758  8.370   1.00 19.79 ? 93  ILE B CD1 1 
ATOM   654  N  N   . PHE A 1 94  ? -5.703  -0.900  7.578   1.00 22.41 ? 94  PHE B N   1 
ATOM   655  C  CA  . PHE A 1 94  ? -4.474  -0.141  7.521   1.00 22.97 ? 94  PHE B CA  1 
ATOM   656  C  C   . PHE A 1 94  ? -4.702  1.314   7.942   1.00 23.67 ? 94  PHE B C   1 
ATOM   657  O  O   . PHE A 1 94  ? -4.042  1.857   8.828   1.00 23.58 ? 94  PHE B O   1 
ATOM   658  C  CB  . PHE A 1 94  ? -3.925  -0.166  6.100   1.00 23.06 ? 94  PHE B CB  1 
ATOM   659  C  CG  . PHE A 1 94  ? -2.609  0.526   5.976   1.00 22.82 ? 94  PHE B CG  1 
ATOM   660  C  CD1 . PHE A 1 94  ? -1.439  -0.179  6.123   1.00 22.14 ? 94  PHE B CD1 1 
ATOM   661  C  CD2 . PHE A 1 94  ? -2.547  1.887   5.768   1.00 22.24 ? 94  PHE B CD2 1 
ATOM   662  C  CE1 . PHE A 1 94  ? -0.234  0.459   6.045   1.00 21.62 ? 94  PHE B CE1 1 
ATOM   663  C  CE2 . PHE A 1 94  ? -1.361  2.520   5.689   1.00 21.20 ? 94  PHE B CE2 1 
ATOM   664  C  CZ  . PHE A 1 94  ? -0.199  1.814   5.825   1.00 22.68 ? 94  PHE B CZ  1 
ATOM   665  N  N   . SER A 1 95  ? -5.651  1.927   7.260   1.00 24.64 ? 95  SER B N   1 
ATOM   666  C  CA  . SER A 1 95  ? -6.105  3.273   7.530   1.00 25.31 ? 95  SER B CA  1 
ATOM   667  C  C   . SER A 1 95  ? -6.405  3.501   9.010   1.00 25.05 ? 95  SER B C   1 
ATOM   668  O  O   . SER A 1 95  ? -6.021  4.530   9.557   1.00 25.28 ? 95  SER B O   1 
ATOM   669  C  CB  . SER A 1 95  ? -7.356  3.540   6.699   1.00 25.42 ? 95  SER B CB  1 
ATOM   670  O  OG  . SER A 1 95  ? -7.516  4.916   6.516   1.00 29.05 ? 95  SER B OG  1 
ATOM   671  N  N   . GLU A 1 96  ? -7.050  2.536   9.664   1.00 24.38 ? 96  GLU B N   1 
ATOM   672  C  CA  . GLU A 1 96  ? -7.338  2.636   11.095  1.00 24.40 ? 96  GLU B CA  1 
ATOM   673  C  C   . GLU A 1 96  ? -6.128  2.428   11.962  1.00 23.83 ? 96  GLU B C   1 
ATOM   674  O  O   . GLU A 1 96  ? -6.046  2.978   13.048  1.00 23.94 ? 96  GLU B O   1 
ATOM   675  C  CB  . GLU A 1 96  ? -8.327  1.567   11.523  1.00 25.15 ? 96  GLU B CB  1 
ATOM   676  C  CG  . GLU A 1 96  ? -9.764  1.826   11.171  1.00 27.10 ? 96  GLU B CG  1 
ATOM   677  C  CD  . GLU A 1 96  ? -10.564 0.553   11.259  1.00 31.91 ? 96  GLU B CD  1 
ATOM   678  O  OE1 . GLU A 1 96  ? -11.595 0.503   10.558  1.00 36.77 ? 96  GLU B OE1 1 
ATOM   679  O  OE2 . GLU A 1 96  ? -10.154 -0.396  12.009  1.00 32.82 ? 96  GLU B OE2 1 
ATOM   680  N  N   . MET A 1 97  ? -5.224  1.572   11.521  1.00 23.72 ? 97  MET B N   1 
ATOM   681  C  CA  . MET A 1 97  ? -3.986  1.342   12.246  1.00 24.18 ? 97  MET B CA  1 
ATOM   682  C  C   . MET A 1 97  ? -3.113  2.623   12.299  1.00 23.78 ? 97  MET B C   1 
ATOM   683  O  O   . MET A 1 97  ? -2.541  2.964   13.331  1.00 22.43 ? 97  MET B O   1 
ATOM   684  C  CB  . MET A 1 97  ? -3.210  0.207   11.594  1.00 24.47 ? 97  MET B CB  1 
ATOM   685  C  CG  . MET A 1 97  ? -1.842  -0.054  12.222  1.00 26.40 ? 97  MET B CG  1 
ATOM   686  S  SD  . MET A 1 97  ? -0.787  -1.318  11.179  1.00 31.23 ? 97  MET B SD  1 
ATOM   687  C  CE  . MET A 1 97  ? -0.242  -0.227  9.649   1.00 25.98 ? 97  MET B CE  1 
ATOM   688  N  N   . VAL A 1 98  ? -3.020  3.315   11.175  1.00 23.99 ? 98  VAL B N   1 
ATOM   689  C  CA  . VAL A 1 98  ? -2.230  4.556   11.107  1.00 24.24 ? 98  VAL B CA  1 
ATOM   690  C  C   . VAL A 1 98  ? -2.993  5.734   11.732  1.00 24.70 ? 98  VAL B C   1 
ATOM   691  O  O   . VAL A 1 98  ? -2.610  6.881   11.558  1.00 25.36 ? 98  VAL B O   1 
ATOM   692  C  CB  . VAL A 1 98  ? -1.767  4.899   9.660   1.00 23.57 ? 98  VAL B CB  1 
ATOM   693  C  CG1 . VAL A 1 98  ? -0.874  3.777   9.104   1.00 23.74 ? 98  VAL B CG1 1 
ATOM   694  C  CG2 . VAL A 1 98  ? -2.959  5.159   8.736   1.00 23.14 ? 98  VAL B CG2 1 
ATOM   695  N  N   . GLN A 1 99  ? -4.066  5.464   12.470  1.00 24.76 ? 99  GLN B N   1 
ATOM   696  C  CA  . GLN A 1 99  ? -4.658  6.507   13.309  1.00 24.43 ? 99  GLN B CA  1 
ATOM   697  C  C   . GLN A 1 99  ? -4.665  6.074   14.750  1.00 23.92 ? 99  GLN B C   1 
ATOM   698  O  O   . GLN A 1 99  ? -5.435  6.596   15.548  1.00 23.96 ? 99  GLN B O   1 
ATOM   699  C  CB  . GLN A 1 99  ? -6.049  6.868   12.822  1.00 24.62 ? 99  GLN B CB  1 
ATOM   700  C  CG  . GLN A 1 99  ? -6.075  6.965   11.320  1.00 26.06 ? 99  GLN B CG  1 
ATOM   701  C  CD  . GLN A 1 99  ? -7.381  7.437   10.756  1.00 27.63 ? 99  GLN B CD  1 
ATOM   702  O  OE1 . GLN A 1 99  ? -8.457  6.948   11.139  1.00 28.39 ? 99  GLN B OE1 1 
ATOM   703  N  NE2 . GLN A 1 99  ? -7.301  8.379   9.822   1.00 29.12 ? 99  GLN B NE2 1 
ATOM   704  N  N   . GLY A 1 100 ? -3.779  5.133   15.072  1.00 23.64 ? 100 GLY B N   1 
ATOM   705  C  CA  . GLY A 1 100 ? -3.516  4.727   16.441  1.00 23.60 ? 100 GLY B CA  1 
ATOM   706  C  C   . GLY A 1 100 ? -4.445  3.674   17.027  1.00 23.57 ? 100 GLY B C   1 
ATOM   707  O  O   . GLY A 1 100 ? -4.411  3.455   18.235  1.00 22.84 ? 100 GLY B O   1 
ATOM   708  N  N   . GLN A 1 101 ? -5.254  3.024   16.184  1.00 24.10 ? 101 GLN B N   1 
ATOM   709  C  CA  . GLN A 1 101 ? -6.154  1.952   16.629  1.00 24.44 ? 101 GLN B CA  1 
ATOM   710  C  C   . GLN A 1 101 ? -5.449  0.604   16.781  1.00 24.00 ? 101 GLN B C   1 
ATOM   711  O  O   . GLN A 1 101 ? -4.626  0.206   15.950  1.00 23.08 ? 101 GLN B O   1 
ATOM   712  C  CB  . GLN A 1 101 ? -7.358  1.797   15.687  1.00 24.82 ? 101 GLN B CB  1 
ATOM   713  C  CG  . GLN A 1 101 ? -8.225  3.071   15.571  1.00 26.78 ? 101 GLN B CG  1 
ATOM   714  C  CD  . GLN A 1 101 ? -9.616  2.834   14.950  1.00 30.35 ? 101 GLN B CD  1 
ATOM   715  O  OE1 . GLN A 1 101 ? -10.312 3.801   14.613  1.00 31.73 ? 101 GLN B OE1 1 
ATOM   716  N  NE2 . GLN A 1 101 ? -10.019 1.557   14.801  1.00 32.53 ? 101 GLN B NE2 1 
ATOM   717  N  N   . GLU A 1 102 ? -5.806  -0.083  17.864  1.00 24.03 ? 102 GLU B N   1 
ATOM   718  C  CA  . GLU A 1 102 ? -5.392  -1.457  18.124  1.00 24.21 ? 102 GLU B CA  1 
ATOM   719  C  C   . GLU A 1 102 ? -6.401  -2.452  17.511  1.00 23.50 ? 102 GLU B C   1 
ATOM   720  O  O   . GLU A 1 102 ? -7.618  -2.318  17.680  1.00 23.69 ? 102 GLU B O   1 
ATOM   721  C  CB  . GLU A 1 102 ? -5.304  -1.702  19.638  1.00 24.67 ? 102 GLU B CB  1 
ATOM   722  C  CG  . GLU A 1 102 ? -3.905  -1.692  20.227  1.00 26.06 ? 102 GLU B CG  1 
ATOM   723  C  CD  . GLU A 1 102 ? -3.857  -2.310  21.627  1.00 29.13 ? 102 GLU B CD  1 
ATOM   724  O  OE1 . GLU A 1 102 ? -4.737  -1.998  22.480  1.00 29.30 ? 102 GLU B OE1 1 
ATOM   725  O  OE2 . GLU A 1 102 ? -2.932  -3.121  21.882  1.00 32.26 ? 102 GLU B OE2 1 
ATOM   726  N  N   . ASN A 1 103 ? -5.871  -3.469  16.838  1.00 22.73 ? 103 ASN B N   1 
ATOM   727  C  CA  . ASN A 1 103 ? -6.663  -4.472  16.159  1.00 21.55 ? 103 ASN B CA  1 
ATOM   728  C  C   . ASN A 1 103 ? -5.783  -5.661  15.790  1.00 21.13 ? 103 ASN B C   1 
ATOM   729  O  O   . ASN A 1 103 ? -4.834  -5.494  15.036  1.00 19.36 ? 103 ASN B O   1 
ATOM   730  C  CB  . ASN A 1 103 ? -7.247  -3.849  14.898  1.00 21.53 ? 103 ASN B CB  1 
ATOM   731  C  CG  . ASN A 1 103 ? -8.298  -4.717  14.210  1.00 21.70 ? 103 ASN B CG  1 
ATOM   732  O  OD1 . ASN A 1 103 ? -9.011  -4.217  13.346  1.00 23.33 ? 103 ASN B OD1 1 
ATOM   733  N  ND2 . ASN A 1 103 ? -8.372  -6.005  14.543  1.00 18.75 ? 103 ASN B ND2 1 
ATOM   734  N  N   . PRO A 1 104 ? -6.113  -6.863  16.300  1.00 21.22 ? 104 PRO B N   1 
ATOM   735  C  CA  . PRO A 1 104 ? -5.409  -8.105  15.936  1.00 20.98 ? 104 PRO B CA  1 
ATOM   736  C  C   . PRO A 1 104 ? -5.368  -8.380  14.452  1.00 20.38 ? 104 PRO B C   1 
ATOM   737  O  O   . PRO A 1 104 ? -4.509  -9.097  13.991  1.00 20.80 ? 104 PRO B O   1 
ATOM   738  C  CB  . PRO A 1 104 ? -6.257  -9.189  16.604  1.00 21.26 ? 104 PRO B CB  1 
ATOM   739  C  CG  . PRO A 1 104 ? -6.889  -8.514  17.741  1.00 21.79 ? 104 PRO B CG  1 
ATOM   740  C  CD  . PRO A 1 104 ? -7.197  -7.131  17.260  1.00 21.38 ? 104 PRO B CD  1 
ATOM   741  N  N   . ALA A 1 105 ? -6.323  -7.832  13.729  1.00 19.98 ? 105 ALA B N   1 
ATOM   742  C  CA  . ALA A 1 105 ? -6.418  -7.992  12.292  1.00 20.34 ? 105 ALA B CA  1 
ATOM   743  C  C   . ALA A 1 105 ? -5.266  -7.325  11.495  1.00 20.04 ? 105 ALA B C   1 
ATOM   744  O  O   . ALA A 1 105 ? -5.122  -7.544  10.301  1.00 19.22 ? 105 ALA B O   1 
ATOM   745  C  CB  . ALA A 1 105 ? -7.738  -7.428  11.842  1.00 20.42 ? 105 ALA B CB  1 
ATOM   746  N  N   . GLN A 1 106 ? -4.463  -6.503  12.160  1.00 20.27 ? 106 GLN B N   1 
ATOM   747  C  CA  . GLN A 1 106 ? -3.341  -5.847  11.519  1.00 20.49 ? 106 GLN B CA  1 
ATOM   748  C  C   . GLN A 1 106 ? -2.308  -6.864  11.079  1.00 21.49 ? 106 GLN B C   1 
ATOM   749  O  O   . GLN A 1 106 ? -1.484  -6.586  10.218  1.00 21.73 ? 106 GLN B O   1 
ATOM   750  C  CB  . GLN A 1 106 ? -2.733  -4.823  12.451  1.00 19.93 ? 106 GLN B CB  1 
ATOM   751  C  CG  . GLN A 1 106 ? -3.578  -3.603  12.576  1.00 20.01 ? 106 GLN B CG  1 
ATOM   752  C  CD  . GLN A 1 106 ? -3.200  -2.741  13.757  1.00 19.74 ? 106 GLN B CD  1 
ATOM   753  O  OE1 . GLN A 1 106 ? -2.119  -2.919  14.340  1.00 20.73 ? 106 GLN B OE1 1 
ATOM   754  N  NE2 . GLN A 1 106 ? -4.084  -1.797  14.120  1.00 15.93 ? 106 GLN B NE2 1 
ATOM   755  N  N   . LYS A 1 107 ? -2.361  -8.047  11.671  1.00 22.95 ? 107 LYS B N   1 
ATOM   756  C  CA  . LYS A 1 107 ? -1.568  -9.184  11.236  1.00 24.18 ? 107 LYS B CA  1 
ATOM   757  C  C   . LYS A 1 107 ? -1.782  -9.538  9.776   1.00 24.81 ? 107 LYS B C   1 
ATOM   758  O  O   . LYS A 1 107 ? -0.859  -10.013 9.136   1.00 25.53 ? 107 LYS B O   1 
ATOM   759  C  CB  . LYS A 1 107 ? -1.904  -10.400 12.081  1.00 24.75 ? 107 LYS B CB  1 
ATOM   760  C  CG  . LYS A 1 107 ? -1.258  -10.380 13.468  1.00 26.58 ? 107 LYS B CG  1 
ATOM   761  C  CD  . LYS A 1 107 ? -1.906  -11.368 14.421  1.00 28.19 ? 107 LYS B CD  1 
ATOM   762  C  CE  . LYS A 1 107 ? -1.984  -12.776 13.827  1.00 28.87 ? 107 LYS B CE  1 
ATOM   763  N  NZ  . LYS A 1 107 ? -2.720  -13.738 14.745  1.00 29.73 ? 107 LYS B NZ  1 
ATOM   764  N  N   . GLU A 1 108 ? -2.994  -9.316  9.260   1.00 25.17 ? 108 GLU B N   1 
ATOM   765  C  CA  . GLU A 1 108 ? -3.356  -9.657  7.873   1.00 25.36 ? 108 GLU B CA  1 
ATOM   766  C  C   . GLU A 1 108 ? -2.785  -8.691  6.850   1.00 24.80 ? 108 GLU B C   1 
ATOM   767  O  O   . GLU A 1 108 ? -2.983  -8.851  5.656   1.00 24.98 ? 108 GLU B O   1 
ATOM   768  C  CB  . GLU A 1 108 ? -4.876  -9.659  7.716   1.00 25.63 ? 108 GLU B CB  1 
ATOM   769  C  CG  . GLU A 1 108 ? -5.594  -10.624 8.636   1.00 27.73 ? 108 GLU B CG  1 
ATOM   770  C  CD  . GLU A 1 108 ? -5.045  -12.018 8.501   1.00 31.43 ? 108 GLU B CD  1 
ATOM   771  O  OE1 . GLU A 1 108 ? -4.974  -12.482 7.340   1.00 34.47 ? 108 GLU B OE1 1 
ATOM   772  O  OE2 . GLU A 1 108 ? -4.659  -12.627 9.538   1.00 33.39 ? 108 GLU B OE2 1 
ATOM   773  N  N   . LEU A 1 109 ? -2.120  -7.661  7.342   1.00 24.81 ? 109 LEU B N   1 
ATOM   774  C  CA  . LEU A 1 109 ? -1.510  -6.620  6.534   1.00 24.35 ? 109 LEU B CA  1 
ATOM   775  C  C   . LEU A 1 109 ? -0.105  -7.024  6.139   1.00 24.06 ? 109 LEU B C   1 
ATOM   776  O  O   . LEU A 1 109 ? 0.494   -6.389  5.279   1.00 23.68 ? 109 LEU B O   1 
ATOM   777  C  CB  . LEU A 1 109 ? -1.408  -5.357  7.375   1.00 24.76 ? 109 LEU B CB  1 
ATOM   778  C  CG  . LEU A 1 109 ? -2.368  -4.185  7.250   1.00 26.47 ? 109 LEU B CG  1 
ATOM   779  C  CD1 . LEU A 1 109 ? -3.640  -4.558  6.606   1.00 26.28 ? 109 LEU B CD1 1 
ATOM   780  C  CD2 . LEU A 1 109 ? -2.577  -3.490  8.613   1.00 27.52 ? 109 LEU B CD2 1 
ATOM   781  N  N   . GLY A 1 110 ? 0.426   -8.077  6.782   1.00 24.02 ? 110 GLY B N   1 
ATOM   782  C  CA  . GLY A 1 110 ? 1.778   -8.557  6.530   1.00 23.21 ? 110 GLY B CA  1 
ATOM   783  C  C   . GLY A 1 110 ? 2.848   -7.544  6.930   1.00 22.96 ? 110 GLY B C   1 
ATOM   784  O  O   . GLY A 1 110 ? 2.798   -6.970  8.013   1.00 22.24 ? 110 GLY B O   1 
ATOM   785  N  N   . GLU A 1 111 ? 3.823   -7.310  6.059   1.00 22.36 ? 111 GLU B N   1 
ATOM   786  C  CA  . GLU A 1 111 ? 4.910   -6.408  6.427   1.00 22.21 ? 111 GLU B CA  1 
ATOM   787  C  C   . GLU A 1 111 ? 4.457   -4.948  6.543   1.00 21.70 ? 111 GLU B C   1 
ATOM   788  O  O   . GLU A 1 111 ? 5.077   -4.200  7.246   1.00 22.74 ? 111 GLU B O   1 
ATOM   789  C  CB  . GLU A 1 111 ? 6.133   -6.573  5.502   1.00 21.72 ? 111 GLU B CB  1 
ATOM   790  C  CG  . GLU A 1 111 ? 6.948   -7.821  5.797   1.00 20.60 ? 111 GLU B CG  1 
ATOM   791  C  CD  . GLU A 1 111 ? 7.988   -8.130  4.729   1.00 19.49 ? 111 GLU B CD  1 
ATOM   792  O  OE1 . GLU A 1 111 ? 8.386   -7.214  4.016   1.00 17.29 ? 111 GLU B OE1 1 
ATOM   793  O  OE2 . GLU A 1 111 ? 8.393   -9.293  4.583   1.00 18.55 ? 111 GLU B OE2 1 
ATOM   794  N  N   . ALA A 1 112 ? 3.383   -4.550  5.872   1.00 21.70 ? 112 ALA B N   1 
ATOM   795  C  CA  . ALA A 1 112 ? 2.740   -3.247  6.104   1.00 21.33 ? 112 ALA B CA  1 
ATOM   796  C  C   . ALA A 1 112 ? 2.416   -2.995  7.580   1.00 21.66 ? 112 ALA B C   1 
ATOM   797  O  O   . ALA A 1 112 ? 2.219   -1.871  7.997   1.00 21.63 ? 112 ALA B O   1 
ATOM   798  C  CB  . ALA A 1 112 ? 1.465   -3.130  5.312   1.00 21.08 ? 112 ALA B CB  1 
ATOM   799  N  N   . GLU A 1 113 ? 2.348   -4.046  8.372   1.00 21.88 ? 113 GLU B N   1 
ATOM   800  C  CA  . GLU A 1 113 ? 2.084   -3.901  9.783   1.00 22.58 ? 113 GLU B CA  1 
ATOM   801  C  C   . GLU A 1 113 ? 3.166   -3.082  10.486  1.00 22.67 ? 113 GLU B C   1 
ATOM   802  O  O   . GLU A 1 113 ? 2.926   -2.507  11.547  1.00 22.65 ? 113 GLU B O   1 
ATOM   803  C  CB  . GLU A 1 113 ? 1.950   -5.277  10.416  1.00 22.53 ? 113 GLU B CB  1 
ATOM   804  C  CG  . GLU A 1 113 ? 1.359   -5.228  11.788  1.00 23.49 ? 113 GLU B CG  1 
ATOM   805  C  CD  . GLU A 1 113 ? 1.329   -6.588  12.477  1.00 24.90 ? 113 GLU B CD  1 
ATOM   806  O  OE1 . GLU A 1 113 ? 0.872   -6.597  13.640  1.00 24.30 ? 113 GLU B OE1 1 
ATOM   807  O  OE2 . GLU A 1 113 ? 1.780   -7.621  11.885  1.00 24.78 ? 113 GLU B OE2 1 
ATOM   808  N  N   . LEU A 1 114 ? 4.345   -3.030  9.871   1.00 22.87 ? 114 LEU B N   1 
ATOM   809  C  CA  . LEU A 1 114 ? 5.475   -2.259  10.358  1.00 23.01 ? 114 LEU B CA  1 
ATOM   810  C  C   . LEU A 1 114 ? 5.274   -0.774  10.310  1.00 23.43 ? 114 LEU B C   1 
ATOM   811  O  O   . LEU A 1 114 ? 6.072   -0.037  10.881  1.00 24.29 ? 114 LEU B O   1 
ATOM   812  C  CB  . LEU A 1 114 ? 6.730   -2.613  9.546   1.00 23.11 ? 114 LEU B CB  1 
ATOM   813  C  CG  . LEU A 1 114 ? 7.231   -4.062  9.710   1.00 23.39 ? 114 LEU B CG  1 
ATOM   814  C  CD1 . LEU A 1 114 ? 8.560   -4.233  9.018   1.00 23.16 ? 114 LEU B CD1 1 
ATOM   815  C  CD2 . LEU A 1 114 ? 7.335   -4.487  11.166  1.00 22.60 ? 114 LEU B CD2 1 
ATOM   816  N  N   . LEU A 1 115 ? 4.239   -0.326  9.610   1.00 23.67 ? 115 LEU B N   1 
ATOM   817  C  CA  . LEU A 1 115 ? 3.948   1.088   9.509   1.00 24.07 ? 115 LEU B CA  1 
ATOM   818  C  C   . LEU A 1 115 ? 2.944   1.548   10.539  1.00 23.67 ? 115 LEU B C   1 
ATOM   819  O  O   . LEU A 1 115 ? 2.459   2.666   10.457  1.00 24.53 ? 115 LEU B O   1 
ATOM   820  C  CB  . LEU A 1 115 ? 3.456   1.452   8.096   1.00 24.48 ? 115 LEU B CB  1 
ATOM   821  C  CG  . LEU A 1 115 ? 4.430   1.188   6.951   1.00 24.72 ? 115 LEU B CG  1 
ATOM   822  C  CD1 . LEU A 1 115 ? 3.832   1.785   5.694   1.00 25.68 ? 115 LEU B CD1 1 
ATOM   823  C  CD2 . LEU A 1 115 ? 5.825   1.759   7.239   1.00 23.69 ? 115 LEU B CD2 1 
ATOM   824  N  N   . ALA A 1 116 ? 2.653   0.720   11.527  1.00 23.62 ? 116 ALA B N   1 
ATOM   825  C  CA  . ALA A 1 116 ? 1.856   1.161   12.661  1.00 24.03 ? 116 ALA B CA  1 
ATOM   826  C  C   . ALA A 1 116 ? 2.392   2.473   13.267  1.00 24.87 ? 116 ALA B C   1 
ATOM   827  O  O   . ALA A 1 116 ? 1.626   3.309   13.746  1.00 25.26 ? 116 ALA B O   1 
ATOM   828  C  CB  . ALA A 1 116 ? 1.801   0.087   13.713  1.00 23.90 ? 116 ALA B CB  1 
ATOM   829  N  N   . GLY A 1 117 ? 3.703   2.671   13.215  1.00 25.33 ? 117 GLY B N   1 
ATOM   830  C  CA  . GLY A 1 117 ? 4.314   3.839   13.801  1.00 25.68 ? 117 GLY B CA  1 
ATOM   831  C  C   . GLY A 1 117 ? 3.991   5.174   13.153  1.00 25.76 ? 117 GLY B C   1 
ATOM   832  O  O   . GLY A 1 117 ? 4.335   6.212   13.700  1.00 25.94 ? 117 GLY B O   1 
ATOM   833  N  N   . VAL A 1 118 ? 3.340   5.172   11.995  1.00 26.07 ? 118 VAL B N   1 
ATOM   834  C  CA  . VAL A 1 118 ? 3.086   6.435   11.297  1.00 26.17 ? 118 VAL B CA  1 
ATOM   835  C  C   . VAL A 1 118 ? 1.897   7.173   11.909  1.00 25.68 ? 118 VAL B C   1 
ATOM   836  O  O   . VAL A 1 118 ? 1.713   8.368   11.646  1.00 25.10 ? 118 VAL B O   1 
ATOM   837  C  CB  . VAL A 1 118 ? 2.895   6.291   9.757   1.00 26.12 ? 118 VAL B CB  1 
ATOM   838  C  CG1 . VAL A 1 118 ? 3.915   5.316   9.145   1.00 28.18 ? 118 VAL B CG1 1 
ATOM   839  C  CG2 . VAL A 1 118 ? 1.529   5.902   9.430   1.00 26.01 ? 118 VAL B CG2 1 
ATOM   840  N  N   . ALA A 1 119 ? 1.111   6.475   12.733  1.00 25.07 ? 119 ALA B N   1 
ATOM   841  C  CA  . ALA A 1 119 ? 0.029   7.132   13.465  1.00 25.17 ? 119 ALA B CA  1 
ATOM   842  C  C   . ALA A 1 119 ? 0.572   8.246   14.362  1.00 24.77 ? 119 ALA B C   1 
ATOM   843  O  O   . ALA A 1 119 ? -0.150  9.168   14.724  1.00 24.67 ? 119 ALA B O   1 
ATOM   844  C  CB  . ALA A 1 119 ? -0.808  6.124   14.273  1.00 24.78 ? 119 ALA B CB  1 
ATOM   845  N  N   . LYS A 1 120 ? 1.851   8.169   14.697  1.00 24.97 ? 120 LYS B N   1 
ATOM   846  C  CA  . LYS A 1 120 ? 2.505   9.226   15.479  1.00 25.29 ? 120 LYS B CA  1 
ATOM   847  C  C   . LYS A 1 120 ? 3.005   10.420  14.669  1.00 24.49 ? 120 LYS B C   1 
ATOM   848  O  O   . LYS A 1 120 ? 3.388   11.423  15.239  1.00 24.19 ? 120 LYS B O   1 
ATOM   849  C  CB  . LYS A 1 120 ? 3.617   8.613   16.319  1.00 25.55 ? 120 LYS B CB  1 
ATOM   850  C  CG  . LYS A 1 120 ? 3.029   7.590   17.349  1.00 27.39 ? 120 LYS B CG  1 
ATOM   851  C  CD  . LYS A 1 120 ? 4.033   6.543   17.838  1.00 29.02 ? 120 LYS B CD  1 
ATOM   852  C  CE  . LYS A 1 120 ? 5.360   7.172   18.171  1.00 29.86 ? 120 LYS B CE  1 
ATOM   853  N  NZ  . LYS A 1 120 ? 6.053   7.510   16.908  1.00 32.51 ? 120 LYS B NZ  1 
ATOM   854  N  N   . PHE A 1 121 ? 2.945   10.313  13.349  1.00 24.20 ? 121 PHE B N   1 
ATOM   855  C  CA  . PHE A 1 121 ? 3.332   11.379  12.436  1.00 24.17 ? 121 PHE B CA  1 
ATOM   856  C  C   . PHE A 1 121 ? 2.191   11.758  11.487  1.00 24.05 ? 121 PHE B C   1 
ATOM   857  O  O   . PHE A 1 121 ? 2.035   11.162  10.421  1.00 23.76 ? 121 PHE B O   1 
ATOM   858  C  CB  . PHE A 1 121 ? 4.520   10.920  11.621  1.00 24.20 ? 121 PHE B CB  1 
ATOM   859  C  CG  . PHE A 1 121 ? 5.679   10.487  12.448  1.00 24.61 ? 121 PHE B CG  1 
ATOM   860  C  CD1 . PHE A 1 121 ? 5.986   9.140   12.587  1.00 25.01 ? 121 PHE B CD1 1 
ATOM   861  C  CD2 . PHE A 1 121 ? 6.474   11.430  13.086  1.00 24.36 ? 121 PHE B CD2 1 
ATOM   862  C  CE1 . PHE A 1 121 ? 7.073   8.747   13.348  1.00 26.31 ? 121 PHE B CE1 1 
ATOM   863  C  CE2 . PHE A 1 121 ? 7.563   11.048  13.853  1.00 23.99 ? 121 PHE B CE2 1 
ATOM   864  C  CZ  . PHE A 1 121 ? 7.878   9.720   13.980  1.00 24.80 ? 121 PHE B CZ  1 
ATOM   865  N  N   . PRO A 1 122 ? 1.403   12.754  11.880  1.00 24.27 ? 122 PRO B N   1 
ATOM   866  C  CA  . PRO A 1 122 ? 0.223   13.213  11.122  1.00 24.47 ? 122 PRO B CA  1 
ATOM   867  C  C   . PRO A 1 122 ? 0.445   13.493  9.628   1.00 24.49 ? 122 PRO B C   1 
ATOM   868  O  O   . PRO A 1 122 ? -0.377  13.116  8.790   1.00 24.17 ? 122 PRO B O   1 
ATOM   869  C  CB  . PRO A 1 122 ? -0.151  14.532  11.822  1.00 24.69 ? 122 PRO B CB  1 
ATOM   870  C  CG  . PRO A 1 122 ? 0.416   14.439  13.199  1.00 24.73 ? 122 PRO B CG  1 
ATOM   871  C  CD  . PRO A 1 122 ? 1.598   13.522  13.123  1.00 24.40 ? 122 PRO B CD  1 
ATOM   872  N  N   . GLN A 1 123 ? 1.534   14.180  9.312   1.00 24.78 ? 123 GLN B N   1 
ATOM   873  C  CA  . GLN A 1 123 ? 1.910   14.434  7.924   1.00 25.18 ? 123 GLN B CA  1 
ATOM   874  C  C   . GLN A 1 123 ? 2.250   13.143  7.141   1.00 25.25 ? 123 GLN B C   1 
ATOM   875  O  O   . GLN A 1 123 ? 2.188   13.142  5.914   1.00 26.29 ? 123 GLN B O   1 
ATOM   876  C  CB  . GLN A 1 123 ? 3.087   15.416  7.854   1.00 25.12 ? 123 GLN B CB  1 
ATOM   877  C  CG  . GLN A 1 123 ? 2.808   16.825  8.427   1.00 25.53 ? 123 GLN B CG  1 
ATOM   878  C  CD  . GLN A 1 123 ? 4.027   17.753  8.321   1.00 26.21 ? 123 GLN B CD  1 
ATOM   879  O  OE1 . GLN A 1 123 ? 5.124   17.309  7.943   1.00 26.14 ? 123 GLN B OE1 1 
ATOM   880  N  NE2 . GLN A 1 123 ? 3.839   19.041  8.654   1.00 27.29 ? 123 GLN B NE2 1 
ATOM   881  N  N   . ARG A 1 124 ? 2.618   12.072  7.839   1.00 24.69 ? 124 ARG B N   1 
ATOM   882  C  CA  . ARG A 1 124 ? 2.946   10.794  7.206   1.00 24.86 ? 124 ARG B CA  1 
ATOM   883  C  C   . ARG A 1 124 ? 1.730   9.868   6.936   1.00 25.28 ? 124 ARG B C   1 
ATOM   884  O  O   . ARG A 1 124 ? 1.817   8.938   6.116   1.00 25.11 ? 124 ARG B O   1 
ATOM   885  C  CB  . ARG A 1 124 ? 3.968   10.022  8.071   1.00 24.63 ? 124 ARG B CB  1 
ATOM   886  C  CG  . ARG A 1 124 ? 5.266   10.783  8.397   1.00 23.62 ? 124 ARG B CG  1 
ATOM   887  C  CD  . ARG A 1 124 ? 6.067   11.114  7.190   1.00 21.42 ? 124 ARG B CD  1 
ATOM   888  N  NE  . ARG A 1 124 ? 7.288   11.835  7.490   1.00 21.16 ? 124 ARG B NE  1 
ATOM   889  C  CZ  . ARG A 1 124 ? 8.273   12.009  6.608   1.00 22.24 ? 124 ARG B CZ  1 
ATOM   890  N  NH1 . ARG A 1 124 ? 8.184   11.476  5.397   1.00 22.90 ? 124 ARG B NH1 1 
ATOM   891  N  NH2 . ARG A 1 124 ? 9.372   12.690  6.933   1.00 23.16 ? 124 ARG B NH2 1 
ATOM   892  N  N   . ILE A 1 125 ? 0.622   10.099  7.642   1.00 25.08 ? 125 ILE B N   1 
ATOM   893  C  CA  . ILE A 1 125 ? -0.583  9.310   7.451   1.00 24.77 ? 125 ILE B CA  1 
ATOM   894  C  C   . ILE A 1 125 ? -0.908  9.183   5.962   1.00 25.22 ? 125 ILE B C   1 
ATOM   895  O  O   . ILE A 1 125 ? -1.037  8.071   5.426   1.00 24.22 ? 125 ILE B O   1 
ATOM   896  C  CB  . ILE A 1 125 ? -1.786  9.936   8.189   1.00 24.95 ? 125 ILE B CB  1 
ATOM   897  C  CG1 . ILE A 1 125 ? -1.489  10.203  9.677   1.00 24.79 ? 125 ILE B CG1 1 
ATOM   898  C  CG2 . ILE A 1 125 ? -3.030  9.048   8.041   1.00 24.31 ? 125 ILE B CG2 1 
ATOM   899  C  CD1 . ILE A 1 125 ? -1.094  9.036   10.445  1.00 24.21 ? 125 ILE B CD1 1 
ATOM   900  N  N   . LYS A 1 126 ? -1.011  10.326  5.289   1.00 25.79 ? 126 LYS B N   1 
ATOM   901  C  CA  . LYS A 1 126 ? -1.378  10.348  3.874   1.00 26.55 ? 126 LYS B CA  1 
ATOM   902  C  C   . LYS A 1 126 ? -0.251  9.827   2.956   1.00 26.39 ? 126 LYS B C   1 
ATOM   903  O  O   . LYS A 1 126 ? -0.522  9.359   1.849   1.00 26.50 ? 126 LYS B O   1 
ATOM   904  C  CB  . LYS A 1 126 ? -1.846  11.752  3.462   1.00 27.12 ? 126 LYS B CB  1 
ATOM   905  C  CG  . LYS A 1 126 ? -2.698  11.839  2.182   1.00 28.89 ? 126 LYS B CG  1 
ATOM   906  C  CD  . LYS A 1 126 ? -4.110  11.240  2.364   1.00 31.25 ? 126 LYS B CD  1 
ATOM   907  C  CE  . LYS A 1 126 ? -5.191  12.325  2.361   1.00 33.05 ? 126 LYS B CE  1 
ATOM   908  N  NZ  . LYS A 1 126 ? -5.307  12.974  3.707   1.00 35.63 ? 126 LYS B NZ  1 
ATOM   909  N  N   . CYS A 1 127 ? 0.999   9.887   3.407   1.00 26.21 ? 127 CYS B N   1 
ATOM   910  C  CA  . CYS A 1 127 ? 2.094   9.239   2.676   1.00 26.68 ? 127 CYS B CA  1 
ATOM   911  C  C   . CYS A 1 127 ? 1.805   7.718   2.595   1.00 25.76 ? 127 CYS B C   1 
ATOM   912  O  O   . CYS A 1 127 ? 1.831   7.089   1.527   1.00 24.94 ? 127 CYS B O   1 
ATOM   913  C  CB  . CYS A 1 127 ? 3.447   9.504   3.363   1.00 26.50 ? 127 CYS B CB  1 
ATOM   914  S  SG  . CYS A 1 127 ? 3.928   11.276  3.504   1.00 32.05 ? 127 CYS B SG  1 
ATOM   915  N  N   . SER A 1 128 ? 1.467   7.157   3.742   1.00 25.28 ? 128 SER B N   1 
ATOM   916  C  CA  . SER A 1 128 ? 1.229   5.733   3.872   1.00 25.28 ? 128 SER B CA  1 
ATOM   917  C  C   . SER A 1 128 ? -0.083  5.237   3.216   1.00 24.60 ? 128 SER B C   1 
ATOM   918  O  O   . SER A 1 128 ? -0.128  4.155   2.660   1.00 24.72 ? 128 SER B O   1 
ATOM   919  C  CB  . SER A 1 128 ? 1.265   5.393   5.348   1.00 25.27 ? 128 SER B CB  1 
ATOM   920  O  OG  . SER A 1 128 ? 0.154   5.959   6.007   1.00 26.64 ? 128 SER B OG  1 
ATOM   921  N  N   . THR A 1 129 ? -1.131  6.047   3.215   1.00 24.60 ? 129 THR B N   1 
ATOM   922  C  CA  . THR A 1 129 ? -2.426  5.594   2.684   1.00 24.05 ? 129 THR B CA  1 
ATOM   923  C  C   . THR A 1 129 ? -2.567  5.728   1.170   1.00 23.82 ? 129 THR B C   1 
ATOM   924  O  O   . THR A 1 129 ? -3.423  5.077   0.585   1.00 24.83 ? 129 THR B O   1 
ATOM   925  C  CB  . THR A 1 129 ? -3.577  6.307   3.361   1.00 23.49 ? 129 THR B CB  1 
ATOM   926  O  OG1 . THR A 1 129 ? -3.451  7.707   3.147   1.00 24.21 ? 129 THR B OG1 1 
ATOM   927  C  CG2 . THR A 1 129 ? -3.529  6.128   4.879   1.00 23.00 ? 129 THR B CG2 1 
ATOM   928  N  N   . LEU A 1 130 ? -1.717  6.523   0.537   1.00 22.88 ? 130 LEU B N   1 
ATOM   929  C  CA  . LEU A 1 130 ? -1.822  6.787   -0.896  1.00 22.69 ? 130 LEU B CA  1 
ATOM   930  C  C   . LEU A 1 130 ? -2.035  5.538   -1.741  1.00 22.28 ? 130 LEU B C   1 
ATOM   931  O  O   . LEU A 1 130 ? -2.950  5.474   -2.561  1.00 22.64 ? 130 LEU B O   1 
ATOM   932  C  CB  . LEU A 1 130 ? -0.577  7.554   -1.391  1.00 22.64 ? 130 LEU B CB  1 
ATOM   933  C  CG  . LEU A 1 130 ? -0.490  7.985   -2.874  1.00 22.71 ? 130 LEU B CG  1 
ATOM   934  C  CD1 . LEU A 1 130 ? -1.756  8.571   -3.431  1.00 20.09 ? 130 LEU B CD1 1 
ATOM   935  C  CD2 . LEU A 1 130 ? 0.635   8.989   -3.046  1.00 23.55 ? 130 LEU B CD2 1 
ATOM   936  N  N   . ALA A 1 131 ? -1.189  4.542   -1.547  1.00 22.49 ? 131 ALA B N   1 
ATOM   937  C  CA  . ALA A 1 131 ? -1.285  3.300   -2.311  1.00 22.64 ? 131 ALA B CA  1 
ATOM   938  C  C   . ALA A 1 131 ? -2.623  2.606   -2.065  1.00 23.00 ? 131 ALA B C   1 
ATOM   939  O  O   . ALA A 1 131 ? -3.283  2.127   -3.003  1.00 23.08 ? 131 ALA B O   1 
ATOM   940  C  CB  . ALA A 1 131 ? -0.178  2.395   -1.951  1.00 22.64 ? 131 ALA B CB  1 
ATOM   941  N  N   . TRP A 1 132 ? -3.019  2.566   -0.800  1.00 22.66 ? 132 TRP B N   1 
ATOM   942  C  CA  . TRP A 1 132 ? -4.259  1.920   -0.435  1.00 22.96 ? 132 TRP B CA  1 
ATOM   943  C  C   . TRP A 1 132 ? -5.447  2.555   -1.145  1.00 22.60 ? 132 TRP B C   1 
ATOM   944  O  O   . TRP A 1 132 ? -6.326  1.850   -1.601  1.00 22.62 ? 132 TRP B O   1 
ATOM   945  C  CB  . TRP A 1 132 ? -4.431  1.937   1.083   1.00 23.15 ? 132 TRP B CB  1 
ATOM   946  C  CG  . TRP A 1 132 ? -3.445  1.058   1.743   1.00 23.72 ? 132 TRP B CG  1 
ATOM   947  C  CD1 . TRP A 1 132 ? -2.244  1.433   2.282   1.00 23.83 ? 132 TRP B CD1 1 
ATOM   948  C  CD2 . TRP A 1 132 ? -3.525  -0.361  1.881   1.00 23.40 ? 132 TRP B CD2 1 
ATOM   949  N  NE1 . TRP A 1 132 ? -1.583  0.332   2.756   1.00 24.55 ? 132 TRP B NE1 1 
ATOM   950  C  CE2 . TRP A 1 132 ? -2.355  -0.782  2.544   1.00 23.23 ? 132 TRP B CE2 1 
ATOM   951  C  CE3 . TRP A 1 132 ? -4.480  -1.327  1.523   1.00 22.51 ? 132 TRP B CE3 1 
ATOM   952  C  CZ2 . TRP A 1 132 ? -2.109  -2.120  2.853   1.00 22.17 ? 132 TRP B CZ2 1 
ATOM   953  C  CZ3 . TRP A 1 132 ? -4.229  -2.661  1.822   1.00 21.57 ? 132 TRP B CZ3 1 
ATOM   954  C  CH2 . TRP A 1 132 ? -3.062  -3.041  2.486   1.00 22.17 ? 132 TRP B CH2 1 
ATOM   955  N  N   . ASN A 1 133 ? -5.429  3.875   -1.287  1.00 22.58 ? 133 ASN B N   1 
ATOM   956  C  CA  . ASN A 1 133 ? -6.527  4.609   -1.926  1.00 22.63 ? 133 ASN B CA  1 
ATOM   957  C  C   . ASN A 1 133 ? -6.501  4.475   -3.436  1.00 22.47 ? 133 ASN B C   1 
ATOM   958  O  O   . ASN A 1 133 ? -7.535  4.556   -4.079  1.00 22.25 ? 133 ASN B O   1 
ATOM   959  C  CB  . ASN A 1 133 ? -6.504  6.079   -1.497  1.00 22.33 ? 133 ASN B CB  1 
ATOM   960  C  CG  . ASN A 1 133 ? -6.647  6.245   0.020   1.00 22.60 ? 133 ASN B CG  1 
ATOM   961  O  OD1 . ASN A 1 133 ? -6.597  7.355   0.538   1.00 21.32 ? 133 ASN B OD1 1 
ATOM   962  N  ND2 . ASN A 1 133 ? -6.772  5.124   0.738   1.00 21.92 ? 133 ASN B ND2 1 
ATOM   963  N  N   . ALA A 1 134 ? -5.325  4.247   -4.007  1.00 23.00 ? 134 ALA B N   1 
ATOM   964  C  CA  . ALA A 1 134 ? -5.226  3.982   -5.446  1.00 23.25 ? 134 ALA B CA  1 
ATOM   965  C  C   . ALA A 1 134 ? -5.755  2.583   -5.708  1.00 23.47 ? 134 ALA B C   1 
ATOM   966  O  O   . ALA A 1 134 ? -6.221  2.279   -6.804  1.00 23.47 ? 134 ALA B O   1 
ATOM   967  C  CB  . ALA A 1 134 ? -3.788  4.124   -5.949  1.00 23.02 ? 134 ALA B CB  1 
ATOM   968  N  N   . LEU A 1 135 ? -5.679  1.737   -4.690  1.00 23.98 ? 135 LEU B N   1 
ATOM   969  C  CA  . LEU A 1 135 ? -6.266  0.422   -4.761  1.00 24.25 ? 135 LEU B CA  1 
ATOM   970  C  C   . LEU A 1 135 ? -7.777  0.544   -4.699  1.00 24.76 ? 135 LEU B C   1 
ATOM   971  O  O   . LEU A 1 135 ? -8.467  -0.028  -5.533  1.00 24.98 ? 135 LEU B O   1 
ATOM   972  C  CB  . LEU A 1 135 ? -5.764  -0.465  -3.619  1.00 24.15 ? 135 LEU B CB  1 
ATOM   973  C  CG  . LEU A 1 135 ? -6.315  -1.887  -3.622  1.00 24.00 ? 135 LEU B CG  1 
ATOM   974  C  CD1 . LEU A 1 135 ? -6.093  -2.541  -4.966  1.00 24.38 ? 135 LEU B CD1 1 
ATOM   975  C  CD2 . LEU A 1 135 ? -5.652  -2.698  -2.536  1.00 25.54 ? 135 LEU B CD2 1 
ATOM   976  N  N   . LYS A 1 136 ? -8.290  1.278   -3.711  1.00 25.25 ? 136 LYS B N   1 
ATOM   977  C  CA  . LYS A 1 136 ? -9.739  1.461   -3.554  1.00 25.87 ? 136 LYS B CA  1 
ATOM   978  C  C   . LYS A 1 136 ? -10.386 1.873   -4.881  1.00 26.00 ? 136 LYS B C   1 
ATOM   979  O  O   . LYS A 1 136 ? -11.437 1.355   -5.275  1.00 25.62 ? 136 LYS B O   1 
ATOM   980  C  CB  . LYS A 1 136 ? -10.031 2.530   -2.503  1.00 26.09 ? 136 LYS B CB  1 
ATOM   981  C  CG  . LYS A 1 136 ? -9.817  2.084   -1.042  1.00 26.72 ? 136 LYS B CG  1 
ATOM   982  C  CD  . LYS A 1 136 ? -10.537 3.076   -0.146  1.00 27.37 ? 136 LYS B CD  1 
ATOM   983  C  CE  . LYS A 1 136 ? -10.165 2.973   1.301   1.00 27.44 ? 136 LYS B CE  1 
ATOM   984  N  NZ  . LYS A 1 136 ? -10.578 4.257   1.954   1.00 28.14 ? 136 LYS B NZ  1 
ATOM   985  N  N   . GLU A 1 137 ? -9.721  2.792   -5.579  1.00 26.46 ? 137 GLU B N   1 
ATOM   986  C  CA  . GLU A 1 137 ? -10.214 3.292   -6.849  1.00 26.64 ? 137 GLU B CA  1 
ATOM   987  C  C   . GLU A 1 137 ? -10.160 2.216   -7.930  1.00 26.25 ? 137 GLU B C   1 
ATOM   988  O  O   . GLU A 1 137 ? -11.113 2.071   -8.716  1.00 26.29 ? 137 GLU B O   1 
ATOM   989  C  CB  . GLU A 1 137 ? -9.419  4.517   -7.289  1.00 27.30 ? 137 GLU B CB  1 
ATOM   990  C  CG  . GLU A 1 137 ? -10.031 5.842   -6.849  1.00 29.85 ? 137 GLU B CG  1 
ATOM   991  C  CD  . GLU A 1 137 ? -9.681  6.195   -5.410  1.00 32.54 ? 137 GLU B CD  1 
ATOM   992  O  OE1 . GLU A 1 137 ? -9.870  5.334   -4.504  1.00 32.22 ? 137 GLU B OE1 1 
ATOM   993  O  OE2 . GLU A 1 137 ? -9.214  7.346   -5.202  1.00 35.45 ? 137 GLU B OE2 1 
ATOM   994  N  N   . ALA A 1 138 ? -9.052  1.473   -7.966  1.00 25.43 ? 138 ALA B N   1 
ATOM   995  C  CA  . ALA A 1 138 ? -8.855  0.401   -8.952  1.00 25.31 ? 138 ALA B CA  1 
ATOM   996  C  C   . ALA A 1 138 ? -9.933  -0.690  -8.886  1.00 25.30 ? 138 ALA B C   1 
ATOM   997  O  O   . ALA A 1 138 ? -10.472 -1.129  -9.902  1.00 25.18 ? 138 ALA B O   1 
ATOM   998  C  CB  . ALA A 1 138 ? -7.480  -0.213  -8.800  1.00 24.98 ? 138 ALA B CB  1 
ATOM   999  N  N   . ILE A 1 139 ? -10.238 -1.122  -7.678  1.00 25.56 ? 139 ILE B N   1 
ATOM   1000 C  CA  . ILE A 1 139 ? -11.240 -2.152  -7.442  1.00 25.58 ? 139 ILE B CA  1 
ATOM   1001 C  C   . ILE A 1 139 ? -12.603 -1.642  -7.898  1.00 25.95 ? 139 ILE B C   1 
ATOM   1002 O  O   . ILE A 1 139 ? -13.317 -2.286  -8.700  1.00 26.19 ? 139 ILE B O   1 
ATOM   1003 C  CB  . ILE A 1 139 ? -11.241 -2.476  -5.951  1.00 25.35 ? 139 ILE B CB  1 
ATOM   1004 C  CG1 . ILE A 1 139 ? -10.028 -3.350  -5.625  1.00 25.44 ? 139 ILE B CG1 1 
ATOM   1005 C  CG2 . ILE A 1 139 ? -12.522 -3.137  -5.543  1.00 26.01 ? 139 ILE B CG2 1 
ATOM   1006 C  CD1 . ILE A 1 139 ? -9.746  -3.486  -4.163  1.00 25.99 ? 139 ILE B CD1 1 
ATOM   1007 N  N   . LYS A 1 140 ? -12.942 -0.449  -7.418  1.00 26.04 ? 140 LYS B N   1 
ATOM   1008 C  CA  . LYS A 1 140 ? -14.221 0.170   -7.732  1.00 25.96 ? 140 LYS B CA  1 
ATOM   1009 C  C   . LYS A 1 140 ? -14.298 0.589   -9.220  1.00 25.94 ? 140 LYS B C   1 
ATOM   1010 O  O   . LYS A 1 140 ? -15.266 1.211   -9.652  1.00 26.05 ? 140 LYS B O   1 
ATOM   1011 C  CB  . LYS A 1 140 ? -14.491 1.328   -6.750  1.00 25.81 ? 140 LYS B CB  1 
ATOM   1012 C  CG  . LYS A 1 140 ? -13.979 2.698   -7.159  1.00 26.63 ? 140 LYS B CG  1 
ATOM   1013 C  CD  . LYS A 1 140 ? -14.924 3.809   -6.687  1.00 27.38 ? 140 LYS B CD  1 
ATOM   1014 C  CE  . LYS A 1 140 ? -14.828 5.044   -7.565  1.00 27.07 ? 140 LYS B CE  1 
ATOM   1015 N  NZ  . LYS A 1 140 ? -15.220 4.748   -8.968  1.00 27.64 ? 140 LYS B NZ  1 
ATOM   1016 N  N   . ARG A 1 141 ? -13.267 0.201   -9.972  1.00 25.95 ? 141 ARG B N   1 
ATOM   1017 C  CA  . ARG A 1 141 ? -13.092 0.468   -11.386 1.00 26.05 ? 141 ARG B CA  1 
ATOM   1018 C  C   . ARG A 1 141 ? -13.073 1.965   -11.661 1.00 26.24 ? 141 ARG B C   1 
ATOM   1019 O  O   . ARG A 1 141 ? -14.106 2.552   -11.975 1.00 26.60 ? 141 ARG B O   1 
ATOM   1020 C  CB  . ARG A 1 141 ? -14.135 -0.273  -12.226 1.00 26.21 ? 141 ARG B CB  1 
ATOM   1021 C  CG  . ARG A 1 141 ? -13.881 -1.778  -12.298 1.00 26.22 ? 141 ARG B CG  1 
ATOM   1022 C  CD  . ARG A 1 141 ? -15.087 -2.581  -12.755 1.00 26.04 ? 141 ARG B CD  1 
ATOM   1023 N  NE  . ARG A 1 141 ? -16.164 -2.507  -11.776 1.00 26.03 ? 141 ARG B NE  1 
ATOM   1024 C  CZ  . ARG A 1 141 ? -17.375 -3.016  -11.947 1.00 26.70 ? 141 ARG B CZ  1 
ATOM   1025 N  NH1 . ARG A 1 141 ? -17.695 -3.658  -13.069 1.00 27.12 ? 141 ARG B NH1 1 
ATOM   1026 N  NH2 . ARG A 1 141 ? -18.280 -2.888  -10.984 1.00 27.15 ? 141 ARG B NH2 1 
HETATM 1027 ZN ZN  . ZN  B 2 .   ? 5.285   11.382  1.722   1.00 69.78 ? 160 ZN  B ZN  1 
HETATM 1028 O  O   . HOH C 3 .   ? -6.421  -1.595  12.429  1.00 45.91 ? 161 HOH B O   1 
HETATM 1029 O  O   . HOH C 3 .   ? 4.094   14.412  10.889  1.00 57.64 ? 162 HOH B O   1 
HETATM 1030 O  O   . HOH C 3 .   ? 5.889   1.049   13.094  1.00 57.41 ? 163 HOH B O   1 
HETATM 1031 O  O   . HOH C 3 .   ? -6.987  7.338   6.180   1.00 61.32 ? 164 HOH B O   1 
HETATM 1032 O  O   . HOH C 3 .   ? 1.529   4.611   -0.361  1.00 48.93 ? 165 HOH B O   1 
HETATM 1033 O  O   . HOH C 3 .   ? 13.185  3.044   -4.841  1.00 60.45 ? 166 HOH B O   1 
HETATM 1034 O  O   . HOH C 3 .   ? 1.272   -0.368  3.273   1.00 48.68 ? 167 HOH B O   1 
HETATM 1035 O  O   . HOH C 3 .   ? -2.065  1.671   15.384  1.00 55.61 ? 168 HOH B O   1 
HETATM 1036 O  O   . HOH C 3 .   ? -1.603  -11.541 -0.746  1.00 60.35 ? 169 HOH B O   1 
HETATM 1037 O  O   . HOH C 3 .   ? -5.689  6.453   -13.449 1.00 66.45 ? 170 HOH B O   1 
HETATM 1038 O  O   . HOH C 3 .   ? -0.916  13.143  5.810   1.00 53.79 ? 171 HOH B O   1 
HETATM 1039 O  O   . HOH C 3 .   ? -21.108 -4.394  -3.924  1.00 65.76 ? 172 HOH B O   1 
HETATM 1040 O  O   . HOH C 3 .   ? 6.591   15.264  6.866   1.00 56.04 ? 173 HOH B O   1 
HETATM 1041 O  O   . HOH C 3 .   ? 0.090   -4.696  14.583  1.00 62.31 ? 174 HOH B O   1 
HETATM 1042 O  O   . HOH C 3 .   ? 2.474   -6.213  3.125   1.00 54.20 ? 175 HOH B O   1 
HETATM 1043 O  O   . HOH C 3 .   ? -5.416  11.915  -7.030  1.00 67.19 ? 176 HOH B O   1 
HETATM 1044 O  O   . HOH C 3 .   ? 13.477  -6.225  -2.264  1.00 65.39 ? 177 HOH B O   1 
HETATM 1045 O  O   . HOH C 3 .   ? -9.001  -1.294  13.657  1.00 59.81 ? 178 HOH B O   1 
HETATM 1046 O  O   . HOH C 3 .   ? 4.213   5.003   -5.250  1.00 68.73 ? 179 HOH B O   1 
HETATM 1047 O  O   . HOH C 3 .   ? -6.849  8.150   -11.397 1.00 66.08 ? 180 HOH B O   1 
HETATM 1048 O  O   . HOH C 3 .   ? -1.136  -0.522  15.855  1.00 63.98 ? 181 HOH B O   1 
HETATM 1049 O  O   . HOH C 3 .   ? -11.860 -3.609  7.931   1.00 67.30 ? 182 HOH B O   1 
# 
